data_8SS5
#
_entry.id   8SS5
#
_cell.length_a   1.00
_cell.length_b   1.00
_cell.length_c   1.00
_cell.angle_alpha   90.00
_cell.angle_beta   90.00
_cell.angle_gamma   90.00
#
_symmetry.space_group_name_H-M   'P 1'
#
loop_
_entity.id
_entity.type
_entity.pdbx_description
1 polymer 'Glutamate receptor 2, Voltage-dependent calcium channel gamma-5 subunit chimera'
2 non-polymer 'SODIUM ION'
#
_entity_poly.entity_id   1
_entity_poly.type   'polypeptide(L)'
_entity_poly.pdbx_seq_one_letter_code
;NSIQIGGLFPRGADQEYSAFRVGMVQFSTSEFRLTPHIDNLEVANSFAVTNAFCSQFSRGVYAIFGFYDKKSVNTITSFC
GTLHVSFITPSFPTDGTHPFVIQMRPDLKGALLSLIEYYQWDKFAYLYDSDRGLSTLQAVLDSAAEKKWQVTAINVGNIN
NDKKDETYRSLFQDLELKKERRVILDCERDKVNDIVDQVITIGKHVKGYHYIIANLGFTDGDLLKIQFGGAEVSGFQIVD
YDDSLVSKFIERWSTLEEKEYPGAHTATIKYTSALTYDAVQVMTEAFRNLRKQRIEISRRGNAGDCLANPAVPWGQGVEI
ERALKQVQVEGLSGNIKFDQNGKRINYTINIMELKTNGPRKIGYWSEVDKMVLTEDDTSGLEQKTVVVTTILESPYVMMK
KNHEMLEGNERYEGYCVDLAAEIAKHCGFKYKLTIVGDGKYGARDADTKIWNGMVGELVYGKADIAIAPLTITLVREEVI
DFSKPFMSLGISIMIKKPQKSKPGVFSFLDPLAYEIWMCIVFAYIGVSVVLFLVSRFSPYEWHTEEFEDGRETQSSESTN
EFGIFNSLWFSLGAFMQQGCDISPRSLSGRIVGGVWWFFTLIIISSYTANLAAFLTVERMVSPIESAEDLSKQTEIAYGT
LDSGSTKEFFRRSKIAVFDKMWTYMRSAEPSVFVRTTAEGVARVRKSKGKYAYLLESTMNEYIEQRKPCDTMKVGGNLDS
KGYGIATPKGSSLGTPVNLAVLKLSEQGVLDKLKNKWWYDKGECGAKDSGSKEKTSALSLSNVAGVFYILVGGLGLAMLV
ALIEFCYKSRAEAKRMKGTGSACGRKALTLLSSVFAVCGLGLLGIAVSTDYWLYLEEGIILPQNQSTEVKMSLHSGLWRV
CFLAGEERGRCFTIEYVMPMNSQMTSESTVNVLKMIRSATPFPLVSLFFMFIGFILSNIGHIRPHRTILAFVSGIFFILS
GLSLVVGLVLYISSINDEMLNRTKDAETYFNYKYGWSFAFAAISFLLTESAGVMSVYLFMKRYTAE
;
_entity_poly.pdbx_strand_id   A,B,C,D
#
# COMPACT_ATOMS: atom_id res chain seq x y z
N GLN A 383 -34.35 35.52 -51.94
CA GLN A 383 -33.89 34.22 -51.42
C GLN A 383 -34.95 33.58 -50.56
N LYS A 384 -34.93 32.25 -50.49
CA LYS A 384 -35.94 31.49 -49.74
C LYS A 384 -35.59 31.43 -48.26
N THR A 385 -36.34 30.62 -47.50
CA THR A 385 -36.10 30.45 -46.08
C THR A 385 -35.55 29.02 -45.87
N VAL A 386 -34.28 28.96 -45.53
CA VAL A 386 -33.56 27.73 -45.24
C VAL A 386 -34.18 27.07 -44.01
N VAL A 387 -34.36 25.75 -44.04
CA VAL A 387 -35.09 25.04 -43.00
C VAL A 387 -34.14 24.27 -42.10
N VAL A 388 -33.86 24.81 -40.91
CA VAL A 388 -32.99 24.16 -39.93
C VAL A 388 -33.79 23.04 -39.25
N THR A 389 -33.13 21.90 -38.92
CA THR A 389 -33.80 20.75 -38.27
C THR A 389 -32.99 20.27 -37.06
N THR A 390 -33.27 20.85 -35.89
CA THR A 390 -32.57 20.45 -34.68
C THR A 390 -33.40 19.41 -33.93
N ILE A 391 -33.06 19.11 -32.67
CA ILE A 391 -33.69 18.10 -31.85
C ILE A 391 -33.92 18.67 -30.45
N LEU A 392 -35.02 18.31 -29.80
CA LEU A 392 -35.23 18.70 -28.41
C LEU A 392 -34.31 17.95 -27.46
N GLU A 393 -33.04 18.34 -27.42
CA GLU A 393 -32.10 17.86 -26.44
C GLU A 393 -31.47 19.05 -25.73
N SER A 394 -31.47 19.00 -24.40
CA SER A 394 -30.96 20.09 -23.60
C SER A 394 -29.45 19.96 -23.45
N PRO A 395 -28.68 21.06 -23.43
CA PRO A 395 -29.12 22.45 -23.60
C PRO A 395 -29.03 22.93 -25.03
N TYR A 396 -29.08 22.02 -26.00
CA TYR A 396 -28.86 22.40 -27.39
C TYR A 396 -30.08 23.12 -27.95
N VAL A 397 -31.21 22.44 -28.01
CA VAL A 397 -32.50 23.08 -28.27
C VAL A 397 -33.51 22.58 -27.26
N MET A 398 -34.12 23.52 -26.54
CA MET A 398 -35.18 23.25 -25.59
C MET A 398 -36.16 24.39 -25.70
N MET A 399 -37.42 24.13 -25.36
CA MET A 399 -38.47 25.14 -25.48
C MET A 399 -38.22 26.29 -24.53
N LYS A 400 -38.55 27.49 -24.98
CA LYS A 400 -38.49 28.64 -24.09
C LYS A 400 -39.66 28.57 -23.12
N LYS A 401 -39.47 29.16 -21.93
CA LYS A 401 -40.47 29.07 -20.86
C LYS A 401 -41.77 29.75 -21.27
N ASN A 402 -41.68 30.85 -22.01
CA ASN A 402 -42.88 31.49 -22.54
C ASN A 402 -43.24 30.95 -23.92
N HIS A 403 -43.38 29.62 -24.05
CA HIS A 403 -43.88 29.11 -25.31
C HIS A 403 -45.40 28.98 -25.20
N GLU A 404 -46.03 28.44 -26.25
CA GLU A 404 -47.46 28.54 -26.61
C GLU A 404 -47.99 29.98 -26.56
N MET A 405 -47.11 30.96 -26.70
CA MET A 405 -47.45 32.39 -26.68
C MET A 405 -46.65 33.09 -27.78
N LEU A 406 -45.80 32.32 -28.46
CA LEU A 406 -44.89 32.86 -29.47
C LEU A 406 -45.04 32.06 -30.75
N GLU A 407 -44.16 32.29 -31.73
CA GLU A 407 -44.40 31.75 -33.07
C GLU A 407 -43.08 31.42 -33.75
N GLY A 408 -43.02 30.25 -34.39
CA GLY A 408 -41.98 29.91 -35.33
C GLY A 408 -40.61 29.61 -34.76
N ASN A 409 -39.62 30.42 -35.13
CA ASN A 409 -38.25 30.25 -34.67
C ASN A 409 -37.91 31.14 -33.49
N GLU A 410 -38.88 31.84 -32.93
CA GLU A 410 -38.63 32.61 -31.71
C GLU A 410 -39.44 31.95 -30.61
N ARG A 411 -39.46 30.62 -30.64
CA ARG A 411 -40.00 29.82 -29.55
C ARG A 411 -38.93 28.98 -28.88
N TYR A 412 -37.74 28.90 -29.47
CA TYR A 412 -36.69 27.99 -29.05
C TYR A 412 -35.53 28.79 -28.47
N GLU A 413 -34.76 28.13 -27.61
CA GLU A 413 -33.54 28.73 -27.06
C GLU A 413 -32.59 27.60 -26.73
N GLY A 414 -31.31 27.92 -26.75
CA GLY A 414 -30.29 26.93 -26.45
C GLY A 414 -29.00 27.27 -27.14
N TYR A 415 -28.14 26.25 -27.23
CA TYR A 415 -26.85 26.40 -27.88
C TYR A 415 -27.04 26.54 -29.38
N CYS A 416 -27.80 25.62 -29.97
CA CYS A 416 -27.96 25.61 -31.43
C CYS A 416 -28.87 26.73 -31.92
N VAL A 417 -29.68 27.31 -31.03
CA VAL A 417 -30.47 28.48 -31.43
C VAL A 417 -29.58 29.70 -31.51
N ASP A 418 -28.61 29.81 -30.60
CA ASP A 418 -27.63 30.89 -30.70
C ASP A 418 -26.66 30.65 -31.84
N LEU A 419 -26.35 29.38 -32.13
CA LEU A 419 -25.44 29.07 -33.21
C LEU A 419 -26.08 29.28 -34.56
N ALA A 420 -27.37 29.03 -34.68
CA ALA A 420 -28.09 29.30 -35.92
C ALA A 420 -28.11 30.79 -36.23
N ALA A 421 -28.23 31.61 -35.19
CA ALA A 421 -28.20 33.06 -35.39
C ALA A 421 -26.82 33.55 -35.80
N GLU A 422 -25.77 32.85 -35.37
CA GLU A 422 -24.41 33.24 -35.73
C GLU A 422 -24.08 32.90 -37.17
N ILE A 423 -24.32 31.66 -37.57
CA ILE A 423 -24.01 31.13 -38.91
C ILE A 423 -24.76 31.92 -39.99
N ALA A 424 -26.03 32.24 -39.72
CA ALA A 424 -26.88 32.97 -40.65
C ALA A 424 -26.36 34.37 -40.99
N LYS A 425 -25.71 35.03 -40.04
CA LYS A 425 -25.12 36.34 -40.30
C LYS A 425 -23.93 36.21 -41.24
N HIS A 426 -23.08 35.23 -41.01
CA HIS A 426 -21.92 35.00 -41.86
C HIS A 426 -22.31 34.51 -43.25
N CYS A 427 -23.09 33.44 -43.33
CA CYS A 427 -23.43 32.81 -44.59
C CYS A 427 -24.31 33.68 -45.48
N GLY A 428 -25.46 34.13 -44.96
CA GLY A 428 -26.38 34.87 -45.81
C GLY A 428 -27.82 34.38 -45.72
N PHE A 429 -28.12 33.58 -44.70
CA PHE A 429 -29.41 32.90 -44.60
C PHE A 429 -30.57 33.83 -44.31
N LYS A 430 -31.77 33.26 -44.25
CA LYS A 430 -32.85 33.78 -43.41
C LYS A 430 -33.59 32.53 -42.94
N TYR A 431 -33.17 32.02 -41.79
CA TYR A 431 -33.47 30.66 -41.39
C TYR A 431 -34.86 30.58 -40.77
N LYS A 432 -35.30 29.34 -40.54
CA LYS A 432 -36.57 29.04 -39.87
C LYS A 432 -36.49 27.65 -39.27
N LEU A 433 -36.33 27.55 -37.95
CA LEU A 433 -36.16 26.23 -37.34
C LEU A 433 -37.41 25.38 -37.39
N THR A 434 -37.23 24.08 -37.62
CA THR A 434 -38.25 23.09 -37.33
C THR A 434 -37.62 22.14 -36.32
N ILE A 435 -38.34 21.07 -36.01
CA ILE A 435 -37.88 20.05 -35.09
C ILE A 435 -38.00 18.71 -35.82
N VAL A 436 -36.97 17.87 -35.67
CA VAL A 436 -36.83 16.54 -36.26
C VAL A 436 -38.10 15.72 -36.14
N GLY A 437 -38.48 15.05 -37.24
CA GLY A 437 -39.72 14.32 -37.34
C GLY A 437 -39.99 13.26 -36.30
N ASP A 438 -39.31 12.11 -36.39
CA ASP A 438 -39.65 11.02 -35.48
C ASP A 438 -39.24 11.29 -34.05
N GLY A 439 -37.97 11.05 -33.72
CA GLY A 439 -37.33 11.68 -32.59
C GLY A 439 -35.83 11.74 -32.73
N LYS A 440 -35.31 11.05 -33.75
CA LYS A 440 -33.97 10.48 -33.67
C LYS A 440 -32.89 11.28 -34.38
N TYR A 441 -31.62 10.90 -34.19
CA TYR A 441 -30.52 11.58 -34.84
C TYR A 441 -30.41 11.12 -36.28
N GLY A 442 -30.07 9.85 -36.48
CA GLY A 442 -29.93 9.29 -37.80
C GLY A 442 -29.24 7.95 -37.74
N ALA A 443 -29.83 6.99 -38.45
CA ALA A 443 -29.28 5.64 -38.53
C ALA A 443 -29.85 4.92 -39.75
N ARG A 444 -29.35 3.73 -40.06
CA ARG A 444 -29.83 2.95 -41.19
C ARG A 444 -30.52 1.71 -40.64
N ASP A 445 -31.85 1.65 -40.80
CA ASP A 445 -32.59 0.43 -40.50
C ASP A 445 -32.16 -0.69 -41.42
N ALA A 446 -31.53 -1.73 -40.85
CA ALA A 446 -30.85 -2.78 -41.62
C ALA A 446 -31.81 -3.69 -42.40
N ASP A 447 -33.13 -3.55 -42.27
CA ASP A 447 -34.08 -4.35 -43.02
C ASP A 447 -34.56 -3.67 -44.29
N THR A 448 -34.74 -2.34 -44.25
CA THR A 448 -35.31 -1.58 -45.36
C THR A 448 -34.38 -0.52 -45.91
N LYS A 449 -33.26 -0.26 -45.24
CA LYS A 449 -32.21 0.69 -45.62
C LYS A 449 -32.73 2.11 -45.78
N ILE A 450 -33.75 2.48 -45.00
CA ILE A 450 -34.24 3.84 -44.92
C ILE A 450 -33.52 4.50 -43.75
N TRP A 451 -33.37 5.82 -43.82
CA TRP A 451 -32.77 6.57 -42.73
C TRP A 451 -33.86 7.07 -41.79
N ASN A 452 -33.49 7.64 -40.64
CA ASN A 452 -34.51 8.06 -39.67
C ASN A 452 -34.09 9.22 -38.78
N GLY A 453 -34.73 10.37 -38.94
CA GLY A 453 -34.46 11.48 -38.06
C GLY A 453 -33.87 12.69 -38.76
N MET A 454 -32.78 13.23 -38.22
CA MET A 454 -32.19 14.41 -38.84
C MET A 454 -31.42 14.03 -40.09
N VAL A 455 -30.70 12.91 -40.05
CA VAL A 455 -30.02 12.42 -41.24
C VAL A 455 -31.04 11.89 -42.23
N GLY A 456 -32.15 11.37 -41.73
CA GLY A 456 -33.27 10.95 -42.55
C GLY A 456 -33.91 12.05 -43.36
N GLU A 457 -34.07 13.21 -42.72
CA GLU A 457 -34.82 14.29 -43.34
C GLU A 457 -33.98 15.04 -44.39
N LEU A 458 -32.67 15.13 -44.17
CA LEU A 458 -31.87 15.99 -45.04
C LEU A 458 -31.40 15.26 -46.30
N VAL A 459 -31.42 13.93 -46.29
CA VAL A 459 -31.10 13.15 -47.47
C VAL A 459 -32.29 13.17 -48.44
N TYR A 460 -33.50 13.01 -47.89
CA TYR A 460 -34.67 12.64 -48.69
C TYR A 460 -35.43 13.82 -49.26
N GLY A 461 -34.74 14.94 -49.48
CA GLY A 461 -35.35 16.04 -50.21
C GLY A 461 -35.83 17.18 -49.35
N LYS A 462 -36.38 16.86 -48.19
CA LYS A 462 -36.72 17.88 -47.21
C LYS A 462 -35.46 18.47 -46.59
N ALA A 463 -35.67 19.45 -45.70
CA ALA A 463 -34.75 19.69 -44.59
C ALA A 463 -33.32 20.10 -44.94
N ASP A 464 -33.09 21.38 -45.17
CA ASP A 464 -31.74 21.90 -45.34
C ASP A 464 -30.94 21.89 -44.03
N ILE A 465 -29.99 22.83 -43.90
CA ILE A 465 -28.88 22.90 -42.93
C ILE A 465 -29.26 22.44 -41.52
N ALA A 466 -28.37 21.71 -40.87
CA ALA A 466 -28.78 20.79 -39.79
C ALA A 466 -28.00 21.05 -38.52
N ILE A 467 -28.04 22.29 -38.05
CA ILE A 467 -27.21 22.77 -36.96
C ILE A 467 -27.67 22.12 -35.66
N ALA A 468 -26.97 21.06 -35.24
CA ALA A 468 -27.54 20.10 -34.30
C ALA A 468 -26.48 19.15 -33.76
N PRO A 469 -26.71 18.47 -32.60
CA PRO A 469 -25.70 17.54 -32.08
C PRO A 469 -25.55 16.26 -32.88
N LEU A 470 -25.04 16.36 -34.09
CA LEU A 470 -24.95 15.22 -35.00
C LEU A 470 -23.50 14.75 -35.00
N THR A 471 -23.24 13.60 -34.38
CA THR A 471 -21.90 13.07 -34.22
C THR A 471 -21.29 12.65 -35.56
N ILE A 472 -20.05 13.04 -35.82
CA ILE A 472 -19.37 12.72 -37.07
C ILE A 472 -18.94 11.27 -36.99
N THR A 473 -19.63 10.41 -37.73
CA THR A 473 -19.23 9.03 -37.91
C THR A 473 -19.00 8.76 -39.39
N LEU A 474 -18.50 7.56 -39.69
CA LEU A 474 -18.23 7.20 -41.08
C LEU A 474 -19.51 6.95 -41.85
N VAL A 475 -20.50 6.32 -41.21
CA VAL A 475 -21.69 5.86 -41.93
C VAL A 475 -22.62 7.03 -42.23
N ARG A 476 -22.42 8.17 -41.56
CA ARG A 476 -23.22 9.33 -41.89
C ARG A 476 -22.59 10.13 -43.03
N GLU A 477 -21.27 10.29 -43.03
CA GLU A 477 -20.63 11.19 -43.96
C GLU A 477 -20.47 10.55 -45.35
N GLU A 478 -20.79 9.27 -45.48
CA GLU A 478 -20.86 8.66 -46.81
C GLU A 478 -22.00 9.25 -47.63
N VAL A 479 -23.09 9.66 -46.98
CA VAL A 479 -24.28 10.11 -47.68
C VAL A 479 -24.56 11.59 -47.46
N ILE A 480 -23.97 12.21 -46.43
CA ILE A 480 -24.17 13.63 -46.15
C ILE A 480 -22.80 14.31 -46.03
N ASP A 481 -22.80 15.64 -46.07
CA ASP A 481 -21.59 16.42 -45.80
C ASP A 481 -21.63 17.00 -44.39
N PHE A 482 -20.60 16.70 -43.61
CA PHE A 482 -20.37 17.32 -42.31
C PHE A 482 -19.39 18.48 -42.45
N SER A 483 -19.58 19.51 -41.64
CA SER A 483 -18.62 20.60 -41.53
C SER A 483 -17.52 20.22 -40.56
N LYS A 484 -16.59 21.15 -40.31
CA LYS A 484 -15.59 20.87 -39.30
C LYS A 484 -16.22 20.97 -37.91
N PRO A 485 -15.76 20.14 -36.94
CA PRO A 485 -16.46 20.05 -35.64
C PRO A 485 -16.49 21.34 -34.84
N PHE A 486 -17.68 21.75 -34.42
CA PHE A 486 -17.82 22.90 -33.56
C PHE A 486 -17.72 22.56 -32.09
N MET A 487 -17.58 21.29 -31.74
CA MET A 487 -17.49 20.85 -30.35
C MET A 487 -16.86 19.47 -30.34
N SER A 488 -15.95 19.26 -29.39
CA SER A 488 -15.16 18.04 -29.33
C SER A 488 -15.52 17.27 -28.07
N LEU A 489 -16.36 16.25 -28.21
CA LEU A 489 -16.81 15.44 -27.09
C LEU A 489 -15.95 14.18 -26.94
N GLY A 490 -16.37 13.28 -26.06
CA GLY A 490 -15.69 12.02 -25.83
C GLY A 490 -16.38 11.21 -24.75
N ILE A 491 -16.08 9.92 -24.66
CA ILE A 491 -16.69 9.10 -23.61
C ILE A 491 -15.96 9.37 -22.30
N SER A 492 -16.71 9.76 -21.28
CA SER A 492 -16.13 10.13 -20.00
C SER A 492 -16.86 9.44 -18.86
N ILE A 493 -16.28 9.55 -17.67
CA ILE A 493 -16.73 8.80 -16.49
C ILE A 493 -17.54 9.72 -15.60
N MET A 494 -18.73 9.27 -15.19
CA MET A 494 -19.53 9.95 -14.17
C MET A 494 -19.51 9.15 -12.88
N ILE A 495 -19.13 9.81 -11.79
CA ILE A 495 -19.20 9.22 -10.45
C ILE A 495 -19.86 10.23 -9.53
N LYS A 496 -20.52 9.74 -8.48
CA LYS A 496 -21.12 10.61 -7.47
C LYS A 496 -20.03 11.34 -6.70
N LYS A 497 -20.33 12.59 -6.29
CA LYS A 497 -19.47 13.53 -5.57
C LYS A 497 -18.88 12.86 -4.34
N PRO A 498 -17.56 13.09 -4.03
CA PRO A 498 -16.87 12.29 -3.00
C PRO A 498 -17.42 12.26 -1.58
N GLN A 499 -18.46 13.05 -1.27
CA GLN A 499 -19.40 12.86 -0.15
C GLN A 499 -18.74 12.69 1.22
N LYS A 500 -18.20 13.79 1.75
CA LYS A 500 -17.47 13.88 3.01
C LYS A 500 -18.26 13.22 4.15
N SER A 501 -17.56 12.59 5.08
CA SER A 501 -18.13 11.55 5.95
C SER A 501 -17.84 11.88 7.41
N LYS A 502 -18.25 13.08 7.84
CA LYS A 502 -17.94 13.86 9.04
C LYS A 502 -17.72 13.01 10.30
N PRO A 503 -16.57 13.15 10.96
CA PRO A 503 -16.20 12.25 12.07
C PRO A 503 -17.06 12.52 13.30
N GLY A 504 -17.40 11.43 14.01
CA GLY A 504 -18.20 11.52 15.22
C GLY A 504 -17.53 12.25 16.37
N VAL A 505 -18.30 12.50 17.43
CA VAL A 505 -17.79 13.13 18.64
C VAL A 505 -16.79 12.22 19.32
N PHE A 506 -17.23 11.00 19.65
CA PHE A 506 -16.32 10.02 20.23
C PHE A 506 -15.70 9.18 19.13
N SER A 507 -14.92 9.82 18.27
CA SER A 507 -14.25 9.14 17.17
C SER A 507 -12.84 8.69 17.52
N PHE A 508 -12.23 9.25 18.57
CA PHE A 508 -10.88 8.91 18.97
C PHE A 508 -10.81 7.47 19.49
N LEU A 509 -11.91 6.97 20.04
CA LEU A 509 -11.98 5.62 20.60
C LEU A 509 -12.46 4.60 19.58
N ASP A 510 -12.14 4.81 18.30
CA ASP A 510 -12.35 3.84 17.24
C ASP A 510 -11.30 2.72 17.10
N PRO A 511 -9.95 2.93 17.34
CA PRO A 511 -9.04 1.78 17.31
C PRO A 511 -9.34 0.70 18.33
N LEU A 512 -9.41 1.05 19.61
CA LEU A 512 -9.87 0.10 20.61
C LEU A 512 -11.39 0.09 20.65
N ALA A 513 -11.97 -1.10 20.52
CA ALA A 513 -13.41 -1.24 20.53
C ALA A 513 -13.95 -1.04 21.94
N TYR A 514 -15.27 -0.93 22.06
CA TYR A 514 -15.86 -0.53 23.34
C TYR A 514 -15.88 -1.67 24.35
N GLU A 515 -15.52 -2.89 23.91
CA GLU A 515 -15.28 -3.96 24.88
C GLU A 515 -13.98 -3.71 25.63
N ILE A 516 -13.00 -3.11 24.96
CA ILE A 516 -11.69 -2.90 25.59
C ILE A 516 -11.76 -1.71 26.53
N TRP A 517 -12.53 -0.68 26.17
CA TRP A 517 -12.58 0.53 26.99
C TRP A 517 -13.33 0.30 28.30
N MET A 518 -14.29 -0.63 28.30
CA MET A 518 -15.04 -0.87 29.52
C MET A 518 -14.30 -1.80 30.47
N CYS A 519 -13.40 -2.65 29.95
CA CYS A 519 -12.64 -3.52 30.82
C CYS A 519 -11.44 -2.80 31.42
N ILE A 520 -11.02 -1.69 30.80
CA ILE A 520 -10.03 -0.82 31.43
C ILE A 520 -10.63 -0.14 32.65
N VAL A 521 -11.89 0.30 32.55
CA VAL A 521 -12.59 0.90 33.68
C VAL A 521 -12.76 -0.13 34.80
N PHE A 522 -12.92 -1.40 34.43
CA PHE A 522 -12.91 -2.46 35.43
C PHE A 522 -11.52 -2.67 36.00
N ALA A 523 -10.49 -2.30 35.22
CA ALA A 523 -9.12 -2.59 35.65
C ALA A 523 -8.61 -1.59 36.66
N TYR A 524 -8.68 -0.29 36.36
CA TYR A 524 -8.06 0.69 37.25
C TYR A 524 -8.92 0.95 38.48
N ILE A 525 -10.20 0.57 38.43
CA ILE A 525 -10.96 0.46 39.67
C ILE A 525 -10.43 -0.70 40.49
N GLY A 526 -10.21 -1.85 39.86
CA GLY A 526 -9.84 -3.05 40.60
C GLY A 526 -8.43 -3.00 41.17
N VAL A 527 -7.49 -2.46 40.39
CA VAL A 527 -6.10 -2.36 40.85
C VAL A 527 -5.98 -1.34 41.98
N SER A 528 -6.84 -0.33 42.00
CA SER A 528 -6.91 0.60 43.12
C SER A 528 -7.35 -0.10 44.40
N VAL A 529 -8.32 -1.02 44.29
CA VAL A 529 -8.83 -1.73 45.46
C VAL A 529 -7.78 -2.69 46.01
N VAL A 530 -6.95 -3.26 45.13
CA VAL A 530 -5.89 -4.14 45.61
C VAL A 530 -4.81 -3.33 46.32
N LEU A 531 -4.50 -2.13 45.82
CA LEU A 531 -3.60 -1.25 46.56
C LEU A 531 -4.27 -0.65 47.78
N PHE A 532 -5.61 -0.60 47.79
CA PHE A 532 -6.31 -0.28 49.04
C PHE A 532 -6.10 -1.40 50.05
N LEU A 533 -6.19 -2.64 49.59
CA LEU A 533 -5.91 -3.78 50.46
C LEU A 533 -4.46 -3.80 50.91
N VAL A 534 -3.54 -4.03 49.98
CA VAL A 534 -2.25 -4.65 50.27
C VAL A 534 -1.30 -3.69 50.99
N SER A 535 -1.65 -2.41 51.07
CA SER A 535 -0.81 -1.44 51.76
C SER A 535 -1.32 -1.03 53.13
N ARG A 536 -2.61 -1.21 53.41
CA ARG A 536 -3.13 -1.09 54.76
C ARG A 536 -3.49 -2.48 55.30
N PHE A 537 -3.29 -3.52 54.49
CA PHE A 537 -3.24 -4.90 54.98
C PHE A 537 -2.24 -5.04 56.12
N SER A 538 -1.05 -4.49 55.94
CA SER A 538 0.08 -4.47 56.85
C SER A 538 1.04 -3.40 56.32
N PRO A 539 2.10 -3.03 57.05
CA PRO A 539 3.09 -2.16 56.39
C PRO A 539 3.91 -2.89 55.33
N ASN A 560 0.18 1.94 53.46
CA ASN A 560 0.19 2.87 54.59
C ASN A 560 -0.33 4.23 54.13
N GLU A 561 -0.11 4.54 52.85
CA GLU A 561 -0.54 5.80 52.27
C GLU A 561 -1.34 5.50 50.99
N PHE A 562 -2.11 4.41 51.03
CA PHE A 562 -2.77 3.94 49.83
C PHE A 562 -4.23 3.59 50.04
N GLY A 563 -5.00 4.49 50.63
CA GLY A 563 -6.45 4.40 50.55
C GLY A 563 -6.96 4.54 49.13
N ILE A 564 -8.26 4.28 48.95
CA ILE A 564 -8.94 4.33 47.66
C ILE A 564 -8.86 5.74 47.06
N PHE A 565 -8.82 6.75 47.92
CA PHE A 565 -8.54 8.13 47.53
C PHE A 565 -7.15 8.26 46.91
N ASN A 566 -6.16 7.58 47.51
CA ASN A 566 -4.79 7.60 47.01
C ASN A 566 -4.50 6.54 45.96
N SER A 567 -5.29 5.46 45.93
CA SER A 567 -4.95 4.34 45.05
C SER A 567 -5.63 4.47 43.69
N LEU A 568 -6.80 5.12 43.64
CA LEU A 568 -7.31 5.60 42.36
C LEU A 568 -6.39 6.66 41.76
N TRP A 569 -5.68 7.40 42.61
CA TRP A 569 -4.68 8.35 42.15
C TRP A 569 -3.46 7.62 41.58
N PHE A 570 -3.16 6.45 42.10
CA PHE A 570 -2.17 5.58 41.48
C PHE A 570 -2.72 5.10 40.14
N SER A 571 -4.01 4.79 40.10
CA SER A 571 -4.69 4.25 38.92
C SER A 571 -4.83 5.28 37.82
N LEU A 572 -5.48 6.41 38.13
CA LEU A 572 -5.59 7.53 37.19
C LEU A 572 -4.22 8.10 36.83
N GLY A 573 -3.27 7.99 37.75
CA GLY A 573 -1.90 8.37 37.49
C GLY A 573 -1.21 7.53 36.45
N ALA A 574 -1.10 6.23 36.73
CA ALA A 574 -0.27 5.34 35.93
C ALA A 574 -0.84 4.98 34.56
N PHE A 575 -2.18 4.93 34.44
CA PHE A 575 -2.76 4.58 33.14
C PHE A 575 -2.59 5.71 32.14
N MET A 576 -2.53 6.94 32.64
CA MET A 576 -2.39 8.08 31.77
C MET A 576 -0.93 8.49 31.67
N GLN A 577 -0.04 7.57 32.06
CA GLN A 577 1.40 7.54 31.77
C GLN A 577 2.19 8.58 32.59
N GLN A 578 1.51 9.41 33.37
CA GLN A 578 2.24 10.34 34.22
C GLN A 578 2.68 9.67 35.53
N GLY A 579 3.87 10.03 35.98
CA GLY A 579 4.48 9.49 37.18
C GLY A 579 3.65 9.67 38.44
N CYS A 580 3.40 8.56 39.14
CA CYS A 580 2.73 8.64 40.42
C CYS A 580 3.69 9.19 41.46
N ASP A 581 3.15 10.02 42.35
CA ASP A 581 3.93 10.72 43.37
C ASP A 581 4.51 9.74 44.38
N ILE A 582 3.64 9.05 45.11
CA ILE A 582 4.04 8.06 46.11
C ILE A 582 4.35 6.74 45.42
N SER A 583 4.98 5.83 46.15
CA SER A 583 5.27 4.49 45.67
C SER A 583 5.00 3.51 46.81
N PRO A 584 4.63 2.27 46.50
CA PRO A 584 4.42 1.27 47.55
C PRO A 584 5.73 0.86 48.21
N ARG A 585 5.61 0.38 49.44
CA ARG A 585 6.77 -0.18 50.14
C ARG A 585 6.32 -1.45 50.86
N SER A 586 6.31 -2.55 50.11
CA SER A 586 6.15 -3.94 50.54
C SER A 586 6.37 -4.76 49.27
N LEU A 587 6.79 -6.02 49.41
CA LEU A 587 7.10 -6.84 48.24
C LEU A 587 5.82 -7.13 47.44
N SER A 588 4.71 -7.30 48.15
CA SER A 588 3.43 -7.52 47.48
C SER A 588 2.88 -6.20 46.93
N GLY A 589 3.26 -5.09 47.53
CA GLY A 589 2.82 -3.79 47.06
C GLY A 589 3.44 -3.38 45.74
N ARG A 590 4.66 -3.85 45.49
CA ARG A 590 5.33 -3.52 44.24
C ARG A 590 4.77 -4.32 43.07
N ILE A 591 4.32 -5.55 43.31
CA ILE A 591 3.86 -6.43 42.24
C ILE A 591 2.59 -5.86 41.62
N VAL A 592 1.74 -5.23 42.43
CA VAL A 592 0.58 -4.50 41.93
C VAL A 592 1.03 -3.33 41.05
N GLY A 593 1.99 -2.54 41.54
CA GLY A 593 2.56 -1.48 40.72
C GLY A 593 3.42 -2.01 39.59
N GLY A 594 3.88 -3.26 39.71
CA GLY A 594 4.70 -3.83 38.66
C GLY A 594 3.90 -4.25 37.44
N VAL A 595 2.81 -5.00 37.63
CA VAL A 595 2.11 -5.57 36.49
C VAL A 595 1.12 -4.56 35.92
N TRP A 596 0.70 -3.57 36.72
CA TRP A 596 -0.15 -2.52 36.19
C TRP A 596 0.62 -1.60 35.26
N TRP A 597 1.92 -1.39 35.52
CA TRP A 597 2.73 -0.58 34.62
C TRP A 597 3.07 -1.36 33.36
N PHE A 598 2.79 -2.67 33.34
CA PHE A 598 2.88 -3.45 32.11
C PHE A 598 1.54 -3.44 31.38
N PHE A 599 0.43 -3.19 32.09
CA PHE A 599 -0.86 -3.10 31.45
C PHE A 599 -0.95 -1.86 30.57
N THR A 600 -0.43 -0.74 31.06
CA THR A 600 -0.57 0.52 30.35
C THR A 600 0.34 0.54 29.13
N LEU A 601 1.46 -0.15 29.21
CA LEU A 601 2.47 -0.06 28.15
C LEU A 601 2.04 -0.86 26.93
N ILE A 602 1.11 -1.80 27.10
CA ILE A 602 0.62 -2.57 25.97
C ILE A 602 -0.61 -1.91 25.35
N ILE A 603 -1.51 -1.39 26.19
CA ILE A 603 -2.74 -0.78 25.70
C ILE A 603 -2.45 0.50 24.94
N ILE A 604 -1.54 1.34 25.46
CA ILE A 604 -1.13 2.55 24.75
C ILE A 604 -0.39 2.19 23.47
N SER A 605 0.44 1.15 23.50
CA SER A 605 1.12 0.75 22.28
C SER A 605 0.20 -0.05 21.35
N SER A 606 -0.98 -0.42 21.82
CA SER A 606 -1.98 -1.00 20.92
C SER A 606 -2.90 0.08 20.37
N TYR A 607 -3.08 1.16 21.12
CA TYR A 607 -3.93 2.26 20.65
C TYR A 607 -3.22 3.08 19.59
N THR A 608 -1.94 3.41 19.82
CA THR A 608 -1.17 4.20 18.88
C THR A 608 -0.93 3.42 17.59
N ALA A 609 -0.67 2.13 17.71
CA ALA A 609 -0.33 1.33 16.54
C ALA A 609 -1.56 1.05 15.67
N ASN A 610 -2.74 0.96 16.29
CA ASN A 610 -3.94 0.72 15.51
C ASN A 610 -4.48 2.01 14.92
N LEU A 611 -4.27 3.14 15.60
CA LEU A 611 -4.64 4.43 15.02
C LEU A 611 -3.76 4.75 13.81
N ALA A 612 -2.53 4.26 13.81
CA ALA A 612 -1.69 4.39 12.62
C ALA A 612 -2.08 3.38 11.56
N ALA A 613 -2.89 2.38 11.92
CA ALA A 613 -3.43 1.47 10.91
C ALA A 613 -4.65 2.08 10.22
N PHE A 614 -5.42 2.90 10.95
CA PHE A 614 -6.54 3.59 10.35
C PHE A 614 -6.08 4.70 9.40
N LEU A 615 -5.15 5.53 9.87
CA LEU A 615 -4.81 6.74 9.12
C LEU A 615 -3.96 6.44 7.90
N THR A 616 -3.27 5.31 7.89
CA THR A 616 -2.42 4.97 6.75
C THR A 616 -3.24 4.40 5.60
N VAL A 617 -4.13 3.45 5.91
CA VAL A 617 -4.98 2.83 4.89
C VAL A 617 -5.95 3.85 4.31
N GLU A 618 -6.36 4.83 5.12
CA GLU A 618 -7.20 5.92 4.64
C GLU A 618 -6.46 6.78 3.61
N ARG A 619 -5.16 6.99 3.82
CA ARG A 619 -4.36 7.68 2.81
C ARG A 619 -4.04 6.76 1.64
N MET A 620 -3.95 5.46 1.90
CA MET A 620 -3.53 4.50 0.89
C MET A 620 -4.59 4.26 -0.18
N VAL A 621 -5.86 4.56 0.10
CA VAL A 621 -6.93 4.42 -0.89
C VAL A 621 -6.82 5.62 -1.82
N SER A 622 -7.44 5.53 -3.00
CA SER A 622 -7.32 6.61 -3.97
C SER A 622 -8.62 6.82 -4.73
N PRO A 623 -9.06 8.06 -4.92
CA PRO A 623 -10.27 8.31 -5.69
C PRO A 623 -10.05 8.09 -7.18
N ILE A 624 -11.11 7.73 -7.90
CA ILE A 624 -11.06 7.47 -9.34
C ILE A 624 -10.67 8.74 -10.10
N GLU A 625 -9.63 8.65 -10.91
CA GLU A 625 -9.12 9.79 -11.64
C GLU A 625 -8.82 9.39 -13.09
N SER A 626 -9.13 8.14 -13.46
CA SER A 626 -8.92 7.60 -14.80
C SER A 626 -9.68 6.29 -14.91
N ALA A 627 -9.90 5.85 -16.16
CA ALA A 627 -10.47 4.52 -16.38
C ALA A 627 -9.42 3.44 -16.19
N GLU A 628 -8.14 3.80 -16.29
CA GLU A 628 -7.07 2.91 -15.84
C GLU A 628 -7.20 2.61 -14.35
N ASP A 629 -7.60 3.62 -13.56
CA ASP A 629 -7.89 3.39 -12.16
C ASP A 629 -9.17 2.57 -11.98
N LEU A 630 -10.15 2.77 -12.87
CA LEU A 630 -11.35 1.95 -12.82
C LEU A 630 -11.10 0.51 -13.22
N SER A 631 -10.02 0.24 -13.98
CA SER A 631 -9.80 -1.09 -14.52
C SER A 631 -9.38 -2.08 -13.44
N LYS A 632 -8.55 -1.64 -12.50
CA LYS A 632 -8.18 -2.48 -11.37
C LYS A 632 -9.34 -2.70 -10.41
N GLN A 633 -10.10 -1.62 -10.15
CA GLN A 633 -11.20 -1.65 -9.19
C GLN A 633 -12.31 -2.62 -9.56
N THR A 634 -12.92 -3.25 -8.54
CA THR A 634 -14.04 -4.17 -8.80
C THR A 634 -15.21 -3.86 -7.87
N GLU A 635 -15.05 -2.90 -6.96
CA GLU A 635 -16.13 -2.51 -6.06
C GLU A 635 -16.97 -1.36 -6.59
N ILE A 636 -16.49 -0.65 -7.61
CA ILE A 636 -17.30 0.31 -8.37
C ILE A 636 -17.59 -0.32 -9.72
N ALA A 637 -18.87 -0.61 -9.98
CA ALA A 637 -19.26 -1.25 -11.23
C ALA A 637 -19.49 -0.21 -12.31
N TYR A 638 -19.27 -0.60 -13.57
CA TYR A 638 -19.42 0.33 -14.68
C TYR A 638 -20.87 0.45 -15.10
N GLY A 639 -21.11 1.19 -16.17
CA GLY A 639 -22.42 1.22 -16.79
C GLY A 639 -22.39 2.01 -18.07
N THR A 640 -23.13 1.52 -19.06
CA THR A 640 -23.23 2.14 -20.38
C THR A 640 -24.67 2.14 -20.85
N LEU A 641 -25.01 3.02 -21.80
CA LEU A 641 -26.31 2.94 -22.45
C LEU A 641 -26.29 1.75 -23.39
N ASP A 642 -27.42 1.06 -23.53
CA ASP A 642 -27.48 -0.14 -24.36
C ASP A 642 -28.47 0.08 -25.49
N SER A 643 -28.11 0.94 -26.44
CA SER A 643 -28.56 0.87 -27.83
C SER A 643 -27.57 1.57 -28.74
N GLY A 644 -26.47 2.08 -28.18
CA GLY A 644 -25.81 3.23 -28.73
C GLY A 644 -24.30 3.17 -28.72
N SER A 645 -23.70 4.25 -29.23
CA SER A 645 -22.29 4.39 -29.55
C SER A 645 -21.35 4.22 -28.37
N THR A 646 -21.84 4.41 -27.14
CA THR A 646 -21.02 4.20 -25.96
C THR A 646 -20.68 2.71 -25.81
N LYS A 647 -21.70 1.85 -25.97
CA LYS A 647 -21.47 0.41 -25.99
C LYS A 647 -20.69 -0.01 -27.22
N GLU A 648 -20.94 0.64 -28.36
CA GLU A 648 -20.31 0.25 -29.63
C GLU A 648 -18.80 0.47 -29.60
N PHE A 649 -18.34 1.41 -28.78
CA PHE A 649 -16.92 1.70 -28.67
C PHE A 649 -16.14 0.59 -27.96
N PHE A 650 -16.69 0.06 -26.87
CA PHE A 650 -15.93 -0.89 -26.06
C PHE A 650 -15.77 -2.26 -26.70
N ARG A 651 -16.72 -2.66 -27.55
CA ARG A 651 -16.64 -3.96 -28.21
C ARG A 651 -15.46 -4.05 -29.17
N ARG A 652 -15.45 -3.19 -30.19
CA ARG A 652 -14.45 -3.28 -31.25
C ARG A 652 -13.14 -2.58 -30.89
N SER A 653 -13.00 -2.10 -29.66
CA SER A 653 -11.74 -1.53 -29.23
C SER A 653 -10.69 -2.63 -29.05
N LYS A 654 -9.43 -2.26 -29.23
CA LYS A 654 -8.33 -3.21 -29.14
C LYS A 654 -7.29 -2.75 -28.12
N ILE A 655 -7.51 -1.58 -27.52
CA ILE A 655 -6.62 -1.09 -26.49
C ILE A 655 -6.81 -1.96 -25.25
N ALA A 656 -5.69 -2.29 -24.58
CA ALA A 656 -5.66 -3.32 -23.55
C ALA A 656 -6.50 -2.96 -22.33
N VAL A 657 -6.62 -1.66 -22.03
CA VAL A 657 -7.47 -1.23 -20.94
C VAL A 657 -8.94 -1.45 -21.28
N PHE A 658 -9.33 -1.09 -22.50
CA PHE A 658 -10.73 -1.24 -22.91
C PHE A 658 -11.08 -2.70 -23.18
N ASP A 659 -10.06 -3.54 -23.40
CA ASP A 659 -10.26 -4.98 -23.43
C ASP A 659 -10.71 -5.49 -22.08
N LYS A 660 -10.08 -4.99 -21.00
CA LYS A 660 -10.44 -5.43 -19.66
C LYS A 660 -11.73 -4.77 -19.19
N MET A 661 -12.03 -3.56 -19.67
CA MET A 661 -13.22 -2.86 -19.21
C MET A 661 -14.49 -3.46 -19.80
N TRP A 662 -14.44 -3.89 -21.06
CA TRP A 662 -15.59 -4.51 -21.69
C TRP A 662 -15.83 -5.91 -21.13
N THR A 663 -14.74 -6.61 -20.81
CA THR A 663 -14.76 -7.96 -20.24
C THR A 663 -15.56 -8.03 -18.95
N TYR A 664 -15.34 -7.07 -18.05
CA TYR A 664 -16.12 -6.95 -16.82
C TYR A 664 -17.60 -6.67 -17.12
N MET A 665 -17.87 -5.71 -18.00
CA MET A 665 -19.24 -5.30 -18.31
C MET A 665 -20.03 -6.41 -19.00
N ARG A 666 -19.37 -7.16 -19.88
CA ARG A 666 -19.98 -8.26 -20.61
C ARG A 666 -20.45 -9.37 -19.68
N SER A 667 -19.62 -9.72 -18.70
CA SER A 667 -19.91 -10.80 -17.76
C SER A 667 -19.93 -10.24 -16.35
N ALA A 668 -21.12 -9.82 -15.91
CA ALA A 668 -21.33 -9.36 -14.54
C ALA A 668 -22.79 -9.57 -14.19
N GLU A 669 -23.16 -9.25 -12.94
CA GLU A 669 -24.55 -9.36 -12.52
C GLU A 669 -24.81 -8.29 -11.46
N PRO A 670 -25.98 -7.65 -11.45
CA PRO A 670 -27.05 -7.70 -12.47
C PRO A 670 -26.73 -6.86 -13.71
N SER A 671 -27.75 -6.51 -14.48
CA SER A 671 -27.58 -5.81 -15.75
C SER A 671 -27.07 -4.39 -15.51
N VAL A 672 -25.84 -4.11 -15.95
CA VAL A 672 -25.30 -2.76 -15.90
C VAL A 672 -25.51 -2.01 -17.20
N PHE A 673 -26.14 -2.62 -18.20
CA PHE A 673 -26.36 -2.00 -19.50
C PHE A 673 -27.69 -1.26 -19.45
N VAL A 674 -27.63 -0.02 -18.99
CA VAL A 674 -28.79 0.80 -18.68
C VAL A 674 -29.43 1.26 -19.99
N ARG A 675 -30.73 1.56 -19.96
CA ARG A 675 -31.40 2.25 -21.06
C ARG A 675 -31.82 3.60 -20.50
N THR A 676 -32.01 4.59 -21.39
CA THR A 676 -32.64 5.87 -21.06
C THR A 676 -31.89 6.66 -20.00
N THR A 677 -30.82 7.37 -20.42
CA THR A 677 -29.74 8.02 -19.65
C THR A 677 -30.14 8.60 -18.29
N ALA A 678 -31.34 9.17 -18.19
CA ALA A 678 -31.93 9.62 -16.93
C ALA A 678 -31.99 8.51 -15.87
N GLU A 679 -32.15 7.26 -16.30
CA GLU A 679 -32.00 6.13 -15.39
C GLU A 679 -30.55 5.95 -14.95
N GLY A 680 -29.62 6.08 -15.92
CA GLY A 680 -28.20 5.93 -15.64
C GLY A 680 -27.65 6.99 -14.71
N VAL A 681 -28.17 8.21 -14.84
CA VAL A 681 -27.82 9.27 -13.89
C VAL A 681 -28.36 8.93 -12.51
N ALA A 682 -29.56 8.36 -12.45
CA ALA A 682 -30.18 7.98 -11.18
C ALA A 682 -29.43 6.83 -10.52
N ARG A 683 -28.90 5.91 -11.33
CA ARG A 683 -28.16 4.78 -10.76
C ARG A 683 -26.79 5.19 -10.23
N VAL A 684 -26.33 6.39 -10.60
CA VAL A 684 -25.16 6.95 -9.95
C VAL A 684 -25.50 7.51 -8.57
N ARG A 685 -26.67 8.12 -8.43
CA ARG A 685 -27.00 8.91 -7.25
C ARG A 685 -27.46 8.08 -6.06
N LYS A 686 -28.22 7.01 -6.26
CA LYS A 686 -28.75 6.21 -5.15
C LYS A 686 -27.97 4.90 -5.04
N SER A 687 -26.69 4.95 -5.45
CA SER A 687 -25.81 3.80 -5.33
C SER A 687 -24.44 4.23 -4.84
N LYS A 688 -24.41 4.97 -3.74
CA LYS A 688 -23.31 5.79 -3.23
C LYS A 688 -21.94 5.12 -3.24
N GLY A 689 -21.03 5.68 -4.06
CA GLY A 689 -19.68 5.16 -4.24
C GLY A 689 -19.57 3.71 -4.66
N LYS A 690 -20.51 3.26 -5.49
CA LYS A 690 -20.54 1.87 -5.93
C LYS A 690 -20.75 1.74 -7.44
N TYR A 691 -21.08 2.85 -8.10
CA TYR A 691 -21.50 2.80 -9.49
C TYR A 691 -20.82 3.92 -10.27
N ALA A 692 -20.61 3.68 -11.56
CA ALA A 692 -20.00 4.66 -12.46
C ALA A 692 -20.56 4.54 -13.87
N TYR A 693 -21.36 5.53 -14.28
CA TYR A 693 -21.96 5.49 -15.62
C TYR A 693 -21.12 6.30 -16.59
N LEU A 694 -21.13 5.88 -17.86
CA LEU A 694 -20.21 6.36 -18.89
C LEU A 694 -20.96 7.20 -19.91
N LEU A 695 -20.93 8.52 -19.75
CA LEU A 695 -21.65 9.42 -20.64
C LEU A 695 -20.83 9.74 -21.88
N GLU A 696 -21.31 10.72 -22.64
CA GLU A 696 -20.52 11.45 -23.63
C GLU A 696 -20.26 12.82 -23.03
N SER A 697 -18.99 13.27 -23.08
CA SER A 697 -18.44 14.37 -22.28
C SER A 697 -19.24 15.67 -22.24
N THR A 698 -20.03 15.95 -23.28
CA THR A 698 -20.83 17.17 -23.25
C THR A 698 -22.12 16.96 -22.47
N MET A 699 -22.44 15.72 -22.11
CA MET A 699 -23.61 15.50 -21.28
C MET A 699 -23.27 15.62 -19.79
N ASN A 700 -22.21 14.95 -19.34
CA ASN A 700 -21.94 14.91 -17.91
C ASN A 700 -21.24 16.18 -17.42
N GLU A 701 -20.85 17.06 -18.34
CA GLU A 701 -20.47 18.41 -17.95
C GLU A 701 -21.70 19.29 -17.81
N TYR A 702 -22.80 18.91 -18.46
CA TYR A 702 -24.06 19.62 -18.27
C TYR A 702 -24.77 19.17 -17.00
N ILE A 703 -24.76 17.86 -16.73
CA ILE A 703 -25.41 17.29 -15.54
C ILE A 703 -24.74 17.82 -14.27
N GLU A 704 -23.41 17.90 -14.29
CA GLU A 704 -22.61 18.44 -13.20
C GLU A 704 -22.99 19.87 -12.84
N GLN A 705 -23.16 20.73 -13.85
CA GLN A 705 -23.61 22.10 -13.61
C GLN A 705 -25.13 22.21 -13.76
N ARG A 706 -25.85 21.50 -12.89
CA ARG A 706 -27.32 21.42 -12.96
C ARG A 706 -27.78 21.08 -11.55
N LYS A 707 -29.10 21.06 -11.31
CA LYS A 707 -29.85 20.80 -10.08
C LYS A 707 -29.32 19.56 -9.35
N PRO A 708 -29.56 19.40 -8.02
CA PRO A 708 -28.45 19.28 -7.05
C PRO A 708 -27.18 18.60 -7.52
N CYS A 709 -26.04 19.26 -7.28
CA CYS A 709 -24.77 18.95 -7.91
C CYS A 709 -24.21 17.65 -7.36
N ASP A 710 -24.85 16.54 -7.70
CA ASP A 710 -24.60 15.27 -7.03
C ASP A 710 -23.59 14.42 -7.76
N THR A 711 -23.46 14.58 -9.07
CA THR A 711 -22.54 13.79 -9.88
C THR A 711 -21.39 14.67 -10.34
N MET A 712 -20.31 14.03 -10.79
CA MET A 712 -19.11 14.76 -11.14
C MET A 712 -18.33 13.98 -12.20
N LYS A 713 -17.76 14.71 -13.15
CA LYS A 713 -16.89 14.15 -14.18
C LYS A 713 -15.48 13.98 -13.64
N VAL A 714 -14.91 12.79 -13.83
CA VAL A 714 -13.52 12.52 -13.48
C VAL A 714 -12.82 11.94 -14.71
N GLY A 715 -11.51 12.17 -14.80
CA GLY A 715 -10.69 11.54 -15.81
C GLY A 715 -10.58 12.39 -17.05
N GLY A 716 -10.15 11.74 -18.14
CA GLY A 716 -10.05 12.38 -19.43
C GLY A 716 -10.94 11.67 -20.44
N ASN A 717 -11.10 12.28 -21.61
CA ASN A 717 -11.82 11.66 -22.72
C ASN A 717 -11.19 10.33 -23.12
N LEU A 718 -11.98 9.25 -23.08
CA LEU A 718 -11.47 7.94 -23.47
C LEU A 718 -11.19 7.88 -24.96
N ASP A 719 -12.08 8.46 -25.77
CA ASP A 719 -11.86 8.58 -27.20
C ASP A 719 -12.03 10.02 -27.63
N SER A 720 -12.04 10.27 -28.94
CA SER A 720 -12.28 11.62 -29.43
C SER A 720 -13.26 11.57 -30.60
N LYS A 721 -14.19 12.52 -30.63
CA LYS A 721 -15.25 12.58 -31.62
C LYS A 721 -15.55 14.04 -31.91
N GLY A 722 -16.70 14.32 -32.51
CA GLY A 722 -17.09 15.70 -32.72
C GLY A 722 -18.57 15.78 -33.02
N TYR A 723 -19.04 17.01 -33.14
CA TYR A 723 -20.36 17.34 -33.65
C TYR A 723 -20.16 17.95 -35.03
N GLY A 724 -21.24 18.42 -35.65
CA GLY A 724 -21.07 19.04 -36.94
C GLY A 724 -22.36 19.47 -37.59
N ILE A 725 -22.35 20.64 -38.20
CA ILE A 725 -23.48 21.11 -39.00
C ILE A 725 -23.50 20.25 -40.26
N ALA A 726 -24.68 19.81 -40.68
CA ALA A 726 -24.75 18.78 -41.71
C ALA A 726 -25.47 19.24 -42.97
N THR A 727 -24.71 19.77 -43.92
CA THR A 727 -25.18 20.29 -45.20
C THR A 727 -25.58 19.08 -46.04
N PRO A 728 -26.56 19.18 -46.98
CA PRO A 728 -27.21 17.96 -47.50
C PRO A 728 -26.37 16.93 -48.24
N LYS A 729 -25.94 17.18 -49.48
CA LYS A 729 -24.85 16.38 -50.05
C LYS A 729 -23.96 17.16 -51.01
N GLY A 730 -24.49 18.15 -51.72
CA GLY A 730 -23.72 18.85 -52.72
C GLY A 730 -24.24 20.27 -52.87
N SER A 731 -24.93 20.73 -51.85
CA SER A 731 -25.60 22.02 -51.88
C SER A 731 -24.58 23.14 -51.75
N SER A 732 -24.99 24.35 -52.12
CA SER A 732 -24.15 25.54 -52.04
C SER A 732 -24.08 26.10 -50.63
N LEU A 733 -24.70 25.44 -49.66
CA LEU A 733 -24.60 25.80 -48.25
C LEU A 733 -23.64 24.86 -47.55
N GLY A 734 -22.62 24.40 -48.26
CA GLY A 734 -21.72 23.43 -47.67
C GLY A 734 -20.30 23.93 -47.52
N THR A 735 -19.87 24.78 -48.44
CA THR A 735 -18.63 25.52 -48.31
C THR A 735 -18.77 26.80 -47.46
N PRO A 736 -19.81 27.65 -47.60
CA PRO A 736 -19.87 28.82 -46.69
C PRO A 736 -20.19 28.49 -45.26
N VAL A 737 -20.83 27.34 -45.00
CA VAL A 737 -20.99 26.90 -43.61
C VAL A 737 -19.66 26.39 -43.08
N ASN A 738 -18.88 25.73 -43.92
CA ASN A 738 -17.59 25.19 -43.50
C ASN A 738 -16.59 26.31 -43.23
N LEU A 739 -16.82 27.49 -43.78
CA LEU A 739 -16.02 28.64 -43.40
C LEU A 739 -16.61 29.36 -42.20
N ALA A 740 -17.94 29.27 -42.01
CA ALA A 740 -18.56 29.98 -40.90
C ALA A 740 -18.49 29.20 -39.60
N VAL A 741 -17.95 27.98 -39.63
CA VAL A 741 -17.64 27.31 -38.37
C VAL A 741 -16.21 27.62 -37.95
N LEU A 742 -15.29 27.59 -38.91
CA LEU A 742 -13.89 27.86 -38.60
C LEU A 742 -13.65 29.33 -38.30
N LYS A 743 -14.53 30.21 -38.78
CA LYS A 743 -14.39 31.62 -38.43
C LYS A 743 -14.91 31.89 -37.03
N LEU A 744 -15.91 31.12 -36.58
CA LEU A 744 -16.40 31.30 -35.22
C LEU A 744 -15.50 30.60 -34.21
N SER A 745 -14.82 29.53 -34.62
CA SER A 745 -13.99 28.79 -33.68
C SER A 745 -12.63 29.43 -33.48
N GLU A 746 -12.35 30.57 -34.12
CA GLU A 746 -11.10 31.29 -33.92
C GLU A 746 -11.35 32.59 -33.16
N GLN A 747 -12.47 33.24 -33.43
CA GLN A 747 -12.84 34.47 -32.73
C GLN A 747 -13.26 34.17 -31.30
N GLY A 748 -13.59 32.93 -31.00
CA GLY A 748 -13.95 32.53 -29.66
C GLY A 748 -15.44 32.49 -29.40
N VAL A 749 -16.27 32.53 -30.44
CA VAL A 749 -17.70 32.53 -30.23
C VAL A 749 -18.19 31.13 -29.88
N LEU A 750 -17.55 30.09 -30.43
CA LEU A 750 -17.94 28.72 -30.09
C LEU A 750 -17.42 28.32 -28.72
N ASP A 751 -16.43 29.05 -28.19
CA ASP A 751 -16.01 28.85 -26.81
C ASP A 751 -16.82 29.72 -25.86
N LYS A 752 -17.39 30.80 -26.38
CA LYS A 752 -18.24 31.66 -25.55
C LYS A 752 -19.62 31.05 -25.34
N LEU A 753 -20.15 30.39 -26.37
CA LEU A 753 -21.51 29.86 -26.28
C LEU A 753 -21.55 28.58 -25.46
N LYS A 754 -20.43 27.90 -25.32
CA LYS A 754 -20.37 26.74 -24.43
C LYS A 754 -20.37 27.18 -22.97
N ASN A 755 -19.52 28.16 -22.64
CA ASN A 755 -19.46 28.73 -21.30
C ASN A 755 -20.78 29.37 -20.88
N LYS A 756 -21.51 29.92 -21.86
CA LYS A 756 -22.81 30.52 -21.59
C LYS A 756 -23.84 29.49 -21.13
N TRP A 757 -24.13 28.49 -21.97
CA TRP A 757 -25.24 27.58 -21.69
C TRP A 757 -24.88 26.47 -20.70
N TRP A 758 -23.69 25.90 -20.79
CA TRP A 758 -23.28 24.90 -19.80
C TRP A 758 -23.02 25.52 -18.44
N TYR A 759 -22.13 26.51 -18.35
CA TYR A 759 -21.71 27.00 -17.04
C TYR A 759 -22.54 28.16 -16.50
N ASP A 760 -22.66 29.25 -17.26
CA ASP A 760 -23.31 30.48 -16.78
C ASP A 760 -24.81 30.31 -16.53
N LYS A 761 -25.50 29.57 -17.38
CA LYS A 761 -26.90 29.26 -17.11
C LYS A 761 -27.05 27.95 -16.34
N GLY A 762 -25.99 27.54 -15.64
CA GLY A 762 -26.03 26.38 -14.77
C GLY A 762 -26.07 26.83 -13.32
N GLU A 763 -26.83 26.11 -12.49
CA GLU A 763 -27.00 26.45 -11.09
C GLU A 763 -26.11 25.52 -10.27
N CYS A 764 -24.84 25.90 -10.15
CA CYS A 764 -23.90 25.15 -9.31
C CYS A 764 -22.72 26.07 -8.95
N GLY A 765 -21.66 25.50 -8.40
CA GLY A 765 -20.53 26.27 -7.92
C GLY A 765 -19.55 26.59 -9.03
N ALA A 766 -18.27 26.37 -8.74
CA ALA A 766 -17.21 26.64 -9.71
C ALA A 766 -17.17 25.57 -10.80
N THR A 775 -6.93 17.68 3.91
CA THR A 775 -5.84 18.61 4.19
C THR A 775 -4.58 17.89 4.66
N SER A 776 -4.63 16.55 4.58
CA SER A 776 -3.56 15.64 5.00
C SER A 776 -3.16 15.85 6.46
N ALA A 777 -4.14 16.16 7.31
CA ALA A 777 -3.90 16.52 8.70
C ALA A 777 -5.17 16.38 9.52
N LEU A 778 -5.05 15.84 10.73
CA LEU A 778 -6.17 15.70 11.65
C LEU A 778 -6.77 17.05 12.03
N SER A 779 -8.10 17.14 12.00
CA SER A 779 -8.81 18.35 12.37
C SER A 779 -9.48 18.13 13.71
N LEU A 780 -10.05 19.21 14.26
CA LEU A 780 -10.70 19.23 15.58
C LEU A 780 -11.83 18.22 15.69
N SER A 781 -12.52 17.96 14.56
CA SER A 781 -13.62 17.01 14.56
C SER A 781 -13.16 15.58 14.79
N ASN A 782 -11.90 15.28 14.50
CA ASN A 782 -11.37 13.93 14.74
C ASN A 782 -11.14 13.72 16.22
N VAL A 783 -10.26 14.50 16.83
CA VAL A 783 -10.15 14.50 18.28
C VAL A 783 -11.06 15.56 18.88
N ALA A 784 -12.33 15.23 19.05
CA ALA A 784 -13.30 16.13 19.63
C ALA A 784 -13.80 15.71 20.99
N GLY A 785 -13.90 14.40 21.25
CA GLY A 785 -14.42 13.94 22.51
C GLY A 785 -13.47 14.18 23.67
N VAL A 786 -12.17 14.21 23.38
CA VAL A 786 -11.18 14.37 24.46
C VAL A 786 -11.17 15.80 24.95
N PHE A 787 -11.60 16.75 24.12
CA PHE A 787 -11.87 18.09 24.64
C PHE A 787 -13.15 18.09 25.47
N TYR A 788 -14.10 17.24 25.12
CA TYR A 788 -15.35 17.19 25.87
C TYR A 788 -15.20 16.38 27.14
N ILE A 789 -14.28 15.41 27.15
CA ILE A 789 -13.92 14.73 28.39
C ILE A 789 -13.15 15.66 29.31
N LEU A 790 -12.30 16.51 28.71
CA LEU A 790 -11.56 17.51 29.47
C LEU A 790 -12.46 18.54 30.11
N VAL A 791 -13.38 19.12 29.32
CA VAL A 791 -14.32 20.10 29.85
C VAL A 791 -15.31 19.43 30.80
N GLY A 792 -15.84 18.27 30.39
CA GLY A 792 -16.70 17.47 31.24
C GLY A 792 -16.02 16.94 32.48
N GLY A 793 -14.70 16.85 32.46
CA GLY A 793 -13.93 16.51 33.64
C GLY A 793 -13.77 17.68 34.59
N LEU A 794 -13.35 18.84 34.06
CA LEU A 794 -13.16 20.04 34.86
C LEU A 794 -14.47 20.55 35.44
N GLY A 795 -15.57 20.30 34.73
CA GLY A 795 -16.90 20.64 35.22
C GLY A 795 -17.29 19.78 36.40
N LEU A 796 -16.82 18.54 36.42
CA LEU A 796 -17.05 17.67 37.56
C LEU A 796 -16.15 18.06 38.73
N ALA A 797 -14.99 18.64 38.44
CA ALA A 797 -14.02 19.01 39.47
C ALA A 797 -14.51 20.16 40.34
N MET A 798 -15.10 21.17 39.72
CA MET A 798 -15.64 22.33 40.44
C MET A 798 -16.86 21.94 41.28
N LEU A 799 -17.51 20.83 40.93
CA LEU A 799 -18.61 20.32 41.75
C LEU A 799 -18.07 19.69 43.03
N VAL A 800 -16.95 18.98 42.95
CA VAL A 800 -16.36 18.34 44.12
C VAL A 800 -15.58 19.34 44.97
N ALA A 801 -15.20 20.49 44.40
CA ALA A 801 -14.61 21.57 45.18
C ALA A 801 -15.59 22.10 46.22
N LEU A 802 -16.88 22.02 45.91
CA LEU A 802 -17.93 22.30 46.90
C LEU A 802 -17.97 21.23 47.97
N ILE A 803 -17.61 19.98 47.63
CA ILE A 803 -17.79 18.87 48.55
C ILE A 803 -16.76 18.90 49.67
N GLU A 804 -15.48 19.09 49.33
CA GLU A 804 -14.43 19.13 50.33
C GLU A 804 -14.54 20.38 51.21
N PHE A 805 -15.05 21.46 50.63
CA PHE A 805 -15.27 22.68 51.40
C PHE A 805 -16.39 22.50 52.41
N CYS A 806 -17.41 21.71 52.07
CA CYS A 806 -18.49 21.45 53.02
C CYS A 806 -18.09 20.39 54.04
N TYR A 807 -17.27 19.41 53.63
CA TYR A 807 -16.84 18.39 54.56
C TYR A 807 -15.85 18.93 55.58
N LYS A 808 -15.03 19.90 55.16
CA LYS A 808 -14.17 20.59 56.12
C LYS A 808 -14.97 21.53 57.00
N SER A 809 -16.08 22.08 56.48
CA SER A 809 -16.92 22.98 57.27
C SER A 809 -17.68 22.22 58.35
N ARG A 810 -18.03 20.96 58.09
CA ARG A 810 -18.62 20.14 59.15
C ARG A 810 -17.56 19.72 60.16
N ALA A 811 -16.30 19.64 59.74
CA ALA A 811 -15.20 19.41 60.68
C ALA A 811 -14.97 20.64 61.55
N GLU A 812 -15.23 21.83 61.00
CA GLU A 812 -15.19 23.07 61.76
C GLU A 812 -16.26 23.09 62.84
N ALA A 813 -17.51 22.81 62.45
CA ALA A 813 -18.61 22.77 63.40
C ALA A 813 -18.64 21.44 64.15
N GLY A 824 -19.94 8.63 60.04
CA GLY A 824 -20.38 7.75 61.11
C GLY A 824 -20.02 6.30 60.89
N ARG A 825 -19.91 5.55 61.97
CA ARG A 825 -19.58 4.13 61.87
C ARG A 825 -20.78 3.31 61.40
N LYS A 826 -21.98 3.68 61.88
CA LYS A 826 -23.21 2.98 61.50
C LYS A 826 -23.51 3.14 60.01
N ALA A 827 -23.14 4.29 59.44
CA ALA A 827 -23.26 4.48 58.00
C ALA A 827 -22.26 3.62 57.24
N LEU A 828 -21.08 3.39 57.83
CA LEU A 828 -20.06 2.57 57.19
C LEU A 828 -20.48 1.11 57.15
N THR A 829 -21.18 0.66 58.20
CA THR A 829 -21.79 -0.66 58.21
C THR A 829 -22.93 -0.70 57.20
N LEU A 830 -23.67 0.40 57.09
CA LEU A 830 -24.82 0.53 56.19
C LEU A 830 -24.40 0.47 54.74
N LEU A 831 -23.28 1.10 54.39
CA LEU A 831 -22.76 1.06 53.03
C LEU A 831 -22.31 -0.35 52.64
N SER A 832 -21.53 -1.00 53.50
CA SER A 832 -20.95 -2.31 53.21
C SER A 832 -22.01 -3.40 53.09
N SER A 833 -22.98 -3.42 53.99
CA SER A 833 -24.02 -4.44 54.02
C SER A 833 -24.92 -4.41 52.79
N VAL A 834 -25.44 -3.22 52.45
CA VAL A 834 -26.41 -3.10 51.37
C VAL A 834 -25.74 -3.33 50.03
N PHE A 835 -24.50 -2.85 49.88
CA PHE A 835 -23.76 -3.05 48.63
C PHE A 835 -23.36 -4.51 48.46
N ALA A 836 -23.25 -5.25 49.56
CA ALA A 836 -22.94 -6.67 49.48
C ALA A 836 -24.15 -7.46 48.99
N VAL A 837 -25.31 -7.26 49.61
CA VAL A 837 -26.48 -8.09 49.30
C VAL A 837 -27.05 -7.75 47.93
N CYS A 838 -26.77 -6.53 47.44
CA CYS A 838 -27.08 -6.23 46.05
C CYS A 838 -26.05 -6.85 45.12
N GLY A 839 -24.83 -7.04 45.59
CA GLY A 839 -23.81 -7.73 44.83
C GLY A 839 -24.03 -9.23 44.82
N LEU A 840 -24.53 -9.76 45.94
CA LEU A 840 -25.02 -11.14 45.97
C LEU A 840 -26.19 -11.33 45.02
N GLY A 841 -27.10 -10.37 45.01
CA GLY A 841 -28.23 -10.39 44.11
C GLY A 841 -27.87 -10.30 42.63
N LEU A 842 -27.33 -9.16 42.21
CA LEU A 842 -27.20 -8.81 40.79
C LEU A 842 -26.26 -9.70 40.00
N LEU A 843 -25.40 -10.46 40.67
CA LEU A 843 -24.68 -11.52 39.98
C LEU A 843 -25.53 -12.77 39.90
N GLY A 844 -26.15 -13.14 41.02
CA GLY A 844 -27.01 -14.32 41.06
C GLY A 844 -28.25 -14.17 40.22
N ILE A 845 -28.78 -12.95 40.14
CA ILE A 845 -29.89 -12.62 39.25
C ILE A 845 -29.47 -12.78 37.81
N ALA A 846 -28.29 -12.25 37.46
CA ALA A 846 -27.85 -12.19 36.07
C ALA A 846 -27.52 -13.57 35.52
N VAL A 847 -26.93 -14.43 36.35
CA VAL A 847 -26.56 -15.77 35.90
C VAL A 847 -27.83 -16.62 35.79
N SER A 848 -28.87 -16.26 36.53
CA SER A 848 -30.14 -16.97 36.47
C SER A 848 -31.02 -16.44 35.34
N THR A 849 -31.18 -15.13 35.26
CA THR A 849 -32.07 -14.52 34.28
C THR A 849 -31.38 -14.52 32.91
N ASP A 850 -31.88 -15.34 32.00
CA ASP A 850 -31.26 -15.55 30.70
C ASP A 850 -31.48 -14.37 29.74
N TYR A 851 -30.81 -13.25 30.00
CA TYR A 851 -30.78 -12.11 29.09
C TYR A 851 -29.37 -11.57 28.94
N TRP A 852 -28.42 -12.48 28.68
CA TRP A 852 -27.06 -12.19 28.25
C TRP A 852 -27.06 -12.02 26.73
N LEU A 853 -25.89 -12.20 26.09
CA LEU A 853 -25.56 -11.91 24.69
C LEU A 853 -26.64 -12.13 23.64
N TYR A 854 -26.87 -11.10 22.80
CA TYR A 854 -27.89 -11.13 21.76
C TYR A 854 -27.21 -11.27 20.39
N LEU A 855 -27.18 -12.50 19.89
CA LEU A 855 -26.68 -12.72 18.53
C LEU A 855 -27.78 -12.44 17.52
N GLU A 856 -27.37 -11.89 16.37
CA GLU A 856 -28.26 -11.57 15.25
C GLU A 856 -27.51 -11.72 13.94
N GLU A 857 -28.16 -12.29 12.92
CA GLU A 857 -27.51 -12.48 11.62
C GLU A 857 -28.59 -12.55 10.54
N GLY A 858 -28.15 -12.72 9.31
CA GLY A 858 -28.99 -12.85 8.15
C GLY A 858 -28.19 -12.52 6.89
N ILE A 859 -28.84 -12.64 5.74
CA ILE A 859 -28.20 -12.43 4.44
C ILE A 859 -28.79 -11.13 3.92
N ILE A 860 -28.31 -10.62 2.78
CA ILE A 860 -28.84 -9.36 2.27
C ILE A 860 -29.69 -9.63 1.03
N LEU A 861 -30.78 -8.88 0.93
CA LEU A 861 -31.51 -8.68 -0.32
C LEU A 861 -31.10 -7.30 -0.83
N PRO A 862 -30.43 -7.23 -1.98
CA PRO A 862 -30.02 -5.92 -2.52
C PRO A 862 -31.19 -5.10 -3.03
N GLN A 863 -30.91 -3.84 -3.40
CA GLN A 863 -31.81 -2.83 -3.95
C GLN A 863 -32.84 -2.32 -2.94
N ASN A 864 -32.82 -2.84 -1.70
CA ASN A 864 -33.81 -2.42 -0.71
C ASN A 864 -33.18 -2.24 0.67
N GLN A 865 -31.94 -2.71 0.85
CA GLN A 865 -31.19 -2.69 2.12
C GLN A 865 -31.97 -3.41 3.22
N SER A 866 -32.12 -4.72 3.06
CA SER A 866 -33.15 -5.57 3.66
C SER A 866 -33.09 -5.65 5.18
N THR A 867 -34.10 -6.33 5.73
CA THR A 867 -34.34 -6.57 7.15
C THR A 867 -34.62 -8.05 7.39
N GLU A 868 -33.69 -8.89 6.93
CA GLU A 868 -33.77 -10.35 6.77
C GLU A 868 -34.11 -11.18 8.02
N VAL A 869 -34.32 -10.55 9.17
CA VAL A 869 -33.90 -10.93 10.53
C VAL A 869 -33.60 -12.41 10.83
N LYS A 870 -34.18 -13.37 10.08
CA LYS A 870 -34.66 -14.69 10.50
C LYS A 870 -34.20 -15.23 11.84
N MET A 871 -32.89 -15.22 12.13
CA MET A 871 -32.43 -15.82 13.37
C MET A 871 -32.05 -14.79 14.42
N SER A 872 -31.99 -15.22 15.69
CA SER A 872 -31.60 -14.37 16.81
C SER A 872 -31.16 -15.27 17.95
N LEU A 873 -30.88 -14.70 19.12
CA LEU A 873 -30.91 -15.44 20.38
C LEU A 873 -31.24 -14.47 21.51
N HIS A 874 -31.44 -15.00 22.72
CA HIS A 874 -31.52 -14.16 23.90
C HIS A 874 -30.75 -14.84 25.03
N SER A 875 -29.88 -15.78 24.65
CA SER A 875 -29.21 -16.74 25.52
C SER A 875 -28.49 -16.15 26.72
N GLY A 876 -28.70 -16.75 27.89
CA GLY A 876 -27.90 -16.48 29.05
C GLY A 876 -26.72 -17.42 29.12
N LEU A 877 -26.44 -17.96 30.29
CA LEU A 877 -25.46 -19.04 30.39
C LEU A 877 -26.09 -20.41 30.26
N TRP A 878 -26.97 -20.80 31.19
CA TRP A 878 -27.52 -22.14 31.21
C TRP A 878 -28.69 -22.27 30.26
N ARG A 879 -29.69 -21.41 30.40
CA ARG A 879 -30.89 -21.50 29.58
C ARG A 879 -30.71 -20.80 28.24
N VAL A 880 -29.84 -21.34 27.39
CA VAL A 880 -29.68 -20.89 26.01
C VAL A 880 -30.95 -21.15 25.22
N CYS A 881 -31.51 -20.10 24.60
CA CYS A 881 -32.79 -20.28 23.94
C CYS A 881 -32.92 -19.29 22.77
N PHE A 882 -33.85 -19.61 21.87
CA PHE A 882 -33.98 -19.12 20.51
C PHE A 882 -35.40 -18.55 20.33
N LEU A 883 -35.57 -17.56 19.44
CA LEU A 883 -36.84 -16.83 19.43
C LEU A 883 -37.58 -16.80 18.10
N ALA A 884 -36.85 -16.64 17.00
CA ALA A 884 -37.43 -16.56 15.67
C ALA A 884 -36.90 -17.72 14.83
N GLY A 885 -37.16 -17.72 13.52
CA GLY A 885 -36.62 -18.74 12.63
C GLY A 885 -37.04 -20.17 12.92
N GLU A 886 -38.32 -20.47 12.62
CA GLU A 886 -39.18 -21.58 13.08
C GLU A 886 -39.65 -21.39 14.52
N GLU A 887 -39.11 -20.39 15.21
CA GLU A 887 -39.57 -19.75 16.45
C GLU A 887 -39.47 -20.61 17.70
N ARG A 888 -39.25 -21.93 17.53
CA ARG A 888 -38.59 -22.91 18.41
C ARG A 888 -38.72 -22.62 19.91
N GLY A 889 -39.95 -22.66 20.44
CA GLY A 889 -40.18 -22.37 21.85
C GLY A 889 -39.53 -23.33 22.83
N ARG A 890 -39.27 -24.56 22.38
CA ARG A 890 -38.73 -25.61 23.23
C ARG A 890 -37.21 -25.73 23.12
N CYS A 891 -36.50 -24.61 22.98
CA CYS A 891 -35.27 -24.44 22.19
C CYS A 891 -34.22 -25.55 22.26
N PHE A 892 -33.51 -25.61 23.38
CA PHE A 892 -32.41 -26.53 23.67
C PHE A 892 -32.11 -26.41 25.15
N THR A 893 -31.08 -27.13 25.61
CA THR A 893 -30.60 -27.05 26.98
C THR A 893 -29.17 -27.56 27.03
N ILE A 894 -28.65 -27.69 28.25
CA ILE A 894 -27.27 -28.10 28.50
C ILE A 894 -27.14 -29.60 28.25
N GLU A 895 -28.27 -30.32 28.37
CA GLU A 895 -28.34 -31.68 27.87
C GLU A 895 -28.13 -31.66 26.36
N TYR A 896 -27.35 -32.64 25.87
CA TYR A 896 -26.64 -32.63 24.59
C TYR A 896 -27.43 -32.18 23.37
N VAL A 897 -26.84 -31.29 22.58
CA VAL A 897 -27.47 -30.67 21.43
C VAL A 897 -26.95 -31.31 20.16
N MET A 898 -27.88 -31.89 19.39
CA MET A 898 -27.69 -32.62 18.11
C MET A 898 -26.43 -33.49 18.01
N VAL A 910 -23.39 -24.63 11.22
CA VAL A 910 -24.26 -24.79 12.37
C VAL A 910 -23.61 -24.14 13.59
N ASN A 911 -24.34 -23.22 14.22
CA ASN A 911 -23.79 -22.43 15.31
C ASN A 911 -23.65 -23.25 16.59
N VAL A 912 -22.68 -22.86 17.41
CA VAL A 912 -22.50 -23.39 18.76
C VAL A 912 -22.44 -22.20 19.71
N LEU A 913 -22.23 -22.46 21.00
CA LEU A 913 -22.19 -21.42 22.01
C LEU A 913 -21.07 -21.75 23.00
N LYS A 914 -19.91 -21.11 22.79
CA LYS A 914 -18.73 -21.37 23.61
C LYS A 914 -18.70 -20.51 24.87
N MET A 915 -19.78 -19.78 25.16
CA MET A 915 -19.94 -19.01 26.39
C MET A 915 -19.86 -19.89 27.61
N ILE A 916 -20.79 -20.85 27.73
CA ILE A 916 -20.83 -21.72 28.91
C ILE A 916 -19.76 -22.80 28.80
N ARG A 917 -19.28 -23.06 27.58
CA ARG A 917 -18.26 -24.09 27.34
C ARG A 917 -16.94 -23.81 28.06
N SER A 918 -16.54 -22.54 28.12
CA SER A 918 -15.29 -22.21 28.80
C SER A 918 -15.56 -21.38 30.05
N ALA A 919 -16.35 -20.30 29.93
CA ALA A 919 -16.54 -19.39 31.05
C ALA A 919 -17.66 -19.81 31.99
N THR A 920 -17.66 -21.06 32.44
CA THR A 920 -18.55 -21.48 33.51
C THR A 920 -17.97 -21.29 34.91
N PRO A 921 -16.71 -21.76 35.26
CA PRO A 921 -16.31 -21.68 36.67
C PRO A 921 -15.94 -20.28 37.11
N PHE A 922 -15.61 -19.40 36.14
CA PHE A 922 -15.14 -18.06 36.50
C PHE A 922 -16.22 -17.20 37.15
N PRO A 923 -17.52 -17.35 36.84
CA PRO A 923 -18.53 -16.87 37.79
C PRO A 923 -18.85 -17.85 38.91
N LEU A 924 -18.63 -19.14 38.73
CA LEU A 924 -18.98 -20.09 39.80
C LEU A 924 -17.98 -20.04 40.94
N VAL A 925 -16.70 -19.76 40.64
CA VAL A 925 -15.77 -19.54 41.72
C VAL A 925 -16.00 -18.17 42.34
N SER A 926 -16.59 -17.24 41.57
CA SER A 926 -16.93 -15.92 42.07
C SER A 926 -18.04 -16.00 43.10
N LEU A 927 -19.03 -16.87 42.87
CA LEU A 927 -20.04 -17.15 43.90
C LEU A 927 -19.43 -17.81 45.13
N PHE A 928 -18.39 -18.62 44.94
CA PHE A 928 -17.73 -19.28 46.07
C PHE A 928 -17.01 -18.30 46.97
N PHE A 929 -16.33 -17.31 46.37
CA PHE A 929 -15.74 -16.25 47.18
C PHE A 929 -16.81 -15.35 47.78
N MET A 930 -17.93 -15.16 47.06
CA MET A 930 -18.92 -14.18 47.48
C MET A 930 -19.82 -14.72 48.59
N PHE A 931 -20.04 -16.05 48.60
CA PHE A 931 -20.82 -16.66 49.68
C PHE A 931 -20.08 -16.56 51.01
N ILE A 932 -18.74 -16.60 50.96
CA ILE A 932 -17.91 -16.35 52.13
C ILE A 932 -18.06 -14.90 52.55
N GLY A 933 -18.16 -14.00 51.57
CA GLY A 933 -18.22 -12.56 51.79
C GLY A 933 -19.33 -12.03 52.68
N PHE A 934 -20.58 -12.34 52.35
CA PHE A 934 -21.70 -11.75 53.09
C PHE A 934 -21.91 -12.42 54.45
N ILE A 935 -21.54 -13.70 54.58
CA ILE A 935 -21.75 -14.41 55.84
C ILE A 935 -20.83 -13.86 56.91
N LEU A 936 -19.53 -13.77 56.61
CA LEU A 936 -18.58 -13.26 57.60
C LEU A 936 -18.72 -11.75 57.79
N SER A 937 -19.34 -11.06 56.83
CA SER A 937 -19.79 -9.69 57.06
C SER A 937 -20.88 -9.65 58.14
N ASN A 938 -21.84 -10.58 58.05
CA ASN A 938 -22.93 -10.63 59.02
C ASN A 938 -22.45 -11.11 60.39
N ILE A 939 -21.39 -11.94 60.41
CA ILE A 939 -20.77 -12.34 61.67
C ILE A 939 -20.15 -11.11 62.35
N GLY A 940 -19.54 -10.23 61.55
CA GLY A 940 -19.04 -8.98 62.09
C GLY A 940 -20.15 -8.01 62.47
N HIS A 941 -21.34 -8.19 61.91
CA HIS A 941 -22.46 -7.29 62.18
C HIS A 941 -23.18 -7.62 63.50
N ILE A 942 -23.51 -8.89 63.71
CA ILE A 942 -24.32 -9.33 64.85
C ILE A 942 -23.55 -9.13 66.16
N ARG A 943 -22.22 -9.26 66.12
CA ARG A 943 -21.37 -8.97 67.26
C ARG A 943 -20.21 -8.12 66.78
N PRO A 944 -20.29 -6.79 66.97
CA PRO A 944 -19.28 -5.89 66.39
C PRO A 944 -17.90 -5.96 67.04
N HIS A 945 -17.77 -6.64 68.18
CA HIS A 945 -16.46 -6.75 68.81
C HIS A 945 -15.56 -7.75 68.10
N ARG A 946 -16.12 -8.61 67.27
CA ARG A 946 -15.33 -9.50 66.42
C ARG A 946 -14.60 -8.69 65.36
N THR A 947 -13.28 -8.90 65.28
CA THR A 947 -12.44 -8.02 64.47
C THR A 947 -11.95 -8.72 63.20
N ILE A 948 -11.31 -9.89 63.36
CA ILE A 948 -10.67 -10.57 62.25
C ILE A 948 -11.68 -11.19 61.28
N LEU A 949 -12.95 -11.26 61.68
CA LEU A 949 -13.99 -11.87 60.86
C LEU A 949 -14.36 -10.94 59.72
N ALA A 950 -14.54 -9.66 60.02
CA ALA A 950 -14.81 -8.63 59.01
C ALA A 950 -13.58 -8.41 58.13
N PHE A 951 -12.39 -8.67 58.67
CA PHE A 951 -11.14 -8.61 57.93
C PHE A 951 -11.11 -9.65 56.81
N VAL A 952 -11.33 -10.91 57.17
CA VAL A 952 -11.34 -11.98 56.16
C VAL A 952 -12.64 -11.99 55.38
N SER A 953 -13.66 -11.25 55.84
CA SER A 953 -14.82 -11.00 55.01
C SER A 953 -14.43 -10.21 53.78
N GLY A 954 -13.65 -9.15 53.97
CA GLY A 954 -13.27 -8.27 52.88
C GLY A 954 -12.36 -8.92 51.86
N ILE A 955 -11.47 -9.81 52.33
CA ILE A 955 -10.49 -10.48 51.47
C ILE A 955 -11.21 -11.33 50.41
N PHE A 956 -12.32 -11.96 50.80
CA PHE A 956 -13.03 -12.82 49.87
C PHE A 956 -14.09 -12.05 49.08
N PHE A 957 -14.24 -10.74 49.32
CA PHE A 957 -15.07 -9.92 48.43
C PHE A 957 -14.37 -9.66 47.11
N ILE A 958 -13.13 -9.19 47.16
CA ILE A 958 -12.43 -8.76 45.94
C ILE A 958 -12.02 -9.97 45.10
N LEU A 959 -11.74 -11.11 45.75
CA LEU A 959 -11.43 -12.32 45.01
C LEU A 959 -12.62 -12.85 44.23
N SER A 960 -13.85 -12.49 44.64
CA SER A 960 -15.01 -12.68 43.78
C SER A 960 -14.98 -11.69 42.62
N GLY A 961 -14.64 -10.44 42.92
CA GLY A 961 -14.65 -9.40 41.90
C GLY A 961 -13.54 -9.56 40.89
N LEU A 962 -12.41 -10.14 41.31
CA LEU A 962 -11.35 -10.46 40.36
C LEU A 962 -11.75 -11.64 39.48
N SER A 963 -12.58 -12.54 40.02
CA SER A 963 -13.14 -13.61 39.19
C SER A 963 -14.19 -13.06 38.23
N LEU A 964 -14.80 -11.93 38.59
CA LEU A 964 -15.70 -11.24 37.66
C LEU A 964 -14.94 -10.65 36.49
N VAL A 965 -13.70 -10.22 36.72
CA VAL A 965 -12.87 -9.64 35.67
C VAL A 965 -12.48 -10.72 34.68
N VAL A 966 -11.88 -11.81 35.17
CA VAL A 966 -11.44 -12.89 34.28
C VAL A 966 -12.63 -13.68 33.77
N GLY A 967 -13.79 -13.52 34.41
CA GLY A 967 -15.03 -14.00 33.85
C GLY A 967 -15.40 -13.27 32.58
N LEU A 968 -15.54 -11.95 32.67
CA LEU A 968 -16.07 -11.17 31.56
C LEU A 968 -15.06 -11.01 30.43
N VAL A 969 -13.77 -11.08 30.74
CA VAL A 969 -12.75 -11.00 29.70
C VAL A 969 -12.74 -12.26 28.85
N LEU A 970 -12.70 -13.42 29.50
CA LEU A 970 -12.72 -14.71 28.82
C LEU A 970 -14.06 -14.94 28.13
N TYR A 971 -15.13 -14.35 28.67
CA TYR A 971 -16.44 -14.28 28.04
C TYR A 971 -16.34 -13.65 26.65
N ILE A 972 -15.87 -12.42 26.58
CA ILE A 972 -15.87 -11.65 25.33
C ILE A 972 -14.80 -12.18 24.37
N SER A 973 -13.68 -12.67 24.93
CA SER A 973 -12.61 -13.23 24.10
C SER A 973 -13.06 -14.51 23.40
N SER A 974 -13.93 -15.28 24.05
CA SER A 974 -14.52 -16.44 23.41
C SER A 974 -15.50 -16.04 22.32
N ILE A 975 -16.12 -14.86 22.48
CA ILE A 975 -17.04 -14.36 21.46
C ILE A 975 -16.27 -13.84 20.25
N ASN A 976 -15.18 -13.10 20.49
CA ASN A 976 -14.42 -12.53 19.38
C ASN A 976 -13.67 -13.59 18.60
N ASP A 977 -13.35 -14.72 19.25
CA ASP A 977 -12.86 -15.88 18.52
C ASP A 977 -13.95 -16.48 17.64
N GLU A 978 -15.20 -16.45 18.12
CA GLU A 978 -16.32 -16.91 17.31
C GLU A 978 -16.63 -15.90 16.21
N MET A 979 -16.35 -14.62 16.47
CA MET A 979 -16.50 -13.57 15.46
C MET A 979 -15.55 -13.76 14.29
N LEU A 980 -14.29 -14.09 14.57
CA LEU A 980 -13.29 -14.25 13.52
C LEU A 980 -13.42 -15.58 12.78
N ASN A 981 -14.26 -16.48 13.29
CA ASN A 981 -14.55 -17.74 12.61
C ASN A 981 -15.59 -17.58 11.50
N ARG A 982 -16.00 -16.34 11.21
CA ARG A 982 -17.10 -16.03 10.30
C ARG A 982 -16.88 -16.45 8.86
N THR A 983 -15.64 -16.33 8.35
CA THR A 983 -15.28 -16.57 6.95
C THR A 983 -16.12 -15.65 6.06
N LYS A 984 -15.70 -14.39 5.96
CA LYS A 984 -16.48 -13.15 5.94
C LYS A 984 -17.89 -13.20 5.38
N ASP A 985 -18.09 -13.77 4.18
CA ASP A 985 -19.40 -13.89 3.52
C ASP A 985 -20.07 -12.54 3.31
N ALA A 986 -19.49 -11.71 2.42
CA ALA A 986 -19.81 -10.30 2.17
C ALA A 986 -21.29 -9.93 2.15
N GLU A 987 -22.13 -10.74 1.49
CA GLU A 987 -23.57 -10.49 1.46
C GLU A 987 -24.22 -10.68 2.82
N THR A 988 -23.92 -11.80 3.47
CA THR A 988 -24.42 -12.13 4.81
C THR A 988 -24.03 -11.07 5.83
N TYR A 989 -24.97 -10.61 6.67
CA TYR A 989 -24.67 -9.61 7.68
C TYR A 989 -24.72 -10.27 9.06
N PHE A 990 -24.34 -9.49 10.07
CA PHE A 990 -24.31 -9.96 11.44
C PHE A 990 -24.57 -8.77 12.36
N ASN A 991 -24.93 -9.05 13.62
CA ASN A 991 -25.10 -8.03 14.64
C ASN A 991 -24.99 -8.73 15.98
N TYR A 992 -24.39 -8.06 16.95
CA TYR A 992 -24.31 -8.62 18.29
C TYR A 992 -24.37 -7.51 19.33
N LYS A 993 -25.23 -7.68 20.33
CA LYS A 993 -25.43 -6.70 21.37
C LYS A 993 -25.43 -7.38 22.73
N TYR A 994 -24.95 -6.68 23.74
CA TYR A 994 -24.98 -7.22 25.09
C TYR A 994 -26.34 -6.95 25.73
N GLY A 995 -26.75 -7.85 26.62
CA GLY A 995 -28.06 -7.81 27.22
C GLY A 995 -28.03 -7.19 28.61
N TRP A 996 -29.21 -7.17 29.23
CA TRP A 996 -29.36 -6.56 30.55
C TRP A 996 -28.70 -7.39 31.64
N SER A 997 -28.49 -8.68 31.41
CA SER A 997 -27.81 -9.50 32.42
C SER A 997 -26.30 -9.26 32.39
N PHE A 998 -25.75 -8.99 31.21
CA PHE A 998 -24.33 -8.61 31.12
C PHE A 998 -24.09 -7.28 31.81
N ALA A 999 -25.07 -6.38 31.76
CA ALA A 999 -24.97 -5.12 32.50
C ALA A 999 -25.10 -5.37 34.00
N PHE A 1000 -25.92 -6.34 34.39
CA PHE A 1000 -26.13 -6.61 35.82
C PHE A 1000 -24.89 -7.19 36.47
N ALA A 1001 -24.15 -8.04 35.76
CA ALA A 1001 -22.88 -8.53 36.30
C ALA A 1001 -21.81 -7.45 36.27
N ALA A 1002 -21.91 -6.52 35.30
CA ALA A 1002 -21.01 -5.38 35.28
C ALA A 1002 -21.29 -4.44 36.45
N ILE A 1003 -22.58 -4.23 36.76
CA ILE A 1003 -22.96 -3.49 37.95
C ILE A 1003 -22.57 -4.26 39.21
N SER A 1004 -22.62 -5.59 39.17
CA SER A 1004 -22.27 -6.41 40.32
C SER A 1004 -20.77 -6.33 40.62
N PHE A 1005 -19.96 -6.00 39.62
CA PHE A 1005 -18.55 -5.73 39.86
C PHE A 1005 -18.36 -4.49 40.73
N LEU A 1006 -19.12 -3.43 40.44
CA LEU A 1006 -19.05 -2.20 41.22
C LEU A 1006 -19.51 -2.40 42.66
N LEU A 1007 -20.61 -3.14 42.84
CA LEU A 1007 -21.24 -3.30 44.15
C LEU A 1007 -20.36 -4.08 45.13
N THR A 1008 -19.67 -5.11 44.65
CA THR A 1008 -18.80 -5.90 45.51
C THR A 1008 -17.49 -5.18 45.83
N GLU A 1009 -16.83 -4.65 44.80
CA GLU A 1009 -15.54 -3.95 44.95
C GLU A 1009 -15.66 -2.70 45.80
N SER A 1010 -16.71 -1.90 45.59
CA SER A 1010 -16.88 -0.70 46.40
C SER A 1010 -17.42 -1.02 47.78
N ALA A 1011 -17.87 -2.27 48.00
CA ALA A 1011 -18.06 -2.76 49.35
C ALA A 1011 -16.81 -3.45 49.86
N GLY A 1012 -15.96 -3.94 48.95
CA GLY A 1012 -14.70 -4.53 49.35
C GLY A 1012 -13.71 -3.51 49.89
N VAL A 1013 -13.89 -2.24 49.57
CA VAL A 1013 -13.11 -1.20 50.23
C VAL A 1013 -13.75 -0.81 51.56
N MET A 1014 -15.08 -0.82 51.64
CA MET A 1014 -15.74 -0.34 52.85
C MET A 1014 -15.72 -1.40 53.95
N SER A 1015 -15.61 -2.68 53.58
CA SER A 1015 -15.51 -3.72 54.59
C SER A 1015 -14.13 -3.72 55.24
N VAL A 1016 -13.09 -3.48 54.44
CA VAL A 1016 -11.72 -3.52 54.95
C VAL A 1016 -11.41 -2.23 55.71
N TYR A 1017 -11.95 -1.10 55.25
CA TYR A 1017 -11.82 0.15 55.98
C TYR A 1017 -12.57 0.11 57.31
N LEU A 1018 -13.62 -0.71 57.39
CA LEU A 1018 -14.35 -0.87 58.64
C LEU A 1018 -13.54 -1.67 59.65
N PHE A 1019 -12.66 -2.56 59.17
CA PHE A 1019 -11.72 -3.23 60.06
C PHE A 1019 -10.74 -2.26 60.68
N MET A 1020 -10.31 -1.27 59.91
CA MET A 1020 -9.27 -0.35 60.36
C MET A 1020 -9.81 0.61 61.40
N LYS A 1021 -11.04 1.07 61.20
CA LYS A 1021 -11.71 1.92 62.18
C LYS A 1021 -12.03 1.15 63.46
N ARG A 1022 -12.29 -0.16 63.33
CA ARG A 1022 -12.65 -0.98 64.49
C ARG A 1022 -11.43 -1.43 65.30
N TYR A 1023 -10.50 -2.14 64.65
CA TYR A 1023 -9.46 -2.85 65.39
C TYR A 1023 -8.36 -1.91 65.91
N THR A 1024 -8.05 -0.85 65.14
CA THR A 1024 -7.02 0.09 65.58
C THR A 1024 -7.53 0.93 66.74
N ALA A 1025 -8.84 1.16 66.79
CA ALA A 1025 -9.46 1.79 67.96
C ALA A 1025 -9.36 0.87 69.18
N GLU A 1026 -9.45 -0.43 68.97
CA GLU A 1026 -9.27 -1.41 70.04
C GLU A 1026 -7.81 -1.48 70.47
N GLN B 383 -24.15 -32.79 -44.62
CA GLN B 383 -23.01 -33.63 -45.00
C GLN B 383 -23.09 -35.02 -44.36
N LYS B 384 -22.67 -35.11 -43.10
CA LYS B 384 -22.61 -36.40 -42.43
C LYS B 384 -23.26 -36.33 -41.06
N THR B 385 -23.32 -35.12 -40.49
CA THR B 385 -23.93 -34.82 -39.19
C THR B 385 -23.27 -35.64 -38.08
N VAL B 386 -22.01 -35.30 -37.78
CA VAL B 386 -21.17 -35.97 -36.80
C VAL B 386 -21.82 -35.92 -35.42
N VAL B 387 -21.89 -37.08 -34.76
CA VAL B 387 -22.54 -37.20 -33.45
C VAL B 387 -21.50 -37.00 -32.37
N VAL B 388 -21.41 -35.79 -31.83
CA VAL B 388 -20.42 -35.45 -30.80
C VAL B 388 -20.97 -35.75 -29.40
N THR B 389 -20.25 -36.58 -28.66
CA THR B 389 -20.67 -36.96 -27.31
C THR B 389 -19.96 -36.07 -26.27
N THR B 390 -20.65 -35.70 -25.18
CA THR B 390 -20.01 -35.02 -24.07
C THR B 390 -20.70 -35.51 -22.79
N ILE B 391 -20.31 -35.00 -21.62
CA ILE B 391 -20.96 -35.33 -20.35
C ILE B 391 -21.15 -34.02 -19.59
N LEU B 392 -22.16 -33.96 -18.73
CA LEU B 392 -22.58 -32.73 -18.07
C LEU B 392 -21.75 -32.50 -16.81
N GLU B 393 -20.62 -31.80 -16.95
CA GLU B 393 -19.90 -31.24 -15.81
C GLU B 393 -19.42 -29.84 -16.17
N SER B 394 -19.42 -28.97 -15.18
CA SER B 394 -19.00 -27.59 -15.31
C SER B 394 -17.49 -27.49 -15.30
N PRO B 395 -16.90 -26.56 -16.08
CA PRO B 395 -17.53 -25.71 -17.09
C PRO B 395 -17.39 -26.31 -18.48
N TYR B 396 -17.45 -27.63 -18.58
CA TYR B 396 -17.19 -28.25 -19.87
C TYR B 396 -18.43 -28.16 -20.75
N VAL B 397 -19.55 -28.72 -20.30
CA VAL B 397 -20.85 -28.48 -20.89
C VAL B 397 -21.82 -28.17 -19.77
N MET B 398 -22.32 -26.94 -19.75
CA MET B 398 -23.37 -26.53 -18.84
C MET B 398 -24.61 -26.20 -19.66
N MET B 399 -25.77 -26.58 -19.14
CA MET B 399 -27.03 -26.31 -19.83
C MET B 399 -27.45 -24.89 -19.53
N LYS B 400 -27.67 -24.11 -20.59
CA LYS B 400 -28.06 -22.72 -20.47
C LYS B 400 -29.49 -22.64 -19.95
N LYS B 401 -29.90 -21.45 -19.47
CA LYS B 401 -31.21 -21.29 -18.84
C LYS B 401 -32.37 -21.45 -19.82
N ASN B 402 -32.08 -21.40 -21.13
CA ASN B 402 -33.09 -21.60 -22.15
C ASN B 402 -33.15 -23.06 -22.60
N HIS B 403 -32.93 -23.99 -21.68
CA HIS B 403 -32.88 -25.42 -22.00
C HIS B 403 -34.26 -26.06 -22.11
N GLU B 404 -35.31 -25.24 -22.24
CA GLU B 404 -36.65 -25.75 -22.45
C GLU B 404 -37.31 -24.96 -23.58
N MET B 405 -36.56 -24.04 -24.19
CA MET B 405 -37.09 -23.18 -25.24
C MET B 405 -36.07 -22.93 -26.35
N LEU B 406 -35.07 -23.79 -26.50
CA LEU B 406 -34.13 -23.68 -27.61
C LEU B 406 -33.81 -25.06 -28.18
N GLU B 407 -32.91 -25.04 -29.15
CA GLU B 407 -32.47 -26.22 -29.89
C GLU B 407 -31.21 -26.78 -29.24
N GLY B 408 -30.93 -28.05 -29.54
CA GLY B 408 -29.77 -28.80 -29.07
C GLY B 408 -28.42 -28.11 -29.12
N ASN B 409 -28.02 -27.61 -30.28
CA ASN B 409 -26.72 -26.98 -30.44
C ASN B 409 -26.65 -25.57 -29.85
N GLU B 410 -27.78 -25.05 -29.36
CA GLU B 410 -27.83 -23.71 -28.79
C GLU B 410 -28.26 -23.71 -27.32
N ARG B 411 -28.43 -24.88 -26.71
CA ARG B 411 -28.83 -24.94 -25.31
C ARG B 411 -27.68 -25.25 -24.37
N TYR B 412 -26.55 -25.73 -24.89
CA TYR B 412 -25.41 -26.09 -24.05
C TYR B 412 -24.34 -25.00 -24.18
N GLU B 413 -23.75 -24.64 -23.05
CA GLU B 413 -22.62 -23.71 -23.02
C GLU B 413 -21.48 -24.36 -22.25
N GLY B 414 -20.27 -23.91 -22.50
CA GLY B 414 -19.14 -24.38 -21.73
C GLY B 414 -17.86 -24.39 -22.52
N TYR B 415 -16.85 -25.02 -21.92
CA TYR B 415 -15.54 -25.12 -22.54
C TYR B 415 -15.58 -26.08 -23.74
N CYS B 416 -16.20 -27.25 -23.57
CA CYS B 416 -16.30 -28.20 -24.67
C CYS B 416 -17.24 -27.71 -25.75
N VAL B 417 -18.19 -26.85 -25.40
CA VAL B 417 -19.05 -26.24 -26.42
C VAL B 417 -18.24 -25.29 -27.30
N ASP B 418 -17.40 -24.46 -26.68
CA ASP B 418 -16.52 -23.60 -27.45
C ASP B 418 -15.42 -24.38 -28.14
N LEU B 419 -15.04 -25.54 -27.59
CA LEU B 419 -14.02 -26.35 -28.24
C LEU B 419 -14.57 -27.08 -29.46
N ALA B 420 -15.80 -27.59 -29.36
CA ALA B 420 -16.40 -28.32 -30.49
C ALA B 420 -16.68 -27.40 -31.67
N ALA B 421 -16.89 -26.11 -31.39
CA ALA B 421 -17.05 -25.14 -32.46
C ALA B 421 -15.72 -24.90 -33.17
N GLU B 422 -14.62 -24.96 -32.42
CA GLU B 422 -13.30 -24.69 -33.00
C GLU B 422 -12.78 -25.90 -33.79
N ILE B 423 -13.07 -27.10 -33.31
CA ILE B 423 -12.63 -28.31 -34.02
C ILE B 423 -13.42 -28.46 -35.33
N ALA B 424 -14.72 -28.14 -35.29
CA ALA B 424 -15.53 -28.21 -36.50
C ALA B 424 -15.16 -27.12 -37.49
N LYS B 425 -14.63 -26.00 -37.00
CA LYS B 425 -14.25 -24.91 -37.88
C LYS B 425 -13.00 -25.25 -38.68
N HIS B 426 -12.02 -25.91 -38.05
CA HIS B 426 -10.79 -26.24 -38.75
C HIS B 426 -10.91 -27.51 -39.58
N CYS B 427 -11.51 -28.56 -39.02
CA CYS B 427 -11.69 -29.80 -39.77
C CYS B 427 -12.76 -29.65 -40.84
N GLY B 428 -13.99 -29.38 -40.43
CA GLY B 428 -15.09 -29.14 -41.35
C GLY B 428 -16.11 -30.27 -41.36
N PHE B 429 -17.19 -30.08 -40.60
CA PHE B 429 -18.31 -31.02 -40.53
C PHE B 429 -19.51 -30.36 -39.86
N LYS B 430 -20.54 -31.14 -39.55
CA LYS B 430 -21.70 -30.66 -38.82
C LYS B 430 -21.87 -31.51 -37.58
N TYR B 431 -22.12 -30.88 -36.44
CA TYR B 431 -22.14 -31.57 -35.16
C TYR B 431 -23.43 -31.28 -34.40
N LYS B 432 -23.87 -32.29 -33.64
CA LYS B 432 -25.03 -32.17 -32.75
C LYS B 432 -24.65 -32.84 -31.42
N LEU B 433 -24.75 -32.07 -30.33
CA LEU B 433 -24.30 -32.54 -29.04
C LEU B 433 -25.21 -33.60 -28.47
N THR B 434 -24.62 -34.67 -27.95
CA THR B 434 -25.30 -35.93 -27.72
C THR B 434 -24.93 -36.45 -26.33
N ILE B 435 -25.27 -35.67 -25.30
CA ILE B 435 -25.04 -35.95 -23.88
C ILE B 435 -25.38 -37.38 -23.53
N VAL B 436 -24.43 -38.07 -22.89
CA VAL B 436 -24.33 -39.53 -22.83
C VAL B 436 -25.54 -40.14 -22.11
N GLY B 437 -26.04 -41.25 -22.67
CA GLY B 437 -27.21 -41.93 -22.16
C GLY B 437 -27.02 -42.55 -20.79
N ASP B 438 -25.94 -43.30 -20.62
CA ASP B 438 -25.60 -43.90 -19.33
C ASP B 438 -25.29 -42.83 -18.29
N GLY B 439 -24.23 -42.07 -18.50
CA GLY B 439 -23.88 -41.00 -17.58
C GLY B 439 -22.49 -41.09 -16.98
N LYS B 440 -21.68 -42.03 -17.45
CA LYS B 440 -20.31 -42.18 -16.96
C LYS B 440 -19.31 -41.90 -18.07
N TYR B 441 -18.03 -41.83 -17.68
CA TYR B 441 -16.98 -41.58 -18.67
C TYR B 441 -16.68 -42.82 -19.50
N GLY B 442 -16.15 -43.86 -18.87
CA GLY B 442 -15.91 -45.11 -19.58
C GLY B 442 -14.97 -46.01 -18.80
N ALA B 443 -15.33 -47.29 -18.77
CA ALA B 443 -14.59 -48.31 -18.04
C ALA B 443 -15.05 -49.70 -18.46
N ARG B 444 -14.18 -50.69 -18.37
CA ARG B 444 -14.59 -52.06 -18.64
C ARG B 444 -15.37 -52.62 -17.45
N ASP B 445 -16.36 -53.44 -17.78
CA ASP B 445 -17.10 -54.22 -16.79
C ASP B 445 -16.61 -55.65 -16.98
N ALA B 446 -15.76 -56.13 -16.08
CA ALA B 446 -15.13 -57.43 -16.27
C ALA B 446 -16.02 -58.58 -15.83
N ASP B 447 -17.28 -58.57 -16.25
CA ASP B 447 -18.20 -59.68 -16.10
C ASP B 447 -18.83 -59.98 -17.45
N THR B 448 -19.09 -58.93 -18.23
CA THR B 448 -19.70 -59.02 -19.55
C THR B 448 -18.85 -58.41 -20.65
N LYS B 449 -17.80 -57.67 -20.28
CA LYS B 449 -16.80 -57.08 -21.20
C LYS B 449 -17.46 -56.12 -22.19
N ILE B 450 -18.19 -55.15 -21.64
CA ILE B 450 -18.92 -54.17 -22.43
C ILE B 450 -18.57 -52.79 -21.91
N TRP B 451 -18.08 -51.92 -22.81
CA TRP B 451 -17.76 -50.54 -22.45
C TRP B 451 -19.02 -49.75 -22.18
N ASN B 452 -18.98 -48.93 -21.13
CA ASN B 452 -20.08 -48.04 -20.77
C ASN B 452 -19.69 -46.59 -21.04
N GLY B 453 -20.67 -45.72 -21.10
CA GLY B 453 -20.42 -44.30 -21.14
C GLY B 453 -20.02 -43.81 -22.52
N MET B 454 -19.16 -42.78 -22.52
CA MET B 454 -18.78 -42.11 -23.76
C MET B 454 -17.87 -42.99 -24.61
N VAL B 455 -17.05 -43.81 -23.96
CA VAL B 455 -16.23 -44.77 -24.69
C VAL B 455 -17.12 -45.85 -25.31
N GLY B 456 -18.15 -46.25 -24.56
CA GLY B 456 -19.13 -47.21 -25.03
C GLY B 456 -19.91 -46.78 -26.25
N GLU B 457 -20.12 -45.48 -26.40
CA GLU B 457 -20.82 -44.96 -27.57
C GLU B 457 -19.88 -44.86 -28.77
N LEU B 458 -18.58 -44.62 -28.52
CA LEU B 458 -17.60 -44.55 -29.59
C LEU B 458 -17.34 -45.89 -30.26
N VAL B 459 -17.06 -46.91 -29.44
CA VAL B 459 -16.61 -48.20 -29.92
C VAL B 459 -17.73 -48.93 -30.65
N TYR B 460 -18.88 -49.08 -29.98
CA TYR B 460 -19.96 -49.90 -30.48
C TYR B 460 -20.69 -49.25 -31.66
N GLY B 461 -20.69 -47.92 -31.74
CA GLY B 461 -21.16 -47.28 -32.95
C GLY B 461 -22.01 -46.05 -32.79
N LYS B 462 -22.54 -45.82 -31.60
CA LYS B 462 -23.49 -44.72 -31.40
C LYS B 462 -22.83 -43.33 -31.34
N ALA B 463 -21.54 -43.17 -31.58
CA ALA B 463 -20.90 -41.85 -31.54
C ALA B 463 -19.88 -41.75 -32.68
N ASP B 464 -19.43 -40.53 -32.94
CA ASP B 464 -18.41 -40.31 -33.96
C ASP B 464 -17.21 -39.52 -33.46
N ILE B 465 -17.36 -38.69 -32.43
CA ILE B 465 -16.22 -38.03 -31.78
C ILE B 465 -16.64 -37.83 -30.33
N ALA B 466 -15.70 -37.51 -29.45
CA ALA B 466 -15.96 -37.48 -28.02
C ALA B 466 -15.38 -36.26 -27.35
N ILE B 467 -15.69 -35.06 -27.86
CA ILE B 467 -15.05 -33.84 -27.40
C ILE B 467 -15.53 -33.54 -25.98
N ALA B 468 -14.74 -33.95 -25.00
CA ALA B 468 -15.16 -34.09 -23.62
C ALA B 468 -13.94 -34.19 -22.71
N PRO B 469 -14.07 -34.09 -21.38
CA PRO B 469 -12.90 -34.34 -20.53
C PRO B 469 -12.60 -35.82 -20.26
N LEU B 470 -12.41 -36.61 -21.31
CA LEU B 470 -11.84 -37.94 -21.13
C LEU B 470 -10.37 -37.84 -20.78
N THR B 471 -9.96 -38.54 -19.73
CA THR B 471 -8.57 -38.56 -19.30
C THR B 471 -7.86 -39.70 -20.01
N ILE B 472 -6.74 -39.39 -20.68
CA ILE B 472 -5.97 -40.37 -21.43
C ILE B 472 -5.37 -41.41 -20.49
N THR B 473 -5.85 -42.64 -20.60
CA THR B 473 -5.31 -43.75 -19.83
C THR B 473 -5.00 -44.91 -20.75
N LEU B 474 -4.34 -45.92 -20.21
CA LEU B 474 -3.87 -47.05 -21.02
C LEU B 474 -5.03 -47.91 -21.50
N VAL B 475 -5.98 -48.22 -20.61
CA VAL B 475 -7.06 -49.14 -20.96
C VAL B 475 -8.05 -48.49 -21.92
N ARG B 476 -8.10 -47.16 -21.93
CA ARG B 476 -8.91 -46.49 -22.95
C ARG B 476 -8.16 -46.38 -24.27
N GLU B 477 -6.83 -46.38 -24.23
CA GLU B 477 -6.02 -46.17 -25.43
C GLU B 477 -6.08 -47.38 -26.35
N GLU B 478 -6.30 -48.57 -25.77
CA GLU B 478 -6.32 -49.80 -26.56
C GLU B 478 -7.55 -49.92 -27.46
N VAL B 479 -8.62 -49.18 -27.16
CA VAL B 479 -9.86 -49.31 -27.91
C VAL B 479 -10.22 -48.08 -28.72
N ILE B 480 -9.78 -46.88 -28.33
CA ILE B 480 -10.06 -45.68 -29.09
C ILE B 480 -8.78 -44.90 -29.29
N ASP B 481 -8.86 -43.76 -30.01
CA ASP B 481 -7.69 -42.96 -30.32
C ASP B 481 -7.89 -41.57 -29.74
N PHE B 482 -7.07 -41.20 -28.77
CA PHE B 482 -7.15 -39.85 -28.19
C PHE B 482 -6.44 -38.84 -29.07
N SER B 483 -6.30 -37.61 -28.58
CA SER B 483 -5.62 -36.59 -29.37
C SER B 483 -4.87 -35.55 -28.56
N LYS B 484 -3.58 -35.81 -28.27
CA LYS B 484 -2.46 -34.91 -27.97
C LYS B 484 -2.84 -33.76 -27.05
N PRO B 485 -2.95 -34.01 -25.73
CA PRO B 485 -3.88 -33.31 -24.81
C PRO B 485 -4.14 -31.82 -24.96
N PHE B 486 -5.42 -31.44 -24.96
CA PHE B 486 -5.80 -30.04 -25.02
C PHE B 486 -5.81 -29.36 -23.67
N MET B 487 -5.53 -30.09 -22.59
CA MET B 487 -5.53 -29.52 -21.25
C MET B 487 -4.76 -30.46 -20.33
N SER B 488 -3.75 -29.92 -19.64
CA SER B 488 -2.86 -30.72 -18.80
C SER B 488 -3.23 -30.50 -17.33
N LEU B 489 -3.80 -31.54 -16.72
CA LEU B 489 -4.25 -31.49 -15.34
C LEU B 489 -3.33 -32.35 -14.47
N GLY B 490 -3.68 -32.47 -13.18
CA GLY B 490 -2.93 -33.29 -12.25
C GLY B 490 -3.61 -33.34 -10.89
N ILE B 491 -3.25 -34.30 -10.04
CA ILE B 491 -3.78 -34.35 -8.69
C ILE B 491 -3.19 -33.20 -7.87
N SER B 492 -4.05 -32.41 -7.24
CA SER B 492 -3.61 -31.24 -6.47
C SER B 492 -4.25 -31.26 -5.10
N ILE B 493 -3.95 -30.22 -4.32
CA ILE B 493 -4.31 -30.16 -2.90
C ILE B 493 -5.36 -29.07 -2.72
N MET B 494 -6.49 -29.41 -2.11
CA MET B 494 -7.56 -28.46 -1.84
C MET B 494 -7.68 -28.20 -0.36
N ILE B 495 -7.47 -26.94 0.05
CA ILE B 495 -7.61 -26.53 1.45
C ILE B 495 -8.50 -25.31 1.52
N LYS B 496 -8.98 -25.03 2.73
CA LYS B 496 -9.75 -23.83 3.00
C LYS B 496 -8.85 -22.59 2.87
N LYS B 497 -9.45 -21.45 2.50
CA LYS B 497 -8.78 -20.16 2.43
C LYS B 497 -8.12 -19.82 3.76
N PRO B 498 -6.91 -19.26 3.75
CA PRO B 498 -6.36 -18.76 5.02
C PRO B 498 -7.00 -17.44 5.42
N GLN B 499 -8.15 -17.52 6.11
CA GLN B 499 -8.82 -16.30 6.56
C GLN B 499 -8.12 -15.77 7.80
N LYS B 500 -8.65 -14.69 8.38
CA LYS B 500 -8.10 -14.16 9.61
C LYS B 500 -8.37 -15.16 10.74
N SER B 501 -7.46 -15.27 11.70
CA SER B 501 -7.51 -16.37 12.65
C SER B 501 -7.82 -15.86 14.04
N LYS B 502 -7.87 -16.77 15.02
CA LYS B 502 -8.21 -16.41 16.38
C LYS B 502 -6.94 -15.96 17.07
N PRO B 503 -7.01 -14.91 17.90
CA PRO B 503 -5.84 -14.55 18.69
C PRO B 503 -5.61 -15.53 19.83
N GLY B 504 -4.40 -15.55 20.38
CA GLY B 504 -4.09 -16.33 21.55
C GLY B 504 -4.29 -15.51 22.81
N VAL B 505 -4.00 -16.15 23.94
CA VAL B 505 -4.04 -15.45 25.23
C VAL B 505 -2.65 -14.94 25.56
N PHE B 506 -1.72 -15.09 24.61
CA PHE B 506 -0.43 -14.42 24.68
C PHE B 506 -0.06 -13.92 23.30
N SER B 507 -1.05 -13.38 22.58
CA SER B 507 -0.85 -12.91 21.21
C SER B 507 -0.32 -11.50 21.14
N PHE B 508 -0.23 -10.80 22.28
CA PHE B 508 0.35 -9.46 22.28
C PHE B 508 1.87 -9.53 22.28
N LEU B 509 2.43 -10.74 22.44
CA LEU B 509 3.86 -10.99 22.29
C LEU B 509 4.25 -11.30 20.86
N ASP B 510 3.40 -11.00 19.89
CA ASP B 510 3.67 -11.22 18.48
C ASP B 510 4.59 -10.21 17.76
N PRO B 511 4.59 -8.87 18.05
CA PRO B 511 5.58 -8.00 17.38
C PRO B 511 7.02 -8.31 17.73
N LEU B 512 7.35 -8.36 19.00
CA LEU B 512 8.70 -8.72 19.43
C LEU B 512 8.79 -10.24 19.57
N ALA B 513 9.82 -10.82 18.96
CA ALA B 513 9.95 -12.27 18.94
C ALA B 513 10.40 -12.79 20.31
N TYR B 514 10.43 -14.12 20.44
CA TYR B 514 10.57 -14.74 21.76
C TYR B 514 11.99 -14.57 22.31
N GLU B 515 12.97 -14.34 21.45
CA GLU B 515 14.32 -14.14 21.94
C GLU B 515 14.50 -12.75 22.54
N ILE B 516 13.68 -11.78 22.11
CA ILE B 516 13.83 -10.43 22.63
C ILE B 516 13.20 -10.32 24.01
N TRP B 517 12.06 -10.98 24.22
CA TRP B 517 11.37 -10.92 25.51
C TRP B 517 12.21 -11.58 26.61
N MET B 518 12.98 -12.60 26.26
CA MET B 518 13.83 -13.25 27.25
C MET B 518 15.13 -12.47 27.48
N CYS B 519 15.66 -11.82 26.45
CA CYS B 519 16.87 -11.01 26.65
C CYS B 519 16.58 -9.71 27.39
N ILE B 520 15.31 -9.30 27.45
CA ILE B 520 14.93 -8.19 28.32
C ILE B 520 14.97 -8.62 29.78
N VAL B 521 14.36 -9.77 30.08
CA VAL B 521 14.26 -10.26 31.46
C VAL B 521 15.63 -10.62 32.00
N PHE B 522 16.47 -11.24 31.16
CA PHE B 522 17.85 -11.55 31.55
C PHE B 522 18.69 -10.30 31.71
N ALA B 523 18.30 -9.19 31.07
CA ALA B 523 18.92 -7.90 31.33
C ALA B 523 18.19 -7.10 32.41
N TYR B 524 16.93 -7.44 32.67
CA TYR B 524 16.24 -6.89 33.84
C TYR B 524 16.88 -7.39 35.13
N ILE B 525 17.32 -8.65 35.14
CA ILE B 525 18.10 -9.16 36.26
C ILE B 525 19.53 -8.62 36.19
N GLY B 526 19.99 -8.28 35.00
CA GLY B 526 21.32 -7.74 34.79
C GLY B 526 21.53 -6.38 35.43
N VAL B 527 20.61 -5.45 35.21
CA VAL B 527 20.69 -4.15 35.86
C VAL B 527 20.40 -4.28 37.35
N SER B 528 19.61 -5.29 37.73
CA SER B 528 19.28 -5.54 39.13
C SER B 528 20.51 -5.91 39.95
N VAL B 529 21.39 -6.74 39.38
CA VAL B 529 22.59 -7.15 40.10
C VAL B 529 23.66 -6.07 40.02
N VAL B 530 23.56 -5.18 39.02
CA VAL B 530 24.50 -4.08 38.93
C VAL B 530 24.15 -3.00 39.95
N LEU B 531 22.88 -2.64 40.03
CA LEU B 531 22.44 -1.55 40.91
C LEU B 531 22.58 -1.93 42.38
N PHE B 532 22.62 -3.23 42.68
CA PHE B 532 22.93 -3.68 44.03
C PHE B 532 24.42 -3.60 44.31
N LEU B 533 25.24 -4.17 43.42
CA LEU B 533 26.69 -4.20 43.65
C LEU B 533 27.31 -2.81 43.55
N VAL B 534 26.68 -1.90 42.81
CA VAL B 534 27.10 -0.50 42.88
C VAL B 534 26.77 0.10 44.23
N SER B 535 25.50 0.06 44.64
CA SER B 535 25.05 0.83 45.80
C SER B 535 25.38 0.16 47.12
N ARG B 536 25.95 -1.06 47.10
CA ARG B 536 26.41 -1.65 48.34
C ARG B 536 27.90 -1.38 48.55
N PHE B 537 28.68 -1.38 47.46
CA PHE B 537 30.13 -1.16 47.52
C PHE B 537 30.50 0.31 47.54
N SER B 538 29.61 1.21 47.15
CA SER B 538 29.95 2.63 47.06
C SER B 538 29.95 3.39 48.41
N PRO B 539 28.91 3.28 49.32
CA PRO B 539 28.95 4.15 50.52
C PRO B 539 29.91 3.69 51.61
N TYR B 540 31.17 3.42 51.27
CA TYR B 540 32.18 3.02 52.25
C TYR B 540 33.57 3.35 51.74
N ASN B 560 22.32 2.34 51.66
CA ASN B 560 21.91 1.06 51.11
C ASN B 560 20.41 0.98 50.92
N GLU B 561 19.88 1.83 50.03
CA GLU B 561 18.45 1.85 49.76
C GLU B 561 18.22 1.10 48.45
N PHE B 562 19.10 0.15 48.13
CA PHE B 562 19.06 -0.57 46.87
C PHE B 562 19.36 -2.04 47.07
N GLY B 563 18.68 -2.68 48.03
CA GLY B 563 18.84 -4.11 48.23
C GLY B 563 18.15 -4.95 47.16
N ILE B 564 17.95 -6.23 47.50
CA ILE B 564 17.18 -7.18 46.70
C ILE B 564 15.77 -6.64 46.47
N PHE B 565 15.20 -6.05 47.52
CA PHE B 565 13.88 -5.43 47.52
C PHE B 565 13.79 -4.27 46.53
N ASN B 566 14.76 -3.36 46.53
CA ASN B 566 14.69 -2.13 45.74
C ASN B 566 15.29 -2.21 44.35
N SER B 567 16.44 -2.88 44.19
CA SER B 567 17.15 -2.90 42.91
C SER B 567 16.39 -3.69 41.85
N LEU B 568 15.68 -4.73 42.27
CA LEU B 568 14.74 -5.40 41.37
C LEU B 568 13.59 -4.48 40.99
N TRP B 569 13.23 -3.54 41.88
CA TRP B 569 12.04 -2.72 41.68
C TRP B 569 12.29 -1.57 40.71
N PHE B 570 13.40 -0.85 40.88
CA PHE B 570 13.62 0.36 40.11
C PHE B 570 13.88 0.07 38.64
N SER B 571 14.37 -1.14 38.33
CA SER B 571 14.48 -1.56 36.94
C SER B 571 13.10 -1.87 36.35
N LEU B 572 12.22 -2.45 37.17
CA LEU B 572 10.85 -2.69 36.74
C LEU B 572 10.08 -1.38 36.60
N GLY B 573 10.30 -0.44 37.52
CA GLY B 573 9.70 0.88 37.42
C GLY B 573 10.18 1.69 36.23
N ALA B 574 11.33 1.30 35.68
CA ALA B 574 11.88 2.02 34.54
C ALA B 574 11.34 1.51 33.21
N PHE B 575 11.46 0.20 32.98
CA PHE B 575 11.15 -0.34 31.66
C PHE B 575 9.65 -0.40 31.42
N MET B 576 8.91 -0.90 32.40
CA MET B 576 7.51 -0.52 32.52
C MET B 576 7.56 0.95 32.88
N GLN B 577 7.24 1.82 31.92
CA GLN B 577 7.57 3.23 31.88
C GLN B 577 7.19 4.11 33.07
N GLN B 578 7.71 5.35 33.03
CA GLN B 578 7.51 6.59 33.82
C GLN B 578 8.35 6.73 35.10
N GLY B 579 9.12 5.73 35.47
CA GLY B 579 10.14 5.93 36.49
C GLY B 579 9.62 5.59 37.87
N CYS B 580 10.51 5.73 38.85
CA CYS B 580 10.21 5.44 40.25
C CYS B 580 11.05 6.34 41.14
N ASP B 581 10.54 6.63 42.34
CA ASP B 581 11.12 7.67 43.20
C ASP B 581 12.20 7.16 44.17
N ILE B 582 12.89 6.08 43.79
CA ILE B 582 14.01 5.56 44.56
C ILE B 582 15.22 5.73 43.65
N SER B 583 15.31 6.92 43.03
CA SER B 583 16.38 7.42 42.18
C SER B 583 17.78 7.08 42.68
N PRO B 584 18.68 6.67 41.80
CA PRO B 584 20.05 6.31 42.20
C PRO B 584 20.85 7.54 42.58
N ARG B 585 21.84 7.34 43.46
CA ARG B 585 22.73 8.41 43.86
C ARG B 585 24.18 7.94 43.89
N SER B 586 24.83 8.03 42.72
CA SER B 586 26.24 7.76 42.47
C SER B 586 26.48 8.10 41.00
N LEU B 587 27.72 8.38 40.60
CA LEU B 587 27.96 8.64 39.18
C LEU B 587 27.86 7.35 38.36
N SER B 588 28.07 6.21 39.02
CA SER B 588 27.65 4.94 38.44
C SER B 588 26.13 4.87 38.29
N GLY B 589 25.40 5.26 39.34
CA GLY B 589 23.95 5.29 39.31
C GLY B 589 23.36 6.30 38.35
N ARG B 590 24.14 7.32 38.00
CA ARG B 590 23.84 8.22 36.89
C ARG B 590 23.75 7.41 35.60
N ILE B 591 24.72 6.52 35.40
CA ILE B 591 24.79 5.66 34.21
C ILE B 591 23.75 4.57 34.29
N VAL B 592 23.72 3.84 35.43
CA VAL B 592 22.82 2.71 35.70
C VAL B 592 21.37 3.12 35.51
N GLY B 593 21.04 4.33 35.97
CA GLY B 593 19.79 4.95 35.56
C GLY B 593 19.70 5.10 34.06
N GLY B 594 20.69 5.74 33.44
CA GLY B 594 20.53 6.22 32.07
C GLY B 594 20.55 5.13 31.02
N VAL B 595 21.54 4.23 31.08
CA VAL B 595 21.72 3.29 29.97
C VAL B 595 20.66 2.19 29.99
N TRP B 596 20.03 1.94 31.15
CA TRP B 596 18.82 1.13 31.13
C TRP B 596 17.63 1.93 30.63
N TRP B 597 17.62 3.24 30.90
CA TRP B 597 16.52 4.08 30.46
C TRP B 597 16.52 4.28 28.94
N PHE B 598 17.69 4.25 28.31
CA PHE B 598 17.72 4.28 26.85
C PHE B 598 17.24 2.95 26.27
N PHE B 599 17.41 1.87 27.03
CA PHE B 599 16.89 0.58 26.59
C PHE B 599 15.37 0.54 26.69
N THR B 600 14.79 1.40 27.52
CA THR B 600 13.33 1.48 27.58
C THR B 600 12.77 2.06 26.29
N LEU B 601 13.35 3.16 25.82
CA LEU B 601 12.87 3.88 24.64
C LEU B 601 12.85 3.07 23.37
N ILE B 602 13.90 2.28 23.13
CA ILE B 602 14.06 1.68 21.81
C ILE B 602 13.23 0.42 21.69
N ILE B 603 12.98 -0.27 22.81
CA ILE B 603 12.16 -1.47 22.77
C ILE B 603 10.69 -1.12 22.58
N ILE B 604 10.20 -0.14 23.34
CA ILE B 604 8.79 0.24 23.25
C ILE B 604 8.51 0.94 21.93
N SER B 605 9.48 1.66 21.39
CA SER B 605 9.30 2.23 20.06
C SER B 605 9.42 1.17 18.99
N SER B 606 10.07 0.04 19.29
CA SER B 606 10.08 -1.07 18.35
C SER B 606 8.85 -1.95 18.53
N TYR B 607 8.23 -1.90 19.70
CA TYR B 607 7.00 -2.66 19.89
C TYR B 607 5.81 -1.94 19.27
N THR B 608 5.77 -0.61 19.38
CA THR B 608 4.68 0.16 18.82
C THR B 608 4.76 0.17 17.29
N ALA B 609 5.95 0.39 16.75
CA ALA B 609 6.10 0.54 15.30
C ALA B 609 5.87 -0.77 14.57
N ASN B 610 6.29 -1.89 15.17
CA ASN B 610 6.08 -3.18 14.52
C ASN B 610 4.62 -3.60 14.61
N LEU B 611 3.94 -3.24 15.70
CA LEU B 611 2.53 -3.59 15.83
C LEU B 611 1.68 -2.75 14.89
N ALA B 612 2.14 -1.55 14.56
CA ALA B 612 1.46 -0.72 13.56
C ALA B 612 1.63 -1.30 12.18
N ALA B 613 2.81 -1.87 11.88
CA ALA B 613 2.99 -2.58 10.62
C ALA B 613 2.28 -3.93 10.64
N PHE B 614 2.08 -4.49 11.83
CA PHE B 614 1.39 -5.77 11.94
C PHE B 614 -0.10 -5.62 11.64
N LEU B 615 -0.66 -4.44 11.91
CA LEU B 615 -2.09 -4.22 11.69
C LEU B 615 -2.39 -3.54 10.37
N THR B 616 -1.41 -2.85 9.76
CA THR B 616 -1.68 -2.15 8.51
C THR B 616 -1.74 -3.10 7.33
N VAL B 617 -0.67 -3.83 7.07
CA VAL B 617 -0.59 -4.73 5.93
C VAL B 617 -0.94 -6.13 6.43
N GLU B 618 -2.18 -6.53 6.25
CA GLU B 618 -2.62 -7.89 6.57
C GLU B 618 -2.09 -8.84 5.50
N ARG B 619 -1.12 -9.67 5.89
CA ARG B 619 -0.44 -10.58 4.95
C ARG B 619 -0.52 -11.97 5.56
N MET B 620 -1.59 -12.69 5.23
CA MET B 620 -1.78 -14.04 5.74
C MET B 620 -1.07 -15.07 4.87
N VAL B 621 -0.75 -16.22 5.48
CA VAL B 621 -0.07 -17.30 4.79
C VAL B 621 -0.86 -18.58 4.98
N SER B 622 -0.63 -19.53 4.08
CA SER B 622 -1.27 -20.83 4.17
C SER B 622 -0.51 -21.74 5.13
N PRO B 623 -1.22 -22.63 5.85
CA PRO B 623 -0.54 -23.61 6.71
C PRO B 623 0.38 -24.55 5.96
N ILE B 624 -0.16 -25.28 4.98
CA ILE B 624 0.66 -26.14 4.15
C ILE B 624 0.69 -25.60 2.73
N GLU B 625 1.80 -25.82 2.02
CA GLU B 625 1.94 -25.27 0.68
C GLU B 625 2.55 -26.27 -0.29
N SER B 626 2.46 -27.56 0.05
CA SER B 626 2.98 -28.65 -0.76
C SER B 626 2.48 -29.97 -0.20
N ALA B 627 2.73 -31.08 -0.90
CA ALA B 627 2.48 -32.38 -0.28
C ALA B 627 3.57 -32.74 0.70
N GLU B 628 4.75 -32.14 0.55
CA GLU B 628 5.87 -32.37 1.46
C GLU B 628 5.57 -31.85 2.86
N ASP B 629 5.09 -30.60 2.94
CA ASP B 629 4.71 -30.03 4.23
C ASP B 629 3.46 -30.68 4.78
N LEU B 630 2.61 -31.22 3.89
CA LEU B 630 1.42 -31.93 4.34
C LEU B 630 1.73 -33.38 4.68
N SER B 631 2.91 -33.87 4.29
CA SER B 631 3.36 -35.20 4.67
C SER B 631 3.83 -35.24 6.13
N LYS B 632 4.62 -34.25 6.52
CA LYS B 632 5.28 -34.29 7.83
C LYS B 632 4.31 -33.96 8.96
N GLN B 633 3.23 -33.25 8.65
CA GLN B 633 2.26 -32.88 9.67
C GLN B 633 1.28 -34.01 9.96
N THR B 634 0.50 -33.86 11.02
CA THR B 634 -0.55 -34.81 11.37
C THR B 634 -1.82 -34.06 11.75
N GLU B 635 -1.72 -32.73 11.84
CA GLU B 635 -2.83 -31.91 12.31
C GLU B 635 -3.95 -31.84 11.27
N ILE B 636 -3.61 -31.49 10.04
CA ILE B 636 -4.60 -31.35 8.97
C ILE B 636 -4.80 -32.71 8.32
N ALA B 637 -6.06 -33.11 8.15
CA ALA B 637 -6.42 -34.45 7.72
C ALA B 637 -6.38 -34.56 6.19
N TYR B 638 -5.96 -35.72 5.72
CA TYR B 638 -5.93 -36.07 4.30
C TYR B 638 -7.35 -36.33 3.81
N GLY B 639 -7.51 -36.43 2.49
CA GLY B 639 -8.80 -36.81 1.96
C GLY B 639 -8.75 -37.05 0.47
N THR B 640 -9.37 -38.18 0.07
CA THR B 640 -9.44 -38.64 -1.32
C THR B 640 -10.78 -39.31 -1.60
N LEU B 641 -11.17 -39.39 -2.87
CA LEU B 641 -12.36 -40.09 -3.31
C LEU B 641 -12.21 -41.60 -3.06
N ASP B 642 -13.33 -42.31 -2.92
CA ASP B 642 -13.28 -43.67 -2.37
C ASP B 642 -13.17 -44.75 -3.45
N SER B 643 -13.50 -44.43 -4.70
CA SER B 643 -13.33 -45.37 -5.81
C SER B 643 -13.05 -44.58 -7.09
N GLY B 644 -11.78 -44.40 -7.41
CA GLY B 644 -11.42 -43.63 -8.58
C GLY B 644 -9.94 -43.74 -8.88
N SER B 645 -9.50 -42.93 -9.84
CA SER B 645 -8.10 -42.95 -10.25
C SER B 645 -7.22 -42.24 -9.23
N THR B 646 -7.80 -41.38 -8.41
CA THR B 646 -7.02 -40.65 -7.41
C THR B 646 -6.60 -41.58 -6.26
N LYS B 647 -7.54 -42.38 -5.75
CA LYS B 647 -7.23 -43.34 -4.69
C LYS B 647 -6.30 -44.43 -5.18
N GLU B 648 -6.50 -44.87 -6.44
CA GLU B 648 -5.65 -45.89 -7.03
C GLU B 648 -4.21 -45.41 -7.21
N PHE B 649 -4.03 -44.10 -7.44
CA PHE B 649 -2.71 -43.51 -7.61
C PHE B 649 -1.83 -43.63 -6.38
N PHE B 650 -2.38 -43.38 -5.20
CA PHE B 650 -1.58 -43.42 -3.98
C PHE B 650 -1.22 -44.83 -3.58
N ARG B 651 -2.04 -45.81 -3.99
CA ARG B 651 -1.83 -47.20 -3.63
C ARG B 651 -0.57 -47.76 -4.28
N ARG B 652 -0.50 -47.70 -5.60
CA ARG B 652 0.59 -48.33 -6.34
C ARG B 652 1.83 -47.46 -6.46
N SER B 653 1.82 -46.24 -5.92
CA SER B 653 2.97 -45.35 -6.03
C SER B 653 4.13 -45.85 -5.17
N LYS B 654 5.35 -45.76 -5.70
CA LYS B 654 6.52 -46.29 -5.00
C LYS B 654 7.67 -45.30 -5.01
N ILE B 655 7.40 -44.03 -4.72
CA ILE B 655 8.44 -43.02 -4.59
C ILE B 655 8.56 -42.60 -3.12
N ALA B 656 7.79 -43.26 -2.25
CA ALA B 656 7.90 -43.30 -0.79
C ALA B 656 7.48 -42.01 -0.09
N VAL B 657 7.15 -40.96 -0.84
CA VAL B 657 6.50 -39.80 -0.25
C VAL B 657 4.99 -39.96 -0.30
N PHE B 658 4.48 -40.38 -1.45
CA PHE B 658 3.05 -40.67 -1.56
C PHE B 658 2.69 -41.98 -0.86
N ASP B 659 3.69 -42.85 -0.64
CA ASP B 659 3.45 -44.06 0.13
C ASP B 659 3.22 -43.73 1.60
N LYS B 660 3.91 -42.70 2.11
CA LYS B 660 3.62 -42.20 3.44
C LYS B 660 2.21 -41.61 3.52
N MET B 661 1.77 -40.94 2.45
CA MET B 661 0.42 -40.37 2.43
C MET B 661 -0.64 -41.46 2.33
N TRP B 662 -0.26 -42.64 1.84
CA TRP B 662 -1.20 -43.74 1.76
C TRP B 662 -1.30 -44.49 3.09
N THR B 663 -0.20 -44.50 3.86
CA THR B 663 -0.22 -45.18 5.15
C THR B 663 -1.04 -44.41 6.18
N TYR B 664 -1.21 -43.10 5.98
CA TYR B 664 -2.17 -42.36 6.81
C TYR B 664 -3.59 -42.78 6.48
N MET B 665 -3.93 -42.77 5.18
CA MET B 665 -5.30 -43.04 4.77
C MET B 665 -5.67 -44.52 4.89
N ARG B 666 -4.67 -45.37 5.12
CA ARG B 666 -4.96 -46.77 5.41
C ARG B 666 -5.66 -46.93 6.75
N SER B 667 -5.15 -46.29 7.81
CA SER B 667 -5.78 -46.45 9.11
C SER B 667 -6.99 -45.52 9.20
N ALA B 668 -6.72 -44.21 9.29
CA ALA B 668 -7.64 -43.10 9.03
C ALA B 668 -9.07 -43.23 9.53
N GLU B 669 -9.29 -43.29 10.85
CA GLU B 669 -10.62 -43.63 11.37
C GLU B 669 -11.31 -42.41 11.97
N PRO B 670 -11.38 -41.29 11.23
CA PRO B 670 -12.71 -40.67 11.22
C PRO B 670 -13.31 -40.71 9.82
N SER B 671 -12.96 -41.75 9.03
CA SER B 671 -13.45 -41.98 7.67
C SER B 671 -13.16 -40.81 6.72
N VAL B 672 -11.88 -40.60 6.41
CA VAL B 672 -11.46 -39.44 5.62
C VAL B 672 -11.92 -39.55 4.17
N PHE B 673 -12.24 -40.76 3.70
CA PHE B 673 -12.59 -40.97 2.30
C PHE B 673 -13.96 -40.40 1.95
N VAL B 674 -13.99 -39.58 0.89
CA VAL B 674 -15.21 -38.92 0.42
C VAL B 674 -15.92 -39.78 -0.62
N ARG B 675 -17.24 -39.89 -0.49
CA ARG B 675 -18.11 -40.36 -1.55
C ARG B 675 -18.69 -39.14 -2.25
N THR B 676 -18.66 -39.12 -3.60
CA THR B 676 -19.33 -38.11 -4.41
C THR B 676 -18.82 -36.69 -4.14
N THR B 677 -17.69 -36.35 -4.78
CA THR B 677 -16.78 -35.24 -4.51
C THR B 677 -17.37 -33.96 -3.91
N ALA B 678 -18.56 -33.56 -4.38
CA ALA B 678 -19.22 -32.33 -3.88
C ALA B 678 -19.52 -32.40 -2.38
N GLU B 679 -19.63 -33.61 -1.82
CA GLU B 679 -19.64 -33.76 -0.37
C GLU B 679 -18.31 -33.33 0.24
N GLY B 680 -17.20 -33.68 -0.42
CA GLY B 680 -15.89 -33.37 0.14
C GLY B 680 -15.53 -31.91 -0.02
N VAL B 681 -16.16 -31.22 -0.97
CA VAL B 681 -16.02 -29.78 -1.07
C VAL B 681 -16.59 -29.11 0.16
N ALA B 682 -17.77 -29.56 0.61
CA ALA B 682 -18.36 -29.03 1.83
C ALA B 682 -17.61 -29.52 3.08
N ARG B 683 -16.91 -30.64 2.96
CA ARG B 683 -16.15 -31.15 4.11
C ARG B 683 -14.94 -30.28 4.40
N VAL B 684 -14.35 -29.68 3.36
CA VAL B 684 -13.27 -28.72 3.56
C VAL B 684 -13.82 -27.42 4.13
N ARG B 685 -15.00 -27.01 3.65
CA ARG B 685 -15.62 -25.76 4.09
C ARG B 685 -16.03 -25.82 5.55
N LYS B 686 -16.53 -26.99 6.00
CA LYS B 686 -17.02 -27.09 7.36
C LYS B 686 -15.90 -27.35 8.36
N SER B 687 -14.96 -28.23 8.04
CA SER B 687 -13.99 -28.68 9.04
C SER B 687 -12.81 -27.74 9.22
N LYS B 688 -13.08 -26.44 9.38
CA LYS B 688 -12.22 -25.38 9.91
C LYS B 688 -10.76 -25.39 9.50
N GLY B 689 -10.47 -25.74 8.25
CA GLY B 689 -9.10 -25.87 7.78
C GLY B 689 -8.31 -26.96 8.48
N LYS B 690 -9.01 -28.03 8.85
CA LYS B 690 -8.37 -29.19 9.46
C LYS B 690 -8.44 -30.36 8.47
N TYR B 691 -9.13 -30.15 7.37
CA TYR B 691 -9.34 -31.17 6.36
C TYR B 691 -8.82 -30.68 5.01
N ALA B 692 -8.10 -31.55 4.31
CA ALA B 692 -7.50 -31.23 3.01
C ALA B 692 -7.88 -32.31 2.02
N TYR B 693 -8.71 -31.96 1.04
CA TYR B 693 -9.14 -32.91 0.03
C TYR B 693 -8.22 -32.84 -1.17
N LEU B 694 -8.11 -33.95 -1.92
CA LEU B 694 -7.17 -34.06 -3.02
C LEU B 694 -7.93 -34.28 -4.32
N LEU B 695 -7.98 -33.25 -5.15
CA LEU B 695 -8.73 -33.24 -6.40
C LEU B 695 -7.82 -33.23 -7.61
N GLU B 696 -8.43 -33.39 -8.77
CA GLU B 696 -7.82 -33.05 -10.05
C GLU B 696 -7.67 -31.54 -10.11
N SER B 697 -6.63 -31.05 -10.81
CA SER B 697 -6.35 -29.62 -10.78
C SER B 697 -7.26 -28.81 -11.70
N THR B 698 -8.25 -29.44 -12.32
CA THR B 698 -9.25 -28.68 -13.06
C THR B 698 -10.40 -28.29 -12.14
N MET B 699 -10.75 -29.17 -11.22
CA MET B 699 -11.82 -28.86 -10.28
C MET B 699 -11.35 -27.89 -9.20
N ASN B 700 -10.08 -27.98 -8.82
CA ASN B 700 -9.54 -27.06 -7.81
C ASN B 700 -9.47 -25.63 -8.33
N GLU B 701 -9.20 -25.46 -9.62
CA GLU B 701 -9.14 -24.11 -10.17
C GLU B 701 -10.52 -23.55 -10.46
N TYR B 702 -11.54 -24.41 -10.47
CA TYR B 702 -12.90 -23.94 -10.73
C TYR B 702 -13.65 -23.65 -9.44
N ILE B 703 -13.57 -24.54 -8.46
CA ILE B 703 -14.28 -24.42 -7.20
C ILE B 703 -13.69 -23.26 -6.39
N GLU B 704 -12.41 -22.94 -6.64
CA GLU B 704 -11.80 -21.72 -6.10
C GLU B 704 -12.48 -20.49 -6.68
N GLN B 705 -12.88 -20.57 -7.95
CA GLN B 705 -13.61 -19.48 -8.59
C GLN B 705 -15.12 -19.69 -8.49
N ARG B 706 -15.63 -19.93 -7.28
CA ARG B 706 -17.06 -20.08 -7.06
C ARG B 706 -17.53 -19.32 -5.83
N LYS B 707 -18.84 -19.14 -5.71
CA LYS B 707 -19.43 -18.53 -4.54
C LYS B 707 -20.08 -19.63 -3.71
N PRO B 708 -19.76 -19.74 -2.41
CA PRO B 708 -18.88 -18.94 -1.56
C PRO B 708 -17.38 -19.15 -1.80
N CYS B 709 -16.63 -18.06 -1.90
CA CYS B 709 -15.18 -18.15 -2.03
C CYS B 709 -14.60 -18.68 -0.72
N ASP B 710 -14.27 -19.97 -0.68
CA ASP B 710 -13.88 -20.57 0.58
C ASP B 710 -12.69 -21.52 0.47
N THR B 711 -12.30 -21.95 -0.73
CA THR B 711 -11.21 -22.91 -0.87
C THR B 711 -10.19 -22.41 -1.88
N MET B 712 -8.95 -22.88 -1.73
CA MET B 712 -7.81 -22.48 -2.54
C MET B 712 -6.90 -23.68 -2.75
N LYS B 713 -6.28 -23.78 -3.93
CA LYS B 713 -5.33 -24.85 -4.22
C LYS B 713 -3.96 -24.39 -3.76
N VAL B 714 -3.16 -25.31 -3.22
CA VAL B 714 -1.81 -25.02 -2.76
C VAL B 714 -0.87 -26.07 -3.32
N GLY B 715 0.30 -25.62 -3.79
CA GLY B 715 1.35 -26.54 -4.19
C GLY B 715 1.36 -26.85 -5.67
N GLY B 716 2.32 -27.68 -6.08
CA GLY B 716 2.40 -28.11 -7.46
C GLY B 716 1.60 -29.37 -7.69
N ASN B 717 1.31 -29.67 -8.95
CA ASN B 717 0.60 -30.88 -9.33
C ASN B 717 1.41 -32.12 -8.94
N LEU B 718 0.75 -33.08 -8.27
CA LEU B 718 1.46 -34.24 -7.78
C LEU B 718 1.86 -35.17 -8.91
N ASP B 719 0.95 -35.40 -9.86
CA ASP B 719 1.27 -36.15 -11.06
C ASP B 719 0.91 -35.35 -12.29
N SER B 720 0.97 -35.96 -13.46
CA SER B 720 0.54 -35.26 -14.66
C SER B 720 -0.23 -36.23 -15.54
N LYS B 721 -1.47 -35.87 -15.84
CA LYS B 721 -2.31 -36.59 -16.77
C LYS B 721 -2.96 -35.56 -17.67
N GLY B 722 -3.57 -36.01 -18.76
CA GLY B 722 -4.09 -35.09 -19.74
C GLY B 722 -5.49 -35.47 -20.18
N TYR B 723 -6.16 -34.51 -20.77
CA TYR B 723 -7.45 -34.70 -21.40
C TYR B 723 -7.24 -35.10 -22.85
N GLY B 724 -8.33 -35.32 -23.57
CA GLY B 724 -8.18 -35.69 -24.96
C GLY B 724 -9.48 -35.82 -25.73
N ILE B 725 -9.53 -35.20 -26.91
CA ILE B 725 -10.65 -35.38 -27.83
C ILE B 725 -10.51 -36.76 -28.45
N ALA B 726 -11.35 -37.70 -28.03
CA ALA B 726 -11.24 -39.06 -28.52
C ALA B 726 -11.86 -39.19 -29.90
N THR B 727 -11.57 -40.31 -30.58
CA THR B 727 -12.08 -40.73 -31.88
C THR B 727 -12.15 -42.25 -31.84
N PRO B 728 -13.12 -42.88 -32.52
CA PRO B 728 -13.16 -44.36 -32.60
C PRO B 728 -11.91 -44.98 -33.23
N LYS B 729 -11.75 -46.30 -33.04
CA LYS B 729 -10.52 -47.06 -33.28
C LYS B 729 -9.95 -46.89 -34.69
N GLY B 730 -10.81 -46.67 -35.67
CA GLY B 730 -10.38 -46.25 -36.98
C GLY B 730 -11.39 -45.34 -37.61
N SER B 731 -11.00 -44.10 -37.91
CA SER B 731 -11.94 -43.14 -38.45
C SER B 731 -11.28 -42.23 -39.49
N SER B 732 -12.08 -41.32 -40.04
CA SER B 732 -11.57 -40.26 -40.91
C SER B 732 -11.29 -38.97 -40.16
N LEU B 733 -11.76 -38.83 -38.92
CA LEU B 733 -11.56 -37.61 -38.16
C LEU B 733 -10.30 -37.65 -37.31
N GLY B 734 -9.78 -38.85 -37.04
CA GLY B 734 -8.65 -39.08 -36.13
C GLY B 734 -7.40 -38.26 -36.36
N THR B 735 -6.97 -38.16 -37.61
CA THR B 735 -5.80 -37.33 -37.93
C THR B 735 -6.12 -35.84 -38.05
N PRO B 736 -7.21 -35.36 -38.77
CA PRO B 736 -7.41 -33.90 -38.84
C PRO B 736 -7.76 -33.23 -37.52
N VAL B 737 -8.39 -33.95 -36.60
CA VAL B 737 -8.62 -33.42 -35.27
C VAL B 737 -7.31 -33.31 -34.50
N ASN B 738 -6.41 -34.29 -34.68
CA ASN B 738 -5.15 -34.36 -33.96
C ASN B 738 -4.25 -33.17 -34.26
N LEU B 739 -4.26 -32.71 -35.52
CA LEU B 739 -3.51 -31.52 -35.86
C LEU B 739 -4.31 -30.25 -35.53
N ALA B 740 -5.61 -30.38 -35.30
CA ALA B 740 -6.42 -29.22 -34.96
C ALA B 740 -6.28 -28.86 -33.49
N VAL B 741 -6.09 -29.87 -32.63
CA VAL B 741 -5.91 -29.64 -31.20
C VAL B 741 -4.60 -28.91 -30.95
N LEU B 742 -3.56 -29.25 -31.73
CA LEU B 742 -2.29 -28.56 -31.59
C LEU B 742 -2.36 -27.16 -32.15
N LYS B 743 -3.06 -26.97 -33.26
CA LYS B 743 -3.08 -25.67 -33.94
C LYS B 743 -3.86 -24.64 -33.13
N LEU B 744 -4.88 -25.09 -32.39
CA LEU B 744 -5.54 -24.20 -31.43
C LEU B 744 -4.60 -23.82 -30.29
N SER B 745 -3.79 -24.77 -29.84
CA SER B 745 -2.90 -24.55 -28.71
C SER B 745 -1.74 -23.63 -29.08
N GLU B 746 -1.25 -23.73 -30.32
CA GLU B 746 -0.17 -22.88 -30.78
C GLU B 746 -0.61 -21.44 -30.92
N GLN B 747 -1.85 -21.23 -31.39
CA GLN B 747 -2.39 -19.89 -31.56
C GLN B 747 -2.82 -19.25 -30.25
N GLY B 748 -3.06 -20.04 -29.21
CA GLY B 748 -3.50 -19.52 -27.94
C GLY B 748 -4.99 -19.61 -27.70
N VAL B 749 -5.71 -20.38 -28.54
CA VAL B 749 -7.15 -20.51 -28.38
C VAL B 749 -7.48 -21.32 -27.13
N LEU B 750 -6.75 -22.42 -26.93
CA LEU B 750 -7.00 -23.28 -25.76
C LEU B 750 -6.56 -22.60 -24.48
N ASP B 751 -5.63 -21.67 -24.56
CA ASP B 751 -5.22 -20.91 -23.37
C ASP B 751 -6.21 -19.78 -23.09
N LYS B 752 -6.90 -19.31 -24.12
CA LYS B 752 -7.88 -18.25 -23.93
C LYS B 752 -9.20 -18.80 -23.42
N LEU B 753 -9.60 -19.98 -23.93
CA LEU B 753 -10.89 -20.55 -23.54
C LEU B 753 -10.87 -21.06 -22.11
N LYS B 754 -9.71 -21.50 -21.64
CA LYS B 754 -9.56 -21.81 -20.22
C LYS B 754 -9.64 -20.54 -19.38
N ASN B 755 -9.02 -19.47 -19.88
CA ASN B 755 -9.01 -18.16 -19.23
C ASN B 755 -10.42 -17.60 -19.14
N LYS B 756 -11.23 -17.83 -20.16
CA LYS B 756 -12.59 -17.32 -20.20
C LYS B 756 -13.49 -18.02 -19.18
N TRP B 757 -13.59 -19.35 -19.26
CA TRP B 757 -14.56 -20.07 -18.44
C TRP B 757 -14.12 -20.21 -16.98
N TRP B 758 -12.86 -20.54 -16.73
CA TRP B 758 -12.39 -20.61 -15.35
C TRP B 758 -12.21 -19.24 -14.72
N TYR B 759 -11.46 -18.33 -15.37
CA TYR B 759 -11.03 -17.11 -14.68
C TYR B 759 -11.86 -15.88 -14.99
N ASP B 760 -12.44 -15.79 -16.20
CA ASP B 760 -13.20 -14.60 -16.54
C ASP B 760 -14.67 -14.74 -16.16
N LYS B 761 -15.34 -15.79 -16.65
CA LYS B 761 -16.74 -16.01 -16.29
C LYS B 761 -16.86 -16.66 -14.93
N GLY B 762 -16.41 -15.97 -13.88
CA GLY B 762 -16.38 -16.54 -12.55
C GLY B 762 -16.34 -15.50 -11.45
N GLU B 763 -16.68 -15.91 -10.24
CA GLU B 763 -16.70 -15.05 -9.07
C GLU B 763 -15.32 -14.85 -8.47
N CYS B 764 -15.28 -14.35 -7.23
CA CYS B 764 -14.09 -14.19 -6.38
C CYS B 764 -13.11 -13.17 -6.93
N GLY B 765 -13.57 -12.25 -7.78
CA GLY B 765 -12.78 -11.15 -8.29
C GLY B 765 -11.51 -11.52 -9.04
N ALA B 766 -10.37 -11.22 -8.45
CA ALA B 766 -9.08 -11.50 -9.06
C ALA B 766 -8.12 -12.13 -8.05
N GLU B 773 -7.76 -4.20 4.62
CA GLU B 773 -8.03 -2.92 3.99
C GLU B 773 -9.40 -2.44 4.47
N LYS B 774 -10.01 -3.25 5.35
CA LYS B 774 -11.31 -2.91 5.91
C LYS B 774 -11.21 -2.18 7.24
N THR B 775 -10.00 -1.99 7.77
CA THR B 775 -9.68 -1.27 9.01
C THR B 775 -10.43 -1.84 10.21
N SER B 776 -10.17 -3.09 10.56
CA SER B 776 -10.84 -3.76 11.67
C SER B 776 -10.25 -3.21 12.97
N ALA B 777 -11.13 -2.74 13.85
CA ALA B 777 -10.71 -2.31 15.18
C ALA B 777 -10.24 -3.50 16.01
N LEU B 778 -9.44 -3.23 17.03
CA LEU B 778 -8.98 -4.29 17.93
C LEU B 778 -10.13 -4.87 18.72
N SER B 779 -9.99 -6.13 19.12
CA SER B 779 -11.00 -6.81 19.91
C SER B 779 -10.40 -7.11 21.27
N LEU B 780 -11.26 -7.52 22.21
CA LEU B 780 -10.80 -7.80 23.56
C LEU B 780 -10.01 -9.11 23.58
N SER B 781 -10.21 -9.94 22.55
CA SER B 781 -9.41 -11.15 22.40
C SER B 781 -7.99 -10.87 21.93
N ASN B 782 -7.76 -9.71 21.31
CA ASN B 782 -6.40 -9.33 20.91
C ASN B 782 -5.55 -9.00 22.12
N VAL B 783 -5.94 -7.98 22.88
CA VAL B 783 -5.37 -7.78 24.20
C VAL B 783 -6.23 -8.51 25.23
N ALA B 784 -6.01 -9.80 25.36
CA ALA B 784 -6.72 -10.63 26.32
C ALA B 784 -5.86 -11.05 27.50
N GLY B 785 -4.64 -11.51 27.23
CA GLY B 785 -3.81 -12.04 28.30
C GLY B 785 -3.22 -10.97 29.20
N VAL B 786 -3.31 -9.71 28.77
CA VAL B 786 -2.81 -8.62 29.60
C VAL B 786 -3.72 -8.44 30.81
N PHE B 787 -5.02 -8.70 30.64
CA PHE B 787 -5.94 -8.77 31.76
C PHE B 787 -5.64 -9.98 32.64
N TYR B 788 -5.13 -11.05 32.04
CA TYR B 788 -4.85 -12.27 32.80
C TYR B 788 -3.58 -12.09 33.62
N ILE B 789 -2.59 -11.39 33.07
CA ILE B 789 -1.38 -11.07 33.82
C ILE B 789 -1.70 -10.06 34.91
N LEU B 790 -2.65 -9.15 34.63
CA LEU B 790 -3.03 -8.13 35.61
C LEU B 790 -3.71 -8.76 36.82
N VAL B 791 -4.77 -9.54 36.59
CA VAL B 791 -5.48 -10.18 37.70
C VAL B 791 -4.63 -11.29 38.31
N GLY B 792 -3.85 -11.97 37.47
CA GLY B 792 -2.89 -12.93 37.99
C GLY B 792 -1.77 -12.27 38.78
N GLY B 793 -1.53 -10.98 38.54
CA GLY B 793 -0.67 -10.22 39.43
C GLY B 793 -1.37 -9.83 40.72
N LEU B 794 -2.64 -9.44 40.61
CA LEU B 794 -3.38 -9.02 41.79
C LEU B 794 -3.70 -10.20 42.71
N GLY B 795 -3.94 -11.38 42.13
CA GLY B 795 -4.20 -12.56 42.92
C GLY B 795 -2.95 -13.06 43.60
N LEU B 796 -1.81 -12.93 42.91
CA LEU B 796 -0.53 -13.29 43.50
C LEU B 796 -0.11 -12.32 44.60
N ALA B 797 -0.65 -11.10 44.58
CA ALA B 797 -0.36 -10.14 45.65
C ALA B 797 -1.03 -10.54 46.95
N MET B 798 -2.27 -11.02 46.87
CA MET B 798 -3.03 -11.33 48.08
C MET B 798 -2.54 -12.62 48.73
N LEU B 799 -1.91 -13.50 47.94
CA LEU B 799 -1.34 -14.72 48.49
C LEU B 799 -0.12 -14.41 49.35
N VAL B 800 0.81 -13.60 48.83
CA VAL B 800 2.05 -13.33 49.54
C VAL B 800 1.80 -12.36 50.70
N ALA B 801 0.73 -11.55 50.60
CA ALA B 801 0.29 -10.78 51.76
C ALA B 801 -0.21 -11.68 52.88
N LEU B 802 -0.95 -12.72 52.52
CA LEU B 802 -1.40 -13.71 53.50
C LEU B 802 -0.20 -14.48 54.07
N ILE B 803 0.82 -14.69 53.24
CA ILE B 803 2.10 -15.21 53.74
C ILE B 803 2.77 -14.19 54.66
N GLU B 804 2.69 -12.90 54.31
CA GLU B 804 3.33 -11.84 55.07
C GLU B 804 2.70 -11.68 56.45
N PHE B 805 1.36 -11.66 56.50
CA PHE B 805 0.61 -11.53 57.74
C PHE B 805 0.85 -12.71 58.68
N CYS B 806 1.20 -13.86 58.13
CA CYS B 806 1.54 -15.05 58.91
C CYS B 806 2.78 -14.84 59.76
N TYR B 807 3.92 -14.49 59.16
CA TYR B 807 5.14 -14.37 59.95
C TYR B 807 5.29 -13.00 60.60
N LYS B 808 4.44 -12.04 60.24
CA LYS B 808 4.48 -10.74 60.91
C LYS B 808 3.89 -10.85 62.31
N SER B 809 2.70 -11.44 62.42
CA SER B 809 2.06 -11.60 63.73
C SER B 809 2.75 -12.69 64.55
N ARG B 810 3.40 -13.64 63.88
CA ARG B 810 4.10 -14.70 64.59
C ARG B 810 5.39 -14.19 65.23
N ALA B 811 6.11 -13.33 64.53
CA ALA B 811 7.34 -12.75 65.06
C ALA B 811 7.05 -11.44 65.79
N GLN C 383 15.69 -60.16 -35.20
CA GLN C 383 15.34 -58.75 -35.28
C GLN C 383 16.60 -57.89 -35.32
N LYS C 384 16.49 -56.71 -35.93
CA LYS C 384 17.63 -55.82 -36.09
C LYS C 384 17.86 -54.97 -34.84
N THR C 385 18.76 -53.99 -34.93
CA THR C 385 19.07 -53.10 -33.81
C THR C 385 18.51 -51.72 -34.16
N VAL C 386 17.44 -51.34 -33.46
CA VAL C 386 16.79 -50.05 -33.60
C VAL C 386 17.76 -48.95 -33.19
N VAL C 387 17.80 -47.85 -33.95
CA VAL C 387 18.81 -46.81 -33.75
C VAL C 387 18.19 -45.57 -33.10
N VAL C 388 18.41 -45.42 -31.80
CA VAL C 388 17.93 -44.27 -31.04
C VAL C 388 18.83 -43.07 -31.35
N THR C 389 18.24 -41.85 -31.44
CA THR C 389 18.99 -40.62 -31.75
C THR C 389 18.66 -39.50 -30.74
N THR C 390 19.41 -39.45 -29.64
CA THR C 390 19.17 -38.42 -28.63
C THR C 390 20.14 -37.26 -28.88
N ILE C 391 20.26 -36.33 -27.92
CA ILE C 391 21.06 -35.13 -28.02
C ILE C 391 21.83 -34.95 -26.72
N LEU C 392 23.08 -34.45 -26.79
CA LEU C 392 23.81 -34.13 -25.57
C LEU C 392 23.25 -32.89 -24.87
N GLU C 393 22.13 -33.06 -24.19
CA GLU C 393 21.58 -32.03 -23.31
C GLU C 393 21.37 -32.63 -21.94
N SER C 394 21.86 -31.93 -20.92
CA SER C 394 21.78 -32.41 -19.55
C SER C 394 20.43 -32.03 -18.96
N PRO C 395 19.82 -32.88 -18.11
CA PRO C 395 20.30 -34.21 -17.70
C PRO C 395 19.71 -35.33 -18.55
N TYR C 396 19.31 -35.03 -19.78
CA TYR C 396 18.63 -36.02 -20.60
C TYR C 396 19.60 -37.06 -21.11
N VAL C 397 20.58 -36.64 -21.91
CA VAL C 397 21.72 -37.48 -22.27
C VAL C 397 22.99 -36.67 -22.08
N MET C 398 23.90 -37.19 -21.27
CA MET C 398 25.21 -36.61 -21.05
C MET C 398 26.19 -37.77 -20.91
N MET C 399 27.45 -37.52 -21.24
CA MET C 399 28.46 -38.58 -21.21
C MET C 399 28.69 -39.07 -19.80
N LYS C 400 28.93 -40.37 -19.66
CA LYS C 400 29.30 -40.91 -18.36
C LYS C 400 30.74 -40.50 -18.06
N LYS C 401 31.05 -40.40 -16.76
CA LYS C 401 32.36 -39.91 -16.33
C LYS C 401 33.48 -40.85 -16.78
N ASN C 402 33.21 -42.15 -16.78
CA ASN C 402 34.17 -43.11 -17.31
C ASN C 402 33.95 -43.37 -18.79
N HIS C 403 33.91 -42.31 -19.61
CA HIS C 403 33.86 -42.57 -21.03
C HIS C 403 35.29 -42.57 -21.57
N GLU C 404 35.45 -42.71 -22.89
CA GLU C 404 36.65 -43.15 -23.63
C GLU C 404 37.27 -44.42 -23.07
N MET C 405 36.49 -45.23 -22.35
CA MET C 405 36.93 -46.48 -21.75
C MET C 405 35.85 -47.54 -21.96
N LEU C 406 34.73 -47.12 -22.58
CA LEU C 406 33.57 -47.97 -22.77
C LEU C 406 33.16 -47.94 -24.23
N GLU C 407 32.00 -48.53 -24.57
CA GLU C 407 31.68 -48.74 -25.97
C GLU C 407 30.18 -48.64 -26.19
N GLY C 408 29.78 -47.95 -27.26
CA GLY C 408 28.44 -48.01 -27.80
C GLY C 408 27.36 -47.30 -26.99
N ASN C 409 26.38 -48.06 -26.52
CA ASN C 409 25.28 -47.51 -25.75
C ASN C 409 25.47 -47.65 -24.25
N GLU C 410 26.65 -48.09 -23.81
CA GLU C 410 26.93 -48.12 -22.38
C GLU C 410 28.03 -47.09 -22.14
N ARG C 411 27.93 -45.98 -22.84
CA ARG C 411 28.76 -44.82 -22.59
C ARG C 411 27.94 -43.63 -22.10
N TYR C 412 26.62 -43.70 -22.17
CA TYR C 412 25.73 -42.58 -21.91
C TYR C 412 24.94 -42.85 -20.64
N GLU C 413 24.50 -41.76 -20.02
CA GLU C 413 23.63 -41.86 -18.86
C GLU C 413 22.77 -40.61 -18.80
N GLY C 414 21.61 -40.73 -18.19
CA GLY C 414 20.69 -39.62 -18.10
C GLY C 414 19.27 -40.09 -18.00
N TYR C 415 18.35 -39.17 -18.26
CA TYR C 415 16.93 -39.47 -18.23
C TYR C 415 16.56 -40.36 -19.41
N CYS C 416 16.97 -39.95 -20.61
CA CYS C 416 16.57 -40.68 -21.81
C CYS C 416 17.33 -42.00 -21.96
N VAL C 417 18.46 -42.16 -21.27
CA VAL C 417 19.14 -43.45 -21.28
C VAL C 417 18.40 -44.44 -20.40
N ASP C 418 17.84 -43.96 -19.28
CA ASP C 418 17.00 -44.82 -18.46
C ASP C 418 15.65 -45.07 -19.12
N LEU C 419 15.16 -44.08 -19.87
CA LEU C 419 13.88 -44.23 -20.54
C LEU C 419 13.97 -45.17 -21.74
N ALA C 420 15.11 -45.17 -22.42
CA ALA C 420 15.34 -46.11 -23.52
C ALA C 420 15.37 -47.54 -23.02
N ALA C 421 15.94 -47.74 -21.83
CA ALA C 421 15.97 -49.08 -21.24
C ALA C 421 14.58 -49.54 -20.81
N GLU C 422 13.71 -48.60 -20.46
CA GLU C 422 12.35 -48.95 -20.04
C GLU C 422 11.48 -49.34 -21.23
N ILE C 423 11.44 -48.50 -22.26
CA ILE C 423 10.61 -48.69 -23.45
C ILE C 423 10.98 -49.98 -24.18
N ALA C 424 12.27 -50.28 -24.26
CA ALA C 424 12.77 -51.47 -24.93
C ALA C 424 12.29 -52.77 -24.31
N LYS C 425 12.10 -52.78 -23.00
CA LYS C 425 11.58 -53.97 -22.32
C LYS C 425 10.12 -54.19 -22.70
N HIS C 426 9.32 -53.13 -22.70
CA HIS C 426 7.92 -53.22 -23.06
C HIS C 426 7.72 -53.54 -24.53
N CYS C 427 8.32 -52.74 -25.41
CA CYS C 427 8.10 -52.88 -26.85
C CYS C 427 8.67 -54.17 -27.42
N GLY C 428 9.96 -54.44 -27.21
CA GLY C 428 10.56 -55.60 -27.83
C GLY C 428 11.87 -55.32 -28.53
N PHE C 429 12.47 -54.15 -28.25
CA PHE C 429 13.64 -53.67 -28.98
C PHE C 429 14.90 -54.47 -28.70
N LYS C 430 15.98 -54.09 -29.38
CA LYS C 430 17.34 -54.26 -28.86
C LYS C 430 18.08 -53.04 -29.38
N TYR C 431 18.08 -51.97 -28.59
CA TYR C 431 18.39 -50.64 -29.08
C TYR C 431 19.90 -50.42 -29.14
N LYS C 432 20.30 -49.30 -29.73
CA LYS C 432 21.68 -48.87 -29.82
C LYS C 432 21.71 -47.36 -30.02
N LEU C 433 22.05 -46.59 -28.98
CA LEU C 433 22.01 -45.14 -29.10
C LEU C 433 23.07 -44.59 -30.04
N THR C 434 22.69 -43.57 -30.80
CA THR C 434 23.66 -42.70 -31.45
C THR C 434 23.37 -41.30 -30.91
N ILE C 435 24.07 -40.31 -31.45
CA ILE C 435 23.89 -38.92 -31.08
C ILE C 435 23.62 -38.15 -32.37
N VAL C 436 22.65 -37.23 -32.31
CA VAL C 436 22.18 -36.37 -33.40
C VAL C 436 23.34 -35.75 -34.18
N GLY C 437 23.22 -35.78 -35.51
CA GLY C 437 24.26 -35.34 -36.42
C GLY C 437 24.80 -33.94 -36.23
N ASP C 438 24.04 -32.92 -36.64
CA ASP C 438 24.60 -31.57 -36.61
C ASP C 438 24.77 -31.05 -35.18
N GLY C 439 23.71 -30.52 -34.59
CA GLY C 439 23.59 -30.42 -33.15
C GLY C 439 22.15 -30.36 -32.69
N LYS C 440 21.24 -30.21 -33.65
CA LYS C 440 19.98 -29.52 -33.39
C LYS C 440 18.79 -30.44 -33.13
N TYR C 441 17.66 -29.86 -32.73
CA TYR C 441 16.45 -30.63 -32.50
C TYR C 441 15.77 -30.95 -33.82
N GLY C 442 15.28 -29.91 -34.49
CA GLY C 442 14.60 -30.07 -35.75
C GLY C 442 13.88 -28.80 -36.15
N ALA C 443 14.06 -28.41 -37.40
CA ALA C 443 13.43 -27.22 -37.94
C ALA C 443 13.43 -27.28 -39.46
N ARG C 444 12.75 -26.35 -40.12
CA ARG C 444 12.70 -26.30 -41.57
C ARG C 444 13.44 -25.04 -42.03
N ASP C 445 14.60 -25.24 -42.66
CA ASP C 445 15.30 -24.13 -43.31
C ASP C 445 14.45 -23.56 -44.43
N ALA C 446 13.99 -22.32 -44.29
CA ALA C 446 13.00 -21.72 -45.17
C ALA C 446 13.50 -21.43 -46.59
N ASP C 447 14.78 -21.65 -46.90
CA ASP C 447 15.30 -21.45 -48.24
C ASP C 447 15.34 -22.73 -49.06
N THR C 448 15.64 -23.86 -48.42
CA THR C 448 15.82 -25.13 -49.11
C THR C 448 14.84 -26.22 -48.68
N LYS C 449 14.08 -25.97 -47.60
CA LYS C 449 13.06 -26.85 -47.05
C LYS C 449 13.60 -28.21 -46.63
N ILE C 450 14.86 -28.25 -46.22
CA ILE C 450 15.46 -29.45 -45.65
C ILE C 450 15.30 -29.36 -44.14
N TRP C 451 15.25 -30.51 -43.47
CA TRP C 451 15.16 -30.53 -42.02
C TRP C 451 16.56 -30.63 -41.42
N ASN C 452 16.69 -30.49 -40.10
CA ASN C 452 18.02 -30.49 -39.50
C ASN C 452 18.07 -31.00 -38.07
N GLY C 453 18.71 -32.14 -37.85
CA GLY C 453 18.87 -32.63 -36.50
C GLY C 453 18.19 -33.94 -36.22
N MET C 454 17.42 -34.00 -35.13
CA MET C 454 16.75 -35.26 -34.81
C MET C 454 15.54 -35.47 -35.70
N VAL C 455 14.79 -34.40 -35.97
CA VAL C 455 13.68 -34.49 -36.90
C VAL C 455 14.21 -34.65 -38.32
N GLY C 456 15.38 -34.08 -38.58
CA GLY C 456 16.07 -34.26 -39.86
C GLY C 456 16.46 -35.69 -40.15
N GLU C 457 16.94 -36.39 -39.14
CA GLU C 457 17.49 -37.72 -39.36
C GLU C 457 16.39 -38.77 -39.48
N LEU C 458 15.27 -38.59 -38.79
CA LEU C 458 14.29 -39.66 -38.75
C LEU C 458 13.31 -39.60 -39.94
N VAL C 459 13.23 -38.46 -40.60
CA VAL C 459 12.42 -38.35 -41.82
C VAL C 459 13.17 -38.98 -42.98
N TYR C 460 14.47 -38.72 -43.09
CA TYR C 460 15.22 -38.93 -44.32
C TYR C 460 15.81 -40.33 -44.44
N GLY C 461 15.20 -41.32 -43.80
CA GLY C 461 15.57 -42.70 -44.04
C GLY C 461 16.44 -43.31 -42.96
N LYS C 462 17.36 -42.52 -42.41
CA LYS C 462 18.12 -42.95 -41.26
C LYS C 462 17.24 -43.00 -40.01
N ALA C 463 17.85 -43.43 -38.89
CA ALA C 463 17.43 -42.97 -37.58
C ALA C 463 16.02 -43.30 -37.13
N ASP C 464 15.83 -44.50 -36.58
CA ASP C 464 14.56 -44.88 -35.95
C ASP C 464 14.32 -44.12 -34.64
N ILE C 465 13.57 -44.75 -33.72
CA ILE C 465 12.91 -44.20 -32.53
C ILE C 465 13.74 -43.14 -31.79
N ALA C 466 13.10 -42.07 -31.32
CA ALA C 466 13.80 -40.81 -31.10
C ALA C 466 13.57 -40.30 -29.68
N ILE C 467 13.90 -41.14 -28.70
CA ILE C 467 13.58 -40.91 -27.30
C ILE C 467 14.43 -39.75 -26.80
N ALA C 468 13.84 -38.55 -26.74
CA ALA C 468 14.63 -37.33 -26.70
C ALA C 468 13.78 -36.11 -26.36
N PRO C 469 14.36 -34.98 -25.89
CA PRO C 469 13.55 -33.81 -25.58
C PRO C 469 12.99 -33.08 -26.79
N LEU C 470 12.09 -33.72 -27.52
CA LEU C 470 11.56 -33.18 -28.77
C LEU C 470 10.19 -32.60 -28.47
N THR C 471 10.08 -31.27 -28.48
CA THR C 471 8.84 -30.57 -28.12
C THR C 471 7.75 -30.80 -29.16
N ILE C 472 6.54 -31.12 -28.73
CA ILE C 472 5.42 -31.39 -29.61
C ILE C 472 4.92 -30.05 -30.14
N THR C 473 5.21 -29.76 -31.40
CA THR C 473 4.65 -28.61 -32.09
C THR C 473 3.87 -29.10 -33.30
N LEU C 474 3.19 -28.16 -33.96
CA LEU C 474 2.39 -28.50 -35.13
C LEU C 474 3.27 -28.83 -36.32
N VAL C 475 4.36 -28.08 -36.51
CA VAL C 475 5.15 -28.20 -37.73
C VAL C 475 6.00 -29.47 -37.72
N ARG C 476 6.17 -30.08 -36.54
CA ARG C 476 6.88 -31.34 -36.51
C ARG C 476 5.96 -32.52 -36.76
N GLU C 477 4.75 -32.49 -36.20
CA GLU C 477 3.88 -33.66 -36.25
C GLU C 477 3.16 -33.78 -37.60
N GLU C 478 3.30 -32.78 -38.47
CA GLU C 478 2.82 -32.93 -39.84
C GLU C 478 3.62 -33.97 -40.61
N VAL C 479 4.89 -34.14 -40.27
CA VAL C 479 5.78 -35.02 -41.03
C VAL C 479 6.25 -36.21 -40.21
N ILE C 480 6.14 -36.16 -38.88
CA ILE C 480 6.55 -37.28 -38.02
C ILE C 480 5.40 -37.62 -37.08
N ASP C 481 5.49 -38.79 -36.43
CA ASP C 481 4.54 -39.18 -35.39
C ASP C 481 5.15 -38.98 -34.01
N PHE C 482 4.46 -38.21 -33.18
CA PHE C 482 4.78 -38.07 -31.77
C PHE C 482 3.93 -39.01 -30.93
N SER C 483 4.51 -39.53 -29.84
CA SER C 483 3.75 -40.29 -28.87
C SER C 483 3.05 -39.35 -27.89
N LYS C 484 2.37 -39.91 -26.89
CA LYS C 484 1.80 -39.03 -25.88
C LYS C 484 2.91 -38.51 -24.97
N PRO C 485 2.78 -37.27 -24.45
CA PRO C 485 3.90 -36.63 -23.76
C PRO C 485 4.33 -37.34 -22.48
N PHE C 486 5.63 -37.61 -22.37
CA PHE C 486 6.17 -38.20 -21.16
C PHE C 486 6.61 -37.16 -20.15
N MET C 487 6.49 -35.88 -20.48
CA MET C 487 6.89 -34.80 -19.58
C MET C 487 6.19 -33.53 -20.04
N SER C 488 5.69 -32.77 -19.06
CA SER C 488 4.86 -31.60 -19.34
C SER C 488 5.60 -30.35 -18.87
N LEU C 489 6.24 -29.65 -19.81
CA LEU C 489 7.00 -28.45 -19.49
C LEU C 489 6.16 -27.19 -19.70
N GLY C 490 6.80 -26.02 -19.62
CA GLY C 490 6.14 -24.75 -19.82
C GLY C 490 7.11 -23.60 -19.65
N ILE C 491 6.75 -22.41 -20.13
CA ILE C 491 7.64 -21.25 -19.93
C ILE C 491 7.47 -20.75 -18.51
N SER C 492 8.59 -20.66 -17.78
CA SER C 492 8.56 -20.28 -16.38
C SER C 492 9.60 -19.20 -16.10
N ILE C 493 9.51 -18.63 -14.90
CA ILE C 493 10.30 -17.46 -14.52
C ILE C 493 11.47 -17.91 -13.65
N MET C 494 12.67 -17.46 -13.98
CA MET C 494 13.84 -17.64 -13.14
C MET C 494 14.24 -16.30 -12.52
N ILE C 495 14.35 -16.28 -11.19
CA ILE C 495 14.86 -15.12 -10.47
C ILE C 495 15.91 -15.61 -9.48
N LYS C 496 16.87 -14.74 -9.14
CA LYS C 496 17.87 -15.05 -8.14
C LYS C 496 17.22 -15.17 -6.76
N LYS C 497 17.75 -16.07 -5.94
CA LYS C 497 17.31 -16.42 -4.58
C LYS C 497 17.17 -15.16 -3.73
N PRO C 498 16.09 -15.05 -2.89
CA PRO C 498 15.75 -13.77 -2.24
C PRO C 498 16.78 -13.10 -1.34
N GLN C 499 17.93 -13.74 -1.07
CA GLN C 499 19.21 -13.15 -0.64
C GLN C 499 19.10 -12.23 0.59
N LYS C 500 18.89 -12.85 1.76
CA LYS C 500 18.69 -12.21 3.05
C LYS C 500 19.79 -11.17 3.32
N SER C 501 19.43 -10.08 3.99
CA SER C 501 20.19 -8.83 3.95
C SER C 501 20.50 -8.34 5.36
N LYS C 502 21.14 -9.22 6.15
CA LYS C 502 21.36 -9.24 7.60
C LYS C 502 21.57 -7.87 8.23
N PRO C 503 20.75 -7.52 9.24
CA PRO C 503 20.75 -6.16 9.79
C PRO C 503 22.02 -5.87 10.57
N GLY C 504 22.51 -4.63 10.46
CA GLY C 504 23.70 -4.19 11.17
C GLY C 504 23.59 -4.17 12.67
N VAL C 505 24.71 -3.95 13.35
CA VAL C 505 24.74 -3.83 14.81
C VAL C 505 23.99 -2.58 15.23
N PHE C 506 24.42 -1.43 14.72
CA PHE C 506 23.72 -0.18 15.01
C PHE C 506 22.65 0.05 13.95
N SER C 507 21.65 -0.83 13.89
CA SER C 507 20.57 -0.70 12.93
C SER C 507 19.35 0.03 13.48
N PHE C 508 19.24 0.14 14.80
CA PHE C 508 18.11 0.80 15.44
C PHE C 508 18.11 2.30 15.15
N LEU C 509 19.29 2.87 14.92
CA LEU C 509 19.45 4.29 14.65
C LEU C 509 19.42 4.61 13.17
N ASP C 510 18.68 3.84 12.40
CA ASP C 510 18.39 4.12 11.00
C ASP C 510 17.28 5.13 10.70
N PRO C 511 16.14 5.23 11.49
CA PRO C 511 15.18 6.32 11.22
C PRO C 511 15.74 7.72 11.36
N LEU C 512 16.31 8.04 12.51
CA LEU C 512 17.02 9.29 12.65
C LEU C 512 18.44 9.13 12.12
N ALA C 513 18.83 10.03 11.21
CA ALA C 513 20.15 9.98 10.62
C ALA C 513 21.19 10.45 11.64
N TYR C 514 22.47 10.26 11.31
CA TYR C 514 23.53 10.48 12.29
C TYR C 514 23.82 11.95 12.50
N GLU C 515 23.23 12.83 11.68
CA GLU C 515 23.27 14.26 11.99
C GLU C 515 22.37 14.58 13.17
N ILE C 516 21.25 13.85 13.30
CA ILE C 516 20.31 14.13 14.37
C ILE C 516 20.82 13.57 15.69
N TRP C 517 21.49 12.42 15.65
CA TRP C 517 21.94 11.78 16.89
C TRP C 517 23.10 12.53 17.51
N MET C 518 23.90 13.22 16.70
CA MET C 518 25.04 13.94 17.26
C MET C 518 24.62 15.30 17.81
N CYS C 519 23.54 15.88 17.29
CA CYS C 519 23.08 17.15 17.82
C CYS C 519 22.25 16.97 19.08
N ILE C 520 21.73 15.77 19.31
CA ILE C 520 21.12 15.45 20.60
C ILE C 520 22.19 15.40 21.68
N VAL C 521 23.35 14.82 21.37
CA VAL C 521 24.48 14.79 22.30
C VAL C 521 24.96 16.21 22.60
N PHE C 522 24.87 17.09 21.61
CA PHE C 522 25.14 18.51 21.86
C PHE C 522 24.04 19.14 22.70
N ALA C 523 22.83 18.56 22.66
CA ALA C 523 21.71 19.19 23.33
C ALA C 523 21.69 18.89 24.83
N TYR C 524 21.76 17.61 25.21
CA TYR C 524 21.60 17.29 26.64
C TYR C 524 22.88 17.57 27.41
N ILE C 525 24.01 17.72 26.72
CA ILE C 525 25.17 18.34 27.36
C ILE C 525 24.88 19.82 27.62
N GLY C 526 24.34 20.51 26.62
CA GLY C 526 24.17 21.95 26.73
C GLY C 526 23.08 22.36 27.71
N VAL C 527 21.97 21.63 27.72
CA VAL C 527 20.86 21.92 28.63
C VAL C 527 21.26 21.63 30.08
N SER C 528 22.17 20.67 30.28
CA SER C 528 22.72 20.43 31.61
C SER C 528 23.55 21.61 32.09
N VAL C 529 24.31 22.23 31.20
CA VAL C 529 25.17 23.36 31.57
C VAL C 529 24.31 24.59 31.90
N VAL C 530 23.17 24.73 31.21
CA VAL C 530 22.29 25.86 31.53
C VAL C 530 21.63 25.65 32.90
N LEU C 531 21.26 24.41 33.21
CA LEU C 531 20.77 24.13 34.57
C LEU C 531 21.91 24.14 35.59
N PHE C 532 23.15 23.94 35.14
CA PHE C 532 24.29 24.20 36.02
C PHE C 532 24.38 25.69 36.33
N LEU C 533 24.18 26.52 35.31
CA LEU C 533 24.15 27.96 35.51
C LEU C 533 22.98 28.38 36.38
N VAL C 534 21.76 28.22 35.87
CA VAL C 534 20.62 29.06 36.26
C VAL C 534 20.08 28.71 37.64
N SER C 535 20.55 27.60 38.22
CA SER C 535 20.12 27.21 39.56
C SER C 535 21.14 27.48 40.64
N ARG C 536 22.42 27.61 40.31
CA ARG C 536 23.42 28.13 41.24
C ARG C 536 23.82 29.53 40.83
N PHE C 537 23.24 30.05 39.75
CA PHE C 537 23.26 31.48 39.45
C PHE C 537 22.76 32.30 40.64
N SER C 538 21.64 31.87 41.20
CA SER C 538 20.93 32.45 42.34
C SER C 538 19.94 31.39 42.81
N PRO C 539 19.26 31.56 43.96
CA PRO C 539 18.18 30.60 44.24
C PRO C 539 16.97 30.80 43.34
N ASN C 560 20.13 25.27 42.96
CA ASN C 560 20.63 25.04 44.31
C ASN C 560 21.05 23.58 44.45
N GLU C 561 20.40 22.70 43.69
CA GLU C 561 20.68 21.27 43.71
C GLU C 561 20.93 20.80 42.27
N PHE C 562 21.56 21.67 41.48
CA PHE C 562 21.68 21.40 40.05
C PHE C 562 23.09 21.62 39.50
N GLY C 563 24.09 21.04 40.14
CA GLY C 563 25.40 20.92 39.51
C GLY C 563 25.34 20.01 38.29
N ILE C 564 26.46 20.00 37.54
CA ILE C 564 26.61 19.23 36.30
C ILE C 564 26.44 17.73 36.58
N PHE C 565 26.79 17.30 37.78
CA PHE C 565 26.52 15.95 38.26
C PHE C 565 25.02 15.71 38.36
N ASN C 566 24.27 16.70 38.83
CA ASN C 566 22.82 16.59 38.96
C ASN C 566 22.06 17.03 37.70
N SER C 567 22.69 17.84 36.85
CA SER C 567 21.96 18.40 35.72
C SER C 567 22.08 17.54 34.47
N LEU C 568 23.20 16.81 34.34
CA LEU C 568 23.24 15.70 33.39
C LEU C 568 22.26 14.61 33.78
N TRP C 569 21.99 14.47 35.08
CA TRP C 569 20.96 13.56 35.58
C TRP C 569 19.57 14.03 35.20
N PHE C 570 19.38 15.35 35.12
CA PHE C 570 18.16 15.90 34.55
C PHE C 570 18.13 15.58 33.06
N SER C 571 19.28 15.67 32.41
CA SER C 571 19.42 15.47 30.97
C SER C 571 19.23 14.01 30.57
N LEU C 572 20.05 13.12 31.15
CA LEU C 572 19.90 11.67 30.94
C LEU C 572 18.54 11.17 31.44
N GLY C 573 18.00 11.84 32.45
CA GLY C 573 16.66 11.55 32.94
C GLY C 573 15.56 11.84 31.95
N ALA C 574 15.46 13.11 31.54
CA ALA C 574 14.32 13.57 30.77
C ALA C 574 14.31 13.12 29.32
N PHE C 575 15.49 12.96 28.71
CA PHE C 575 15.52 12.54 27.30
C PHE C 575 15.08 11.10 27.15
N MET C 576 15.31 10.29 28.18
CA MET C 576 14.96 8.89 28.13
C MET C 576 13.61 8.66 28.79
N GLN C 577 12.86 9.76 28.95
CA GLN C 577 11.43 9.81 29.24
C GLN C 577 11.08 9.42 30.68
N GLN C 578 12.07 9.01 31.47
CA GLN C 578 11.79 8.73 32.88
C GLN C 578 11.81 10.00 33.72
N GLY C 579 10.91 10.07 34.69
CA GLY C 579 10.76 11.20 35.57
C GLY C 579 12.00 11.58 36.36
N CYS C 580 12.40 12.83 36.24
CA CYS C 580 13.50 13.34 37.05
C CYS C 580 13.05 13.50 38.50
N ASP C 581 13.95 13.15 39.41
CA ASP C 581 13.68 13.16 40.84
C ASP C 581 13.43 14.57 41.36
N ILE C 582 14.45 15.42 41.27
CA ILE C 582 14.35 16.81 41.68
C ILE C 582 13.70 17.64 40.59
N SER C 583 13.31 18.87 40.94
CA SER C 583 12.76 19.82 39.99
C SER C 583 13.34 21.20 40.28
N PRO C 584 13.46 22.06 39.28
CA PRO C 584 13.96 23.42 39.53
C PRO C 584 12.96 24.25 40.32
N ARG C 585 13.49 25.27 40.99
CA ARG C 585 12.63 26.24 41.68
C ARG C 585 13.19 27.63 41.44
N SER C 586 12.83 28.20 40.29
CA SER C 586 13.01 29.58 39.87
C SER C 586 12.28 29.68 38.55
N LEU C 587 11.82 30.89 38.17
CA LEU C 587 11.04 31.05 36.94
C LEU C 587 11.90 30.75 35.71
N SER C 588 13.18 31.12 35.78
CA SER C 588 14.09 30.81 34.68
C SER C 588 14.51 29.35 34.70
N GLY C 589 14.47 28.73 35.88
CA GLY C 589 14.81 27.32 36.01
C GLY C 589 13.78 26.39 35.42
N ARG C 590 12.53 26.81 35.43
CA ARG C 590 11.48 25.99 34.85
C ARG C 590 11.48 26.02 33.33
N ILE C 591 11.88 27.16 32.74
CA ILE C 591 11.83 27.32 31.28
C ILE C 591 12.82 26.37 30.62
N VAL C 592 13.97 26.13 31.27
CA VAL C 592 14.90 25.11 30.82
C VAL C 592 14.28 23.73 30.89
N GLY C 593 13.64 23.41 32.01
CA GLY C 593 12.89 22.16 32.11
C GLY C 593 11.64 22.15 31.27
N GLY C 594 11.15 23.34 30.90
CA GLY C 594 9.95 23.41 30.09
C GLY C 594 10.19 23.06 28.64
N VAL C 595 11.20 23.67 28.01
CA VAL C 595 11.38 23.50 26.57
C VAL C 595 12.17 22.23 26.28
N TRP C 596 12.94 21.73 27.26
CA TRP C 596 13.62 20.46 27.06
C TRP C 596 12.64 19.30 27.07
N TRP C 597 11.56 19.41 27.85
CA TRP C 597 10.55 18.36 27.85
C TRP C 597 9.69 18.44 26.59
N PHE C 598 9.83 19.53 25.82
CA PHE C 598 9.23 19.59 24.49
C PHE C 598 10.19 19.07 23.43
N PHE C 599 11.49 19.08 23.72
CA PHE C 599 12.47 18.52 22.78
C PHE C 599 12.32 17.01 22.70
N THR C 600 12.12 16.36 23.84
CA THR C 600 12.10 14.90 23.86
C THR C 600 10.81 14.38 23.25
N LEU C 601 9.73 15.15 23.37
CA LEU C 601 8.42 14.66 22.95
C LEU C 601 8.29 14.70 21.43
N ILE C 602 9.14 15.48 20.76
CA ILE C 602 9.09 15.52 19.30
C ILE C 602 10.06 14.50 18.71
N ILE C 603 11.25 14.36 19.30
CA ILE C 603 12.26 13.44 18.78
C ILE C 603 11.82 12.00 18.94
N ILE C 604 11.24 11.66 20.09
CA ILE C 604 10.71 10.31 20.30
C ILE C 604 9.51 10.06 19.39
N SER C 605 8.67 11.07 19.19
CA SER C 605 7.54 10.90 18.26
C SER C 605 7.98 11.00 16.81
N SER C 606 9.23 11.41 16.56
CA SER C 606 9.75 11.34 15.20
C SER C 606 10.49 10.04 14.98
N TYR C 607 11.04 9.45 16.04
CA TYR C 607 11.74 8.18 15.92
C TYR C 607 10.76 7.03 15.76
N THR C 608 9.70 7.01 16.58
CA THR C 608 8.70 5.96 16.51
C THR C 608 7.93 6.01 15.20
N ALA C 609 7.62 7.22 14.74
CA ALA C 609 6.80 7.37 13.55
C ALA C 609 7.59 7.03 12.28
N ASN C 610 8.90 7.26 12.29
CA ASN C 610 9.70 6.93 11.12
C ASN C 610 10.10 5.46 11.12
N LEU C 611 10.24 4.86 12.29
CA LEU C 611 10.49 3.43 12.35
C LEU C 611 9.26 2.65 11.89
N ALA C 612 8.07 3.22 12.08
CA ALA C 612 6.87 2.63 11.53
C ALA C 612 6.75 2.92 10.04
N ALA C 613 7.54 3.84 9.52
CA ALA C 613 7.57 4.06 8.08
C ALA C 613 8.51 3.06 7.41
N PHE C 614 9.55 2.62 8.11
CA PHE C 614 10.43 1.59 7.58
C PHE C 614 9.75 0.24 7.56
N LEU C 615 9.14 -0.15 8.68
CA LEU C 615 8.65 -1.52 8.84
C LEU C 615 7.38 -1.77 8.03
N THR C 616 6.64 -0.71 7.71
CA THR C 616 5.40 -0.90 6.95
C THR C 616 5.68 -1.06 5.46
N VAL C 617 6.54 -0.21 4.91
CA VAL C 617 6.89 -0.28 3.49
C VAL C 617 7.66 -1.57 3.18
N GLU C 618 8.42 -2.05 4.17
CA GLU C 618 9.12 -3.33 4.04
C GLU C 618 8.12 -4.49 3.93
N ARG C 619 7.03 -4.42 4.68
CA ARG C 619 5.97 -5.40 4.53
C ARG C 619 5.15 -5.17 3.26
N MET C 620 5.05 -3.91 2.85
CA MET C 620 4.20 -3.53 1.71
C MET C 620 4.77 -3.98 0.38
N VAL C 621 6.07 -4.25 0.28
CA VAL C 621 6.67 -4.76 -0.94
C VAL C 621 6.33 -6.24 -1.03
N SER C 622 6.46 -6.83 -2.22
CA SER C 622 6.09 -8.22 -2.39
C SER C 622 7.02 -8.93 -3.36
N PRO C 623 7.46 -10.15 -3.04
CA PRO C 623 8.32 -10.90 -3.97
C PRO C 623 7.53 -11.42 -5.16
N ILE C 624 8.22 -11.58 -6.29
CA ILE C 624 7.61 -12.08 -7.53
C ILE C 624 7.09 -13.50 -7.33
N GLU C 625 5.81 -13.70 -7.65
CA GLU C 625 5.16 -14.99 -7.47
C GLU C 625 4.31 -15.33 -8.69
N SER C 626 4.35 -14.48 -9.71
CA SER C 626 3.61 -14.65 -10.96
C SER C 626 4.16 -13.67 -11.99
N ALA C 627 3.86 -13.94 -13.27
CA ALA C 627 4.19 -12.98 -14.31
C ALA C 627 3.19 -11.83 -14.34
N GLU C 628 2.01 -12.03 -13.76
CA GLU C 628 1.11 -10.92 -13.48
C GLU C 628 1.76 -9.94 -12.51
N ASP C 629 2.51 -10.47 -11.52
CA ASP C 629 3.28 -9.60 -10.65
C ASP C 629 4.45 -8.96 -11.38
N LEU C 630 5.05 -9.69 -12.33
CA LEU C 630 6.11 -9.10 -13.15
C LEU C 630 5.59 -8.03 -14.10
N SER C 631 4.30 -8.05 -14.44
CA SER C 631 3.78 -7.15 -15.46
C SER C 631 3.70 -5.72 -14.95
N LYS C 632 3.32 -5.52 -13.69
CA LYS C 632 3.33 -4.19 -13.10
C LYS C 632 4.75 -3.67 -12.87
N GLN C 633 5.63 -4.56 -12.41
CA GLN C 633 7.01 -4.20 -12.07
C GLN C 633 7.82 -3.67 -13.25
N THR C 634 8.69 -2.70 -12.98
CA THR C 634 9.55 -2.18 -14.05
C THR C 634 11.01 -2.12 -13.60
N GLU C 635 11.29 -2.46 -12.34
CA GLU C 635 12.66 -2.48 -11.84
C GLU C 635 13.33 -3.84 -11.98
N ILE C 636 12.57 -4.90 -12.24
CA ILE C 636 13.13 -6.19 -12.64
C ILE C 636 12.84 -6.35 -14.13
N ALA C 637 13.89 -6.40 -14.94
CA ALA C 637 13.73 -6.51 -16.38
C ALA C 637 13.63 -7.97 -16.79
N TYR C 638 12.92 -8.24 -17.89
CA TYR C 638 12.73 -9.61 -18.35
C TYR C 638 13.93 -10.10 -19.14
N GLY C 639 13.81 -11.30 -19.70
CA GLY C 639 14.80 -11.78 -20.64
C GLY C 639 14.36 -13.10 -21.24
N THR C 640 14.64 -13.25 -22.54
CA THR C 640 14.28 -14.46 -23.29
C THR C 640 15.43 -14.86 -24.18
N LEU C 641 15.48 -16.13 -24.59
CA LEU C 641 16.43 -16.55 -25.62
C LEU C 641 15.96 -15.98 -26.95
N ASP C 642 16.89 -15.60 -27.82
CA ASP C 642 16.54 -14.98 -29.09
C ASP C 642 17.05 -15.86 -30.24
N SER C 643 16.43 -17.03 -30.42
CA SER C 643 16.32 -17.70 -31.70
C SER C 643 15.12 -18.64 -31.70
N GLY C 644 14.36 -18.67 -30.60
CA GLY C 644 13.65 -19.86 -30.21
C GLY C 644 12.25 -19.62 -29.70
N SER C 645 11.61 -20.73 -29.32
CA SER C 645 10.20 -20.84 -28.99
C SER C 645 9.74 -19.99 -27.81
N THR C 646 10.68 -19.61 -26.93
CA THR C 646 10.33 -18.74 -25.82
C THR C 646 9.96 -17.35 -26.33
N LYS C 647 10.75 -16.81 -27.25
CA LYS C 647 10.41 -15.55 -27.90
C LYS C 647 9.19 -15.71 -28.80
N GLU C 648 9.05 -16.87 -29.45
CA GLU C 648 7.98 -17.09 -30.41
C GLU C 648 6.61 -17.08 -29.74
N PHE C 649 6.57 -17.43 -28.46
CA PHE C 649 5.33 -17.45 -27.71
C PHE C 649 4.78 -16.06 -27.43
N PHE C 650 5.64 -15.11 -27.05
CA PHE C 650 5.17 -13.80 -26.61
C PHE C 650 4.65 -12.93 -27.75
N ARG C 651 5.18 -13.12 -28.96
CA ARG C 651 4.75 -12.32 -30.10
C ARG C 651 3.29 -12.58 -30.47
N ARG C 652 2.98 -13.83 -30.83
CA ARG C 652 1.65 -14.16 -31.34
C ARG C 652 0.63 -14.41 -30.24
N SER C 653 1.01 -14.20 -28.98
CA SER C 653 0.04 -14.33 -27.90
C SER C 653 -0.95 -13.16 -27.94
N LYS C 654 -2.15 -13.43 -27.42
CA LYS C 654 -3.22 -12.44 -27.44
C LYS C 654 -3.74 -12.20 -26.04
N ILE C 655 -3.22 -12.94 -25.05
CA ILE C 655 -3.62 -12.73 -23.67
C ILE C 655 -3.06 -11.39 -23.21
N ALA C 656 -3.87 -10.64 -22.45
CA ALA C 656 -3.61 -9.24 -22.14
C ALA C 656 -2.33 -9.04 -21.31
N VAL C 657 -2.01 -10.03 -20.47
CA VAL C 657 -0.77 -9.95 -19.70
C VAL C 657 0.44 -10.11 -20.60
N PHE C 658 0.37 -11.07 -21.53
CA PHE C 658 1.50 -11.31 -22.43
C PHE C 658 1.59 -10.23 -23.50
N ASP C 659 0.50 -9.51 -23.73
CA ASP C 659 0.55 -8.31 -24.56
C ASP C 659 1.43 -7.24 -23.92
N LYS C 660 1.27 -7.07 -22.60
CA LYS C 660 2.07 -6.07 -21.89
C LYS C 660 3.50 -6.55 -21.67
N MET C 661 3.70 -7.86 -21.54
CA MET C 661 5.04 -8.38 -21.26
C MET C 661 5.94 -8.30 -22.49
N TRP C 662 5.38 -8.56 -23.66
CA TRP C 662 6.16 -8.47 -24.89
C TRP C 662 6.48 -7.02 -25.24
N THR C 663 5.52 -6.14 -24.95
CA THR C 663 5.63 -4.70 -25.19
C THR C 663 6.85 -4.09 -24.51
N TYR C 664 7.07 -4.44 -23.24
CA TYR C 664 8.25 -4.02 -22.51
C TYR C 664 9.53 -4.59 -23.13
N MET C 665 9.53 -5.89 -23.44
CA MET C 665 10.72 -6.55 -23.98
C MET C 665 11.10 -6.04 -25.36
N ARG C 666 10.09 -5.76 -26.19
CA ARG C 666 10.30 -5.25 -27.54
C ARG C 666 10.98 -3.89 -27.53
N SER C 667 10.55 -3.00 -26.64
CA SER C 667 11.06 -1.64 -26.55
C SER C 667 11.67 -1.42 -25.17
N ALA C 668 12.97 -1.71 -25.04
CA ALA C 668 13.71 -1.45 -23.81
C ALA C 668 15.17 -1.26 -24.19
N GLU C 669 16.01 -0.96 -23.18
CA GLU C 669 17.44 -0.83 -23.41
C GLU C 669 18.16 -1.24 -22.13
N PRO C 670 19.30 -1.94 -22.23
CA PRO C 670 19.90 -2.53 -23.44
C PRO C 670 19.22 -3.83 -23.87
N SER C 671 19.92 -4.64 -24.67
CA SER C 671 19.34 -5.85 -25.24
C SER C 671 19.08 -6.89 -24.15
N VAL C 672 17.81 -7.19 -23.91
CA VAL C 672 17.44 -8.27 -23.00
C VAL C 672 17.21 -9.59 -23.71
N PHE C 673 17.38 -9.63 -25.03
CA PHE C 673 17.14 -10.84 -25.82
C PHE C 673 18.46 -11.60 -25.89
N VAL C 674 18.68 -12.44 -24.88
CA VAL C 674 19.94 -13.12 -24.64
C VAL C 674 20.08 -14.25 -25.66
N ARG C 675 21.31 -14.65 -25.97
CA ARG C 675 21.58 -15.86 -26.73
C ARG C 675 22.30 -16.80 -25.74
N THR C 676 22.24 -18.11 -26.02
CA THR C 676 23.05 -19.14 -25.36
C THR C 676 22.81 -19.19 -23.84
N THR C 677 21.73 -19.89 -23.43
CA THR C 677 21.09 -19.92 -22.11
C THR C 677 22.00 -19.80 -20.90
N ALA C 678 23.20 -20.38 -20.96
CA ALA C 678 24.25 -20.20 -19.96
C ALA C 678 24.61 -18.74 -19.71
N GLU C 679 24.49 -17.90 -20.74
CA GLU C 679 24.59 -16.46 -20.55
C GLU C 679 23.40 -15.92 -19.77
N GLY C 680 22.19 -16.39 -20.12
CA GLY C 680 20.97 -15.95 -19.47
C GLY C 680 20.90 -16.33 -18.01
N VAL C 681 21.43 -17.50 -17.67
CA VAL C 681 21.56 -17.91 -16.27
C VAL C 681 22.55 -16.99 -15.55
N ALA C 682 23.63 -16.61 -16.24
CA ALA C 682 24.64 -15.73 -15.66
C ALA C 682 24.09 -14.32 -15.45
N ARG C 683 23.22 -13.87 -16.35
CA ARG C 683 22.65 -12.52 -16.20
C ARG C 683 21.62 -12.46 -15.09
N VAL C 684 21.16 -13.61 -14.60
CA VAL C 684 20.36 -13.62 -13.39
C VAL C 684 21.24 -13.47 -12.15
N ARG C 685 22.43 -14.06 -12.15
CA ARG C 685 23.25 -14.19 -10.95
C ARG C 685 24.04 -12.94 -10.61
N LYS C 686 24.58 -12.21 -11.58
CA LYS C 686 25.40 -11.04 -11.31
C LYS C 686 24.61 -9.77 -11.59
N SER C 687 23.29 -9.86 -11.43
CA SER C 687 22.42 -8.70 -11.60
C SER C 687 21.37 -8.66 -10.51
N LYS C 688 21.83 -8.75 -9.24
CA LYS C 688 21.06 -9.08 -8.04
C LYS C 688 19.73 -8.34 -7.88
N GLY C 689 18.64 -9.10 -7.91
CA GLY C 689 17.28 -8.60 -7.82
C GLY C 689 16.90 -7.54 -8.85
N LYS C 690 17.41 -7.68 -10.07
CA LYS C 690 17.14 -6.71 -11.13
C LYS C 690 16.77 -7.37 -12.44
N TYR C 691 16.94 -8.69 -12.53
CA TYR C 691 16.80 -9.40 -13.79
C TYR C 691 15.97 -10.67 -13.59
N ALA C 692 15.27 -11.08 -14.65
CA ALA C 692 14.47 -12.29 -14.63
C ALA C 692 14.45 -12.96 -16.00
N TYR C 693 15.12 -14.10 -16.12
CA TYR C 693 15.17 -14.81 -17.40
C TYR C 693 14.10 -15.90 -17.45
N LEU C 694 13.61 -16.17 -18.67
CA LEU C 694 12.41 -16.98 -18.88
C LEU C 694 12.80 -18.30 -19.55
N LEU C 695 12.94 -19.35 -18.74
CA LEU C 695 13.35 -20.65 -19.24
C LEU C 695 12.16 -21.45 -19.75
N GLU C 696 12.41 -22.72 -20.02
CA GLU C 696 11.38 -23.75 -20.15
C GLU C 696 11.48 -24.59 -18.88
N SER C 697 10.33 -24.85 -18.24
CA SER C 697 10.20 -25.34 -16.87
C SER C 697 11.08 -26.53 -16.47
N THR C 698 11.44 -27.39 -17.42
CA THR C 698 12.30 -28.51 -17.07
C THR C 698 13.77 -28.10 -17.04
N MET C 699 14.08 -26.89 -17.50
CA MET C 699 15.46 -26.42 -17.38
C MET C 699 15.70 -25.75 -16.04
N ASN C 700 14.83 -24.83 -15.64
CA ASN C 700 15.12 -24.04 -14.43
C ASN C 700 14.76 -24.81 -13.16
N GLU C 701 14.14 -25.98 -13.30
CA GLU C 701 14.05 -26.89 -12.16
C GLU C 701 15.32 -27.73 -12.06
N TYR C 702 16.05 -27.85 -13.16
CA TYR C 702 17.34 -28.52 -13.12
C TYR C 702 18.44 -27.59 -12.61
N ILE C 703 18.42 -26.33 -13.04
CA ILE C 703 19.41 -25.33 -12.64
C ILE C 703 19.31 -25.07 -11.14
N GLU C 704 18.08 -24.98 -10.63
CA GLU C 704 17.80 -24.81 -9.20
C GLU C 704 18.40 -25.91 -8.33
N GLN C 705 18.27 -27.17 -8.76
CA GLN C 705 18.89 -28.28 -8.06
C GLN C 705 20.24 -28.63 -8.65
N ARG C 706 21.18 -27.68 -8.61
CA ARG C 706 22.49 -27.82 -9.22
C ARG C 706 23.42 -26.88 -8.46
N LYS C 707 24.73 -26.90 -8.77
CA LYS C 707 25.85 -26.15 -8.19
C LYS C 707 25.52 -24.66 -8.07
N PRO C 708 26.24 -23.89 -7.19
CA PRO C 708 25.56 -23.18 -6.09
C PRO C 708 24.15 -22.68 -6.34
N CYS C 709 23.25 -22.99 -5.40
CA CYS C 709 21.81 -22.88 -5.59
C CYS C 709 21.38 -21.42 -5.61
N ASP C 710 21.75 -20.71 -6.67
CA ASP C 710 21.66 -19.26 -6.70
C ASP C 710 20.37 -18.77 -7.33
N THR C 711 19.79 -19.54 -8.24
CA THR C 711 18.57 -19.17 -8.93
C THR C 711 17.40 -20.00 -8.42
N MET C 712 16.19 -19.55 -8.72
CA MET C 712 15.00 -20.21 -8.19
C MET C 712 13.82 -19.96 -9.12
N LYS C 713 13.00 -21.00 -9.29
CA LYS C 713 11.78 -20.92 -10.07
C LYS C 713 10.66 -20.35 -9.22
N VAL C 714 9.96 -19.34 -9.76
CA VAL C 714 8.78 -18.78 -9.12
C VAL C 714 7.63 -18.80 -10.11
N GLY C 715 6.41 -18.89 -9.60
CA GLY C 715 5.21 -18.75 -10.40
C GLY C 715 4.71 -20.08 -10.91
N GLY C 716 3.87 -20.03 -11.93
CA GLY C 716 3.36 -21.20 -12.59
C GLY C 716 3.72 -21.20 -14.06
N ASN C 717 3.49 -22.32 -14.73
CA ASN C 717 3.69 -22.43 -16.17
C ASN C 717 2.85 -21.41 -16.93
N LEU C 718 3.50 -20.56 -17.72
CA LEU C 718 2.77 -19.56 -18.51
C LEU C 718 1.95 -20.23 -19.60
N ASP C 719 2.52 -21.22 -20.28
CA ASP C 719 1.80 -22.01 -21.25
C ASP C 719 1.93 -23.50 -20.93
N SER C 720 1.46 -24.36 -21.82
CA SER C 720 1.62 -25.79 -21.62
C SER C 720 2.08 -26.44 -22.92
N LYS C 721 3.02 -27.39 -22.80
CA LYS C 721 3.63 -28.07 -23.92
C LYS C 721 3.93 -29.50 -23.52
N GLY C 722 4.79 -30.17 -24.26
CA GLY C 722 5.19 -31.51 -23.88
C GLY C 722 6.46 -31.90 -24.62
N TYR C 723 6.95 -33.08 -24.25
CA TYR C 723 8.00 -33.77 -24.97
C TYR C 723 7.36 -34.97 -25.68
N GLY C 724 8.17 -35.80 -26.31
CA GLY C 724 7.59 -36.96 -26.95
C GLY C 724 8.57 -37.81 -27.71
N ILE C 725 8.43 -39.12 -27.60
CA ILE C 725 9.22 -40.04 -28.39
C ILE C 725 8.70 -39.95 -29.82
N ALA C 726 9.59 -39.91 -30.81
CA ALA C 726 9.19 -39.55 -32.16
C ALA C 726 9.42 -40.66 -33.17
N THR C 727 8.41 -41.49 -33.36
CA THR C 727 8.42 -42.63 -34.27
C THR C 727 8.36 -42.06 -35.69
N PRO C 728 8.93 -42.74 -36.73
CA PRO C 728 9.23 -42.02 -37.99
C PRO C 728 8.09 -41.40 -38.79
N LYS C 729 7.24 -42.19 -39.48
CA LYS C 729 5.97 -41.65 -39.93
C LYS C 729 4.85 -42.70 -39.95
N GLY C 730 5.16 -43.95 -40.22
CA GLY C 730 4.15 -44.97 -40.36
C GLY C 730 4.69 -46.32 -39.96
N SER C 731 5.75 -46.29 -39.16
CA SER C 731 6.47 -47.50 -38.79
C SER C 731 5.67 -48.27 -37.75
N SER C 732 6.01 -49.55 -37.58
CA SER C 732 5.37 -50.41 -36.61
C SER C 732 5.88 -50.19 -35.19
N LEU C 733 6.76 -49.21 -34.99
CA LEU C 733 7.22 -48.82 -33.68
C LEU C 733 6.52 -47.55 -33.25
N GLY C 734 5.27 -47.37 -33.67
CA GLY C 734 4.56 -46.15 -33.37
C GLY C 734 3.35 -46.33 -32.50
N THR C 735 2.69 -47.47 -32.63
CA THR C 735 1.66 -47.89 -31.69
C THR C 735 2.22 -48.58 -30.43
N PRO C 736 3.20 -49.51 -30.49
CA PRO C 736 3.69 -50.07 -29.22
C PRO C 736 4.50 -49.11 -28.37
N VAL C 737 5.09 -48.07 -28.98
CA VAL C 737 5.71 -47.03 -28.17
C VAL C 737 4.64 -46.15 -27.53
N ASN C 738 3.54 -45.91 -28.24
CA ASN C 738 2.46 -45.09 -27.72
C ASN C 738 1.73 -45.78 -26.58
N LEU C 739 1.84 -47.12 -26.50
CA LEU C 739 1.34 -47.83 -25.33
C LEU C 739 2.40 -47.90 -24.24
N ALA C 740 3.68 -47.89 -24.61
CA ALA C 740 4.73 -48.03 -23.62
C ALA C 740 5.09 -46.70 -22.97
N VAL C 741 4.47 -45.60 -23.40
CA VAL C 741 4.60 -44.36 -22.65
C VAL C 741 3.46 -44.25 -21.65
N LEU C 742 2.25 -44.59 -22.08
CA LEU C 742 1.10 -44.49 -21.19
C LEU C 742 1.11 -45.58 -20.13
N LYS C 743 1.83 -46.69 -20.38
CA LYS C 743 1.95 -47.70 -19.35
C LYS C 743 2.97 -47.30 -18.30
N LEU C 744 4.00 -46.53 -18.69
CA LEU C 744 4.98 -46.07 -17.72
C LEU C 744 4.46 -44.86 -16.95
N SER C 745 3.59 -44.07 -17.57
CA SER C 745 3.09 -42.87 -16.90
C SER C 745 1.97 -43.15 -15.92
N GLU C 746 1.58 -44.41 -15.75
CA GLU C 746 0.56 -44.78 -14.77
C GLU C 746 1.18 -45.54 -13.62
N GLN C 747 2.18 -46.38 -13.91
CA GLN C 747 2.89 -47.13 -12.88
C GLN C 747 3.78 -46.21 -12.05
N GLY C 748 4.09 -45.03 -12.57
CA GLY C 748 4.89 -44.07 -11.85
C GLY C 748 6.36 -44.07 -12.21
N VAL C 749 6.73 -44.73 -13.30
CA VAL C 749 8.15 -44.80 -13.68
C VAL C 749 8.60 -43.48 -14.28
N LEU C 750 7.70 -42.78 -14.98
CA LEU C 750 8.08 -41.49 -15.55
C LEU C 750 8.07 -40.39 -14.50
N ASP C 751 7.42 -40.65 -13.36
CA ASP C 751 7.53 -39.73 -12.24
C ASP C 751 8.71 -40.11 -11.33
N LYS C 752 9.14 -41.36 -11.40
CA LYS C 752 10.30 -41.79 -10.63
C LYS C 752 11.60 -41.33 -11.27
N LEU C 753 11.65 -41.34 -12.60
CA LEU C 753 12.89 -41.00 -13.29
C LEU C 753 13.14 -39.50 -13.31
N LYS C 754 12.08 -38.71 -13.14
CA LYS C 754 12.27 -37.27 -13.01
C LYS C 754 12.84 -36.91 -11.64
N ASN C 755 12.27 -37.48 -10.59
CA ASN C 755 12.75 -37.31 -9.22
C ASN C 755 14.19 -37.81 -9.05
N LYS C 756 14.55 -38.84 -9.80
CA LYS C 756 15.90 -39.39 -9.76
C LYS C 756 16.93 -38.39 -10.30
N TRP C 757 16.81 -37.99 -11.55
CA TRP C 757 17.85 -37.21 -12.21
C TRP C 757 17.80 -35.72 -11.86
N TRP C 758 16.61 -35.14 -11.78
CA TRP C 758 16.52 -33.73 -11.37
C TRP C 758 16.84 -33.55 -9.89
N TYR C 759 16.14 -34.25 -9.00
CA TYR C 759 16.27 -33.97 -7.58
C TYR C 759 17.35 -34.80 -6.88
N ASP C 760 17.27 -36.13 -6.95
CA ASP C 760 18.15 -37.01 -6.20
C ASP C 760 19.61 -36.93 -6.62
N LYS C 761 19.87 -36.80 -7.92
CA LYS C 761 21.24 -36.56 -8.37
C LYS C 761 21.55 -35.08 -8.48
N GLY C 762 20.80 -34.25 -7.77
CA GLY C 762 21.07 -32.82 -7.68
C GLY C 762 21.67 -32.49 -6.33
N GLU C 763 22.63 -31.56 -6.33
CA GLU C 763 23.33 -31.17 -5.11
C GLU C 763 22.73 -29.86 -4.62
N CYS C 764 21.63 -29.97 -3.86
CA CYS C 764 21.02 -28.81 -3.25
C CYS C 764 20.15 -29.26 -2.08
N GLY C 765 19.32 -28.37 -1.55
CA GLY C 765 18.51 -28.66 -0.37
C GLY C 765 17.23 -29.36 -0.73
N ALA C 766 16.14 -28.89 -0.14
CA ALA C 766 14.82 -29.48 -0.38
C ALA C 766 14.28 -29.10 -1.76
N THR C 775 9.61 -13.76 9.50
CA THR C 775 8.79 -14.29 10.59
C THR C 775 7.75 -13.29 11.05
N SER C 776 7.63 -12.19 10.30
CA SER C 776 6.73 -11.05 10.54
C SER C 776 6.92 -10.47 11.94
N ALA C 777 8.17 -10.43 12.41
CA ALA C 777 8.49 -10.02 13.77
C ALA C 777 9.96 -9.64 13.88
N LEU C 778 10.26 -8.56 14.60
CA LEU C 778 11.63 -8.13 14.84
C LEU C 778 12.43 -9.17 15.60
N SER C 779 13.65 -9.42 15.15
CA SER C 779 14.56 -10.35 15.79
C SER C 779 15.67 -9.58 16.48
N LEU C 780 16.49 -10.30 17.25
CA LEU C 780 17.56 -9.73 18.05
C LEU C 780 18.58 -8.96 17.22
N SER C 781 18.78 -9.38 15.96
CA SER C 781 19.71 -8.69 15.08
C SER C 781 19.24 -7.29 14.70
N ASN C 782 17.94 -7.03 14.79
CA ASN C 782 17.42 -5.69 14.48
C ASN C 782 17.74 -4.73 15.62
N VAL C 783 17.23 -5.00 16.81
CA VAL C 783 17.65 -4.26 17.99
C VAL C 783 18.82 -5.00 18.66
N ALA C 784 20.03 -4.77 18.16
CA ALA C 784 21.22 -5.38 18.72
C ALA C 784 22.15 -4.39 19.39
N GLY C 785 22.22 -3.15 18.90
CA GLY C 785 23.14 -2.19 19.47
C GLY C 785 22.71 -1.70 20.84
N VAL C 786 21.41 -1.72 21.10
CA VAL C 786 20.91 -1.21 22.38
C VAL C 786 21.20 -2.19 23.50
N PHE C 787 21.37 -3.47 23.18
CA PHE C 787 21.93 -4.39 24.15
C PHE C 787 23.42 -4.13 24.34
N TYR C 788 24.10 -3.69 23.29
CA TYR C 788 25.53 -3.43 23.40
C TYR C 788 25.80 -2.07 24.05
N ILE C 789 24.86 -1.14 23.89
CA ILE C 789 24.93 0.12 24.65
C ILE C 789 24.64 -0.15 26.12
N LEU C 790 23.71 -1.06 26.39
CA LEU C 790 23.39 -1.44 27.76
C LEU C 790 24.56 -2.13 28.46
N VAL C 791 25.15 -3.13 27.79
CA VAL C 791 26.31 -3.82 28.37
C VAL C 791 27.52 -2.89 28.41
N GLY C 792 27.76 -2.17 27.31
CA GLY C 792 28.81 -1.16 27.25
C GLY C 792 28.60 0.00 28.21
N GLY C 793 27.35 0.22 28.62
CA GLY C 793 27.05 1.19 29.66
C GLY C 793 27.37 0.68 31.05
N LEU C 794 26.88 -0.52 31.37
CA LEU C 794 27.09 -1.13 32.68
C LEU C 794 28.57 -1.44 32.91
N GLY C 795 29.31 -1.72 31.83
CA GLY C 795 30.74 -1.92 31.91
C GLY C 795 31.48 -0.64 32.25
N LEU C 796 30.93 0.49 31.81
CA LEU C 796 31.50 1.78 32.18
C LEU C 796 31.14 2.14 33.62
N ALA C 797 30.01 1.63 34.11
CA ALA C 797 29.52 1.94 35.45
C ALA C 797 30.40 1.33 36.54
N MET C 798 30.81 0.07 36.35
CA MET C 798 31.68 -0.62 37.30
C MET C 798 33.08 -0.01 37.32
N LEU C 799 33.45 0.68 36.26
CA LEU C 799 34.73 1.40 36.23
C LEU C 799 34.66 2.64 37.12
N VAL C 800 33.52 3.35 37.10
CA VAL C 800 33.35 4.55 37.91
C VAL C 800 33.03 4.20 39.36
N ALA C 801 32.58 2.98 39.63
CA ALA C 801 32.42 2.51 41.01
C ALA C 801 33.76 2.46 41.72
N LEU C 802 34.83 2.21 40.98
CA LEU C 802 36.18 2.34 41.50
C LEU C 802 36.53 3.79 41.80
N ILE C 803 35.96 4.73 41.03
CA ILE C 803 36.38 6.14 41.12
C ILE C 803 35.85 6.79 42.40
N GLU C 804 34.56 6.60 42.68
CA GLU C 804 33.96 7.20 43.88
C GLU C 804 34.50 6.55 45.14
N PHE C 805 34.84 5.26 45.06
CA PHE C 805 35.44 4.57 46.19
C PHE C 805 36.83 5.09 46.50
N CYS C 806 37.58 5.49 45.46
CA CYS C 806 38.92 6.05 45.68
C CYS C 806 38.83 7.52 46.09
N TYR C 807 37.84 8.25 45.57
CA TYR C 807 37.70 9.65 45.94
C TYR C 807 37.21 9.80 47.38
N LYS C 808 36.38 8.86 47.83
CA LYS C 808 36.00 8.85 49.24
C LYS C 808 37.15 8.38 50.11
N SER C 809 38.03 7.52 49.58
CA SER C 809 39.18 7.04 50.35
C SER C 809 40.22 8.14 50.53
N ARG C 810 40.34 9.05 49.57
CA ARG C 810 41.19 10.21 49.77
C ARG C 810 40.56 11.20 50.74
N ALA C 811 39.23 11.20 50.83
CA ALA C 811 38.55 12.01 51.85
C ALA C 811 38.77 11.41 53.23
N GLU C 812 38.90 10.09 53.30
CA GLU C 812 39.26 9.40 54.54
C GLU C 812 40.66 9.80 55.01
N ALA C 813 41.63 9.70 54.11
CA ALA C 813 43.00 10.06 54.43
C ALA C 813 43.19 11.58 54.34
N GLY C 824 41.76 20.38 44.18
CA GLY C 824 42.48 21.62 44.42
C GLY C 824 41.94 22.80 43.64
N ARG C 825 42.18 24.00 44.16
CA ARG C 825 41.71 25.21 43.47
C ARG C 825 42.59 25.53 42.27
N LYS C 826 43.90 25.31 42.39
CA LYS C 826 44.82 25.58 41.29
C LYS C 826 44.57 24.66 40.10
N ALA C 827 44.11 23.43 40.36
CA ALA C 827 43.70 22.54 39.29
C ALA C 827 42.42 23.01 38.62
N LEU C 828 41.53 23.64 39.40
CA LEU C 828 40.28 24.15 38.85
C LEU C 828 40.52 25.34 37.94
N THR C 829 41.52 26.17 38.27
CA THR C 829 41.98 27.23 37.39
C THR C 829 42.65 26.62 36.16
N LEU C 830 43.39 25.54 36.37
CA LEU C 830 44.13 24.85 35.31
C LEU C 830 43.19 24.23 34.28
N LEU C 831 42.08 23.64 34.74
CA LEU C 831 41.09 23.06 33.84
C LEU C 831 40.41 24.13 32.99
N SER C 832 39.96 25.21 33.63
CA SER C 832 39.19 26.26 32.95
C SER C 832 40.03 27.01 31.92
N SER C 833 41.27 27.35 32.26
CA SER C 833 42.16 28.12 31.39
C SER C 833 42.54 27.38 30.12
N VAL C 834 42.99 26.13 30.27
CA VAL C 834 43.49 25.37 29.13
C VAL C 834 42.34 24.98 28.19
N PHE C 835 41.19 24.64 28.78
CA PHE C 835 40.03 24.28 27.96
C PHE C 835 39.46 25.50 27.24
N ALA C 836 39.71 26.70 27.77
CA ALA C 836 39.27 27.91 27.09
C ALA C 836 40.12 28.21 25.88
N VAL C 837 41.45 28.20 26.05
CA VAL C 837 42.36 28.62 24.96
C VAL C 837 42.38 27.57 23.85
N CYS C 838 42.07 26.32 24.18
CA CYS C 838 41.85 25.33 23.14
C CYS C 838 40.51 25.52 22.46
N GLY C 839 39.53 26.07 23.19
CA GLY C 839 38.25 26.41 22.61
C GLY C 839 38.32 27.66 21.76
N LEU C 840 39.15 28.62 22.19
CA LEU C 840 39.50 29.76 21.34
C LEU C 840 40.20 29.30 20.08
N GLY C 841 41.13 28.35 20.22
CA GLY C 841 41.84 27.79 19.10
C GLY C 841 40.96 27.03 18.12
N LEU C 842 40.41 25.90 18.56
CA LEU C 842 39.79 24.91 17.67
C LEU C 842 38.54 25.40 16.94
N LEU C 843 37.93 26.48 17.39
CA LEU C 843 36.92 27.13 16.58
C LEU C 843 37.57 28.08 15.57
N GLY C 844 38.52 28.88 16.05
CA GLY C 844 39.23 29.80 15.17
C GLY C 844 40.08 29.10 14.14
N ILE C 845 40.65 27.96 14.49
CA ILE C 845 41.38 27.09 13.56
C ILE C 845 40.42 26.57 12.50
N ALA C 846 39.26 26.08 12.94
CA ALA C 846 38.34 25.38 12.03
C ALA C 846 37.69 26.34 11.02
N VAL C 847 37.39 27.56 11.45
CA VAL C 847 36.76 28.54 10.56
C VAL C 847 37.82 29.06 9.58
N SER C 848 39.10 29.00 9.98
CA SER C 848 40.19 29.41 9.10
C SER C 848 40.63 28.30 8.17
N THR C 849 40.86 27.11 8.71
CA THR C 849 41.36 25.99 7.91
C THR C 849 40.22 25.40 7.10
N ASP C 850 40.26 25.59 5.79
CA ASP C 850 39.19 25.19 4.90
C ASP C 850 39.14 23.67 4.66
N TYR C 851 38.72 22.92 5.67
CA TYR C 851 38.46 21.50 5.53
C TYR C 851 37.14 21.13 6.20
N TRP C 852 36.09 21.89 5.88
CA TRP C 852 34.70 21.59 6.18
C TRP C 852 34.14 20.68 5.08
N LEU C 853 32.82 20.66 4.92
CA LEU C 853 32.01 19.76 4.09
C LEU C 853 32.59 19.29 2.76
N TYR C 854 32.58 17.98 2.54
CA TYR C 854 33.13 17.35 1.33
C TYR C 854 31.99 16.88 0.44
N LEU C 855 31.66 17.69 -0.56
CA LEU C 855 30.68 17.26 -1.55
C LEU C 855 31.34 16.38 -2.60
N GLU C 856 30.57 15.39 -3.08
CA GLU C 856 31.02 14.44 -4.11
C GLU C 856 29.82 14.01 -4.95
N GLU C 857 29.99 13.92 -6.27
CA GLU C 857 28.90 13.51 -7.14
C GLU C 857 29.48 12.91 -8.41
N GLY C 858 28.60 12.50 -9.31
CA GLY C 858 28.93 11.92 -10.60
C GLY C 858 27.75 11.11 -11.12
N ILE C 859 27.92 10.56 -12.31
CA ILE C 859 26.86 9.83 -13.00
C ILE C 859 27.32 8.36 -12.96
N ILE C 860 26.50 7.42 -13.43
CA ILE C 860 26.90 6.02 -13.38
C ILE C 860 27.20 5.53 -14.79
N LEU C 861 28.25 4.70 -14.89
CA LEU C 861 28.47 3.82 -16.04
C LEU C 861 28.03 2.44 -15.59
N PRO C 862 26.97 1.89 -16.21
CA PRO C 862 26.52 0.54 -15.82
C PRO C 862 27.47 -0.56 -16.23
N GLN C 863 27.18 -1.79 -15.79
CA GLN C 863 27.90 -3.04 -16.04
C GLN C 863 29.27 -3.10 -15.36
N ASN C 864 29.67 -2.04 -14.65
CA ASN C 864 30.99 -2.01 -14.02
C ASN C 864 30.94 -1.41 -12.61
N GLN C 865 29.82 -0.77 -12.26
CA GLN C 865 29.60 -0.07 -10.99
C GLN C 865 30.66 1.01 -10.77
N SER C 866 30.63 2.04 -11.61
CA SER C 866 31.73 2.94 -11.94
C SER C 866 32.23 3.77 -10.77
N THR C 867 33.32 4.51 -11.05
CA THR C 867 34.04 5.39 -10.14
C THR C 867 34.27 6.75 -10.80
N GLU C 868 33.17 7.36 -11.25
CA GLU C 868 33.05 8.52 -12.14
C GLU C 868 33.76 9.81 -11.71
N VAL C 869 34.44 9.82 -10.57
CA VAL C 869 34.51 10.87 -9.54
C VAL C 869 34.22 12.33 -9.95
N LYS C 870 34.39 12.71 -11.22
CA LYS C 870 34.89 13.99 -11.73
C LYS C 870 34.91 15.18 -10.79
N MET C 871 33.81 15.47 -10.09
CA MET C 871 33.80 16.66 -9.24
C MET C 871 33.94 16.34 -7.76
N SER C 872 34.31 17.35 -6.97
CA SER C 872 34.43 17.22 -5.53
C SER C 872 34.38 18.62 -4.92
N LEU C 873 34.60 18.75 -3.62
CA LEU C 873 35.04 20.01 -3.01
C LEU C 873 35.84 19.70 -1.76
N HIS C 874 36.43 20.72 -1.15
CA HIS C 874 37.02 20.58 0.17
C HIS C 874 36.68 21.82 0.99
N SER C 875 35.64 22.54 0.54
CA SER C 875 35.27 23.88 0.98
C SER C 875 35.10 24.07 2.48
N GLY C 876 35.68 25.13 3.00
CA GLY C 876 35.40 25.56 4.35
C GLY C 876 34.25 26.55 4.36
N LEU C 877 34.38 27.64 5.10
CA LEU C 877 33.43 28.73 4.99
C LEU C 877 33.84 29.77 3.97
N TRP C 878 34.96 30.46 4.18
CA TRP C 878 35.36 31.57 3.32
C TRP C 878 36.07 31.06 2.09
N ARG C 879 37.13 30.26 2.28
CA ARG C 879 37.92 29.79 1.15
C ARG C 879 37.32 28.54 0.51
N VAL C 880 36.15 28.69 -0.11
CA VAL C 880 35.52 27.63 -0.90
C VAL C 880 36.38 27.32 -2.12
N CYS C 881 36.76 26.04 -2.28
CA CYS C 881 37.68 25.71 -3.35
C CYS C 881 37.45 24.27 -3.81
N PHE C 882 37.95 23.97 -5.01
CA PHE C 882 37.61 22.86 -5.88
C PHE C 882 38.90 22.11 -6.25
N LEU C 883 38.81 20.80 -6.51
CA LEU C 883 40.04 20.02 -6.61
C LEU C 883 40.23 19.24 -7.91
N ALA C 884 39.16 18.64 -8.43
CA ALA C 884 39.21 17.83 -9.64
C ALA C 884 38.31 18.49 -10.68
N GLY C 885 38.06 17.80 -11.80
CA GLY C 885 37.14 18.30 -12.83
C GLY C 885 37.52 19.62 -13.46
N GLU C 886 38.57 19.59 -14.31
CA GLU C 886 39.42 20.66 -14.83
C GLU C 886 40.42 21.15 -13.78
N GLU C 887 40.26 20.70 -12.53
CA GLU C 887 41.21 20.70 -11.42
C GLU C 887 41.51 22.09 -10.83
N ARG C 888 41.13 23.16 -11.54
CA ARG C 888 40.75 24.52 -11.11
C ARG C 888 41.46 25.00 -9.84
N GLY C 889 42.79 25.16 -9.90
CA GLY C 889 43.55 25.58 -8.72
C GLY C 889 43.23 26.96 -8.20
N ARG C 890 42.72 27.82 -9.08
CA ARG C 890 42.44 29.22 -8.75
C ARG C 890 40.98 29.46 -8.34
N CYS C 891 40.38 28.50 -7.63
CA CYS C 891 38.96 28.12 -7.71
C CYS C 891 37.92 29.22 -7.84
N PHE C 892 37.67 29.92 -6.74
CA PHE C 892 36.68 30.99 -6.58
C PHE C 892 36.97 31.66 -5.24
N THR C 893 36.13 32.63 -4.88
CA THR C 893 36.20 33.30 -3.59
C THR C 893 34.85 33.93 -3.28
N ILE C 894 34.82 34.72 -2.20
CA ILE C 894 33.59 35.36 -1.72
C ILE C 894 33.26 36.54 -2.62
N GLU C 895 34.28 37.09 -3.29
CA GLU C 895 34.04 38.00 -4.41
C GLU C 895 33.30 37.25 -5.51
N TYR C 896 32.30 37.94 -6.09
CA TYR C 896 31.16 37.38 -6.84
C TYR C 896 31.48 36.29 -7.85
N VAL C 897 30.73 35.20 -7.80
CA VAL C 897 30.94 34.02 -8.62
C VAL C 897 29.92 34.01 -9.75
N MET C 898 30.44 34.00 -10.99
CA MET C 898 29.73 34.02 -12.29
C MET C 898 28.45 34.87 -12.35
N VAL C 910 23.88 24.24 -12.09
CA VAL C 910 25.10 24.85 -11.59
C VAL C 910 25.01 24.98 -10.07
N ASN C 911 26.00 24.43 -9.38
CA ASN C 911 25.96 24.34 -7.92
C ASN C 911 26.25 25.70 -7.29
N VAL C 912 25.68 25.89 -6.10
CA VAL C 912 25.97 27.04 -5.24
C VAL C 912 26.37 26.50 -3.87
N LEU C 913 26.63 27.38 -2.91
CA LEU C 913 27.07 27.01 -1.59
C LEU C 913 26.38 27.91 -0.56
N LYS C 914 25.28 27.39 0.01
CA LYS C 914 24.47 28.17 0.95
C LYS C 914 24.99 28.07 2.38
N MET C 915 26.16 27.45 2.58
CA MET C 915 26.83 27.37 3.87
C MET C 915 27.13 28.77 4.42
N ILE C 916 27.96 29.52 3.70
CA ILE C 916 28.36 30.86 4.16
C ILE C 916 27.23 31.86 3.92
N ARG C 917 26.31 31.53 3.01
CA ARG C 917 25.20 32.43 2.67
C ARG C 917 24.26 32.69 3.85
N SER C 918 24.02 31.68 4.68
CA SER C 918 23.17 31.89 5.84
C SER C 918 23.94 31.76 7.14
N ALA C 919 24.71 30.68 7.30
CA ALA C 919 25.39 30.43 8.57
C ALA C 919 26.74 31.12 8.69
N THR C 920 26.80 32.42 8.41
CA THR C 920 27.99 33.21 8.70
C THR C 920 27.99 33.81 10.11
N PRO C 921 26.91 34.56 10.61
CA PRO C 921 27.08 35.23 11.90
C PRO C 921 27.01 34.29 13.09
N PHE C 922 26.43 33.10 12.90
CA PHE C 922 26.24 32.17 14.01
C PHE C 922 27.56 31.63 14.57
N PRO C 923 28.63 31.45 13.78
CA PRO C 923 29.96 31.38 14.40
C PRO C 923 30.58 32.74 14.67
N LEU C 924 30.20 33.80 13.95
CA LEU C 924 30.84 35.09 14.18
C LEU C 924 30.34 35.74 15.47
N VAL C 925 29.08 35.50 15.83
CA VAL C 925 28.64 35.97 17.14
C VAL C 925 29.20 35.06 18.23
N SER C 926 29.55 33.82 17.88
CA SER C 926 30.15 32.89 18.81
C SER C 926 31.56 33.35 19.17
N LEU C 927 32.31 33.86 18.20
CA LEU C 927 33.59 34.48 18.49
C LEU C 927 33.45 35.74 19.35
N PHE C 928 32.33 36.46 19.17
CA PHE C 928 32.10 37.68 19.95
C PHE C 928 31.85 37.35 21.43
N PHE C 929 31.08 36.30 21.70
CA PHE C 929 30.92 35.85 23.08
C PHE C 929 32.22 35.25 23.62
N MET C 930 33.00 34.60 22.75
CA MET C 930 34.16 33.85 23.21
C MET C 930 35.36 34.76 23.47
N PHE C 931 35.45 35.88 22.73
CA PHE C 931 36.52 36.84 22.99
C PHE C 931 36.34 37.51 24.35
N ILE C 932 35.08 37.68 24.78
CA ILE C 932 34.77 38.15 26.12
C ILE C 932 35.20 37.10 27.13
N GLY C 933 35.00 35.83 26.78
CA GLY C 933 35.26 34.69 27.66
C GLY C 933 36.66 34.54 28.22
N PHE C 934 37.67 34.50 27.35
CA PHE C 934 39.02 34.22 27.82
C PHE C 934 39.67 35.44 28.47
N ILE C 935 39.26 36.65 28.06
CA ILE C 935 39.87 37.86 28.61
C ILE C 935 39.46 38.04 30.07
N LEU C 936 38.16 37.97 30.35
CA LEU C 936 37.70 38.13 31.73
C LEU C 936 38.03 36.92 32.58
N SER C 937 38.30 35.77 31.95
CA SER C 937 38.92 34.65 32.66
C SER C 937 40.33 35.03 33.12
N ASN C 938 41.11 35.66 32.24
CA ASN C 938 42.47 36.06 32.58
C ASN C 938 42.49 37.21 33.58
N ILE C 939 41.45 38.06 33.56
CA ILE C 939 41.31 39.10 34.58
C ILE C 939 41.10 38.46 35.95
N GLY C 940 40.32 37.38 35.99
CA GLY C 940 40.17 36.64 37.24
C GLY C 940 41.42 35.86 37.63
N HIS C 941 42.29 35.59 36.66
CA HIS C 941 43.51 34.82 36.91
C HIS C 941 44.62 35.67 37.52
N ILE C 942 44.90 36.83 36.92
CA ILE C 942 46.03 37.67 37.30
C ILE C 942 45.84 38.25 38.70
N ARG C 943 44.58 38.50 39.08
CA ARG C 943 44.25 38.93 40.44
C ARG C 943 43.06 38.10 40.91
N PRO C 944 43.33 37.04 41.70
CA PRO C 944 42.25 36.10 42.08
C PRO C 944 41.22 36.65 43.04
N HIS C 945 41.46 37.81 43.65
CA HIS C 945 40.48 38.38 44.57
C HIS C 945 39.29 38.99 43.83
N ARG C 946 39.43 39.24 42.53
CA ARG C 946 38.30 39.68 41.72
C ARG C 946 37.30 38.56 41.55
N THR C 947 36.04 38.84 41.85
CA THR C 947 35.03 37.79 41.97
C THR C 947 34.04 37.82 40.81
N ILE C 948 33.41 38.98 40.57
CA ILE C 948 32.35 39.08 39.59
C ILE C 948 32.87 39.01 38.16
N LEU C 949 34.19 39.13 37.97
CA LEU C 949 34.79 39.12 36.64
C LEU C 949 34.79 37.70 36.08
N ALA C 950 35.18 36.73 36.90
CA ALA C 950 35.13 35.32 36.54
C ALA C 950 33.69 34.83 36.39
N PHE C 951 32.77 35.47 37.13
CA PHE C 951 31.34 35.20 37.03
C PHE C 951 30.81 35.54 35.63
N VAL C 952 31.04 36.77 35.19
CA VAL C 952 30.59 37.19 33.87
C VAL C 952 31.49 36.64 32.78
N SER C 953 32.66 36.13 33.15
CA SER C 953 33.45 35.36 32.19
C SER C 953 32.70 34.11 31.77
N GLY C 954 32.14 33.40 32.75
CA GLY C 954 31.46 32.14 32.46
C GLY C 954 30.18 32.30 31.67
N ILE C 955 29.46 33.40 31.92
CA ILE C 955 28.18 33.67 31.25
C ILE C 955 28.37 33.79 29.74
N PHE C 956 29.49 34.38 29.33
CA PHE C 956 29.73 34.57 27.90
C PHE C 956 30.47 33.40 27.29
N PHE C 957 30.82 32.38 28.08
CA PHE C 957 31.34 31.13 27.49
C PHE C 957 30.21 30.33 26.85
N ILE C 958 29.11 30.10 27.58
CA ILE C 958 28.06 29.21 27.09
C ILE C 958 27.26 29.88 25.98
N LEU C 959 27.14 31.21 26.00
CA LEU C 959 26.47 31.93 24.92
C LEU C 959 27.25 31.84 23.61
N SER C 960 28.56 31.60 23.68
CA SER C 960 29.29 31.19 22.49
C SER C 960 28.94 29.77 22.09
N GLY C 961 28.83 28.88 23.08
CA GLY C 961 28.55 27.48 22.79
C GLY C 961 27.13 27.24 22.33
N LEU C 962 26.20 28.09 22.78
CA LEU C 962 24.84 28.03 22.26
C LEU C 962 24.78 28.55 20.83
N SER C 963 25.66 29.48 20.48
CA SER C 963 25.78 29.93 19.11
C SER C 963 26.44 28.85 18.25
N LEU C 964 27.24 27.98 18.87
CA LEU C 964 27.79 26.82 18.16
C LEU C 964 26.70 25.82 17.82
N VAL C 965 25.67 25.72 18.67
CA VAL C 965 24.57 24.80 18.44
C VAL C 965 23.73 25.28 17.26
N VAL C 966 23.27 26.53 17.32
CA VAL C 966 22.44 27.07 16.23
C VAL C 966 23.28 27.35 15.00
N GLY C 967 24.61 27.40 15.16
CA GLY C 967 25.51 27.39 14.03
C GLY C 967 25.43 26.08 13.27
N LEU C 968 25.71 24.97 13.96
CA LEU C 968 25.86 23.68 13.29
C LEU C 968 24.52 23.10 12.84
N VAL C 969 23.43 23.48 13.53
CA VAL C 969 22.11 23.00 13.12
C VAL C 969 21.67 23.67 11.82
N LEU C 970 21.78 25.00 11.76
CA LEU C 970 21.43 25.76 10.57
C LEU C 970 22.40 25.46 9.42
N TYR C 971 23.64 25.09 9.76
CA TYR C 971 24.62 24.56 8.82
C TYR C 971 24.07 23.34 8.08
N ILE C 972 23.71 22.29 8.83
CA ILE C 972 23.31 21.02 8.23
C ILE C 972 21.92 21.12 7.60
N SER C 973 21.05 21.95 8.19
CA SER C 973 19.70 22.16 7.66
C SER C 973 19.75 22.84 6.30
N SER C 974 20.73 23.74 6.11
CA SER C 974 20.93 24.34 4.80
C SER C 974 21.47 23.32 3.80
N ILE C 975 22.19 22.33 4.30
CA ILE C 975 22.71 21.28 3.41
C ILE C 975 21.60 20.33 3.00
N ASN C 976 20.75 19.95 3.96
CA ASN C 976 19.68 18.99 3.67
C ASN C 976 18.60 19.61 2.78
N ASP C 977 18.45 20.93 2.85
CA ASP C 977 17.62 21.63 1.87
C ASP C 977 18.26 21.56 0.48
N GLU C 978 19.59 21.64 0.41
CA GLU C 978 20.29 21.49 -0.86
C GLU C 978 20.26 20.04 -1.33
N MET C 979 20.20 19.10 -0.38
CA MET C 979 20.05 17.67 -0.68
C MET C 979 18.72 17.38 -1.37
N LEU C 980 17.63 17.95 -0.85
CA LEU C 980 16.30 17.69 -1.39
C LEU C 980 16.04 18.44 -2.69
N ASN C 981 16.93 19.37 -3.05
CA ASN C 981 16.82 20.08 -4.31
C ASN C 981 17.38 19.26 -5.48
N ARG C 982 17.77 18.00 -5.24
CA ARG C 982 18.48 17.15 -6.19
C ARG C 982 17.70 16.83 -7.46
N THR C 983 16.37 16.61 -7.34
CA THR C 983 15.49 16.17 -8.43
C THR C 983 16.01 14.84 -8.97
N LYS C 984 15.70 13.75 -8.26
CA LYS C 984 16.52 12.58 -7.93
C LYS C 984 17.62 12.18 -8.91
N ASP C 985 17.30 12.04 -10.21
CA ASP C 985 18.25 11.66 -11.26
C ASP C 985 18.91 10.32 -10.97
N ALA C 986 18.12 9.24 -11.06
CA ALA C 986 18.44 7.87 -10.66
C ALA C 986 19.84 7.36 -11.03
N GLU C 987 20.29 7.62 -12.26
CA GLU C 987 21.64 7.21 -12.67
C GLU C 987 22.72 7.98 -11.93
N THR C 988 22.61 9.31 -11.88
CA THR C 988 23.53 10.20 -11.18
C THR C 988 23.63 9.84 -9.69
N TYR C 989 24.86 9.74 -9.16
CA TYR C 989 25.06 9.43 -7.75
C TYR C 989 25.55 10.67 -7.02
N PHE C 990 25.63 10.56 -5.70
CA PHE C 990 26.09 11.65 -4.85
C PHE C 990 26.78 11.05 -3.63
N ASN C 991 27.54 11.87 -2.92
CA ASN C 991 28.18 11.48 -1.66
C ASN C 991 28.51 12.78 -0.93
N TYR C 992 28.37 12.74 0.39
CA TYR C 992 28.75 13.90 1.19
C TYR C 992 29.29 13.45 2.53
N LYS C 993 30.44 14.00 2.92
CA LYS C 993 31.10 13.64 4.17
C LYS C 993 31.55 14.92 4.87
N TYR C 994 31.54 14.87 6.20
CA TYR C 994 32.03 16.00 6.98
C TYR C 994 33.54 15.92 7.12
N GLY C 995 34.17 17.09 7.21
CA GLY C 995 35.61 17.21 7.23
C GLY C 995 36.16 17.36 8.64
N TRP C 996 37.49 17.52 8.70
CA TRP C 996 38.16 17.62 9.99
C TRP C 996 37.89 18.95 10.68
N SER C 997 37.49 19.98 9.92
CA SER C 997 37.17 21.27 10.53
C SER C 997 35.79 21.23 11.19
N PHE C 998 34.85 20.47 10.59
CA PHE C 998 33.55 20.28 11.23
C PHE C 998 33.70 19.50 12.54
N ALA C 999 34.66 18.59 12.59
CA ALA C 999 34.95 17.89 13.84
C ALA C 999 35.61 18.83 14.84
N PHE C 1000 36.43 19.77 14.37
CA PHE C 1000 37.14 20.68 15.28
C PHE C 1000 36.18 21.65 15.95
N ALA C 1001 35.17 22.12 15.23
CA ALA C 1001 34.14 22.95 15.86
C ALA C 1001 33.25 22.14 16.77
N ALA C 1002 33.05 20.86 16.45
CA ALA C 1002 32.30 19.96 17.33
C ALA C 1002 33.09 19.70 18.62
N ILE C 1003 34.41 19.52 18.49
CA ILE C 1003 35.27 19.44 19.67
C ILE C 1003 35.31 20.77 20.41
N SER C 1004 35.24 21.89 19.67
CA SER C 1004 35.26 23.20 20.31
C SER C 1004 33.99 23.47 21.12
N PHE C 1005 32.90 22.78 20.80
CA PHE C 1005 31.71 22.84 21.63
C PHE C 1005 31.97 22.23 23.01
N LEU C 1006 32.65 21.09 23.04
CA LEU C 1006 32.99 20.42 24.30
C LEU C 1006 33.93 21.26 25.15
N LEU C 1007 34.95 21.84 24.53
CA LEU C 1007 36.00 22.57 25.24
C LEU C 1007 35.49 23.83 25.93
N THR C 1008 34.59 24.56 25.29
CA THR C 1008 34.03 25.77 25.89
C THR C 1008 33.00 25.47 26.97
N GLU C 1009 32.05 24.57 26.68
CA GLU C 1009 30.99 24.21 27.61
C GLU C 1009 31.51 23.55 28.87
N SER C 1010 32.48 22.62 28.72
CA SER C 1010 33.04 21.98 29.91
C SER C 1010 34.03 22.88 30.62
N ALA C 1011 34.41 23.99 30.00
CA ALA C 1011 35.05 25.08 30.75
C ALA C 1011 34.02 26.08 31.25
N GLY C 1012 32.86 26.14 30.60
CA GLY C 1012 31.79 26.99 31.07
C GLY C 1012 31.17 26.51 32.36
N VAL C 1013 31.33 25.23 32.69
CA VAL C 1013 30.95 24.76 34.02
C VAL C 1013 32.06 25.03 35.03
N MET C 1014 33.32 24.90 34.60
CA MET C 1014 34.41 25.01 35.55
C MET C 1014 34.72 26.47 35.89
N SER C 1015 34.38 27.40 34.99
CA SER C 1015 34.56 28.81 35.30
C SER C 1015 33.53 29.30 36.30
N VAL C 1016 32.29 28.82 36.18
CA VAL C 1016 31.22 29.27 37.04
C VAL C 1016 31.32 28.59 38.41
N TYR C 1017 31.74 27.31 38.43
CA TYR C 1017 32.01 26.62 39.68
C TYR C 1017 33.19 27.22 40.43
N LEU C 1018 34.12 27.85 39.69
CA LEU C 1018 35.25 28.52 40.32
C LEU C 1018 34.80 29.81 41.01
N PHE C 1019 33.74 30.43 40.50
CA PHE C 1019 33.15 31.58 41.19
C PHE C 1019 32.56 31.17 42.53
N MET C 1020 31.95 29.98 42.59
CA MET C 1020 31.23 29.54 43.77
C MET C 1020 32.21 29.17 44.88
N LYS C 1021 33.31 28.52 44.51
CA LYS C 1021 34.37 28.20 45.47
C LYS C 1021 35.08 29.45 45.95
N ARG C 1022 35.15 30.49 45.11
CA ARG C 1022 35.84 31.73 45.47
C ARG C 1022 34.97 32.66 46.32
N TYR C 1023 33.81 33.06 45.80
CA TYR C 1023 33.07 34.17 46.40
C TYR C 1023 32.33 33.74 47.67
N THR C 1024 31.84 32.49 47.71
CA THR C 1024 31.14 32.03 48.90
C THR C 1024 32.12 31.82 50.06
N ALA C 1025 33.37 31.49 49.73
CA ALA C 1025 34.43 31.46 50.73
C ALA C 1025 34.71 32.86 51.27
N GLU C 1026 34.61 33.87 50.40
CA GLU C 1026 34.75 35.27 50.82
C GLU C 1026 33.56 35.71 51.65
N GLN D 383 2.46 3.45 -60.50
CA GLN D 383 1.19 4.10 -60.80
C GLN D 383 1.33 5.59 -61.01
N LYS D 384 1.41 6.35 -59.93
CA LYS D 384 1.44 7.81 -60.02
C LYS D 384 2.54 8.39 -59.14
N THR D 385 2.95 7.62 -58.12
CA THR D 385 4.02 7.94 -57.17
C THR D 385 3.71 9.27 -56.47
N VAL D 386 2.69 9.25 -55.60
CA VAL D 386 2.20 10.41 -54.86
C VAL D 386 3.30 11.00 -53.98
N VAL D 387 3.49 12.31 -54.08
CA VAL D 387 4.53 13.02 -53.35
C VAL D 387 4.00 13.49 -52.02
N VAL D 388 4.24 12.72 -50.95
CA VAL D 388 3.73 13.05 -49.63
C VAL D 388 4.71 13.95 -48.87
N THR D 389 4.23 15.11 -48.43
CA THR D 389 5.05 16.08 -47.72
C THR D 389 4.88 15.90 -46.21
N THR D 390 5.95 16.06 -45.42
CA THR D 390 5.84 16.11 -43.96
C THR D 390 6.89 17.10 -43.46
N ILE D 391 7.01 17.30 -42.15
CA ILE D 391 8.03 18.14 -41.55
C ILE D 391 8.63 17.39 -40.36
N LEU D 392 9.89 17.67 -40.05
CA LEU D 392 10.64 16.91 -39.05
C LEU D 392 10.35 17.43 -37.65
N GLU D 393 9.34 16.87 -37.00
CA GLU D 393 9.15 17.01 -35.57
C GLU D 393 8.72 15.68 -34.96
N SER D 394 9.18 15.43 -33.76
CA SER D 394 8.90 14.22 -33.01
C SER D 394 7.51 14.28 -32.40
N PRO D 395 6.79 13.15 -32.33
CA PRO D 395 7.10 11.85 -32.94
C PRO D 395 6.41 11.68 -34.27
N TYR D 396 6.27 12.76 -35.04
CA TYR D 396 5.49 12.66 -36.27
C TYR D 396 6.33 12.02 -37.36
N VAL D 397 7.47 12.62 -37.69
CA VAL D 397 8.49 12.00 -38.52
C VAL D 397 9.83 12.21 -37.84
N MET D 398 10.43 11.11 -37.39
CA MET D 398 11.78 11.12 -36.85
C MET D 398 12.66 10.30 -37.79
N MET D 399 13.89 10.78 -38.00
CA MET D 399 14.83 10.09 -38.86
C MET D 399 15.49 8.97 -38.07
N LYS D 400 15.38 7.75 -38.59
CA LYS D 400 15.94 6.58 -37.95
C LYS D 400 17.48 6.64 -38.03
N LYS D 401 18.16 5.82 -37.21
CA LYS D 401 19.61 5.88 -37.10
C LYS D 401 20.30 5.41 -38.38
N ASN D 402 19.58 4.74 -39.28
CA ASN D 402 20.12 4.29 -40.55
C ASN D 402 19.86 5.31 -41.66
N HIS D 403 19.88 6.61 -41.32
CA HIS D 403 19.56 7.68 -42.27
C HIS D 403 20.72 8.04 -43.18
N GLU D 404 21.74 7.17 -43.25
CA GLU D 404 22.85 7.37 -44.16
C GLU D 404 23.13 6.07 -44.90
N MET D 405 22.32 5.05 -44.65
CA MET D 405 22.52 3.73 -45.23
C MET D 405 21.22 3.04 -45.60
N LEU D 406 20.13 3.80 -45.79
CA LEU D 406 18.88 3.24 -46.27
C LEU D 406 18.22 4.17 -47.27
N GLU D 407 17.03 3.75 -47.70
CA GLU D 407 16.23 4.43 -48.71
C GLU D 407 15.25 5.37 -48.01
N GLY D 408 14.73 6.34 -48.78
CA GLY D 408 13.74 7.32 -48.36
C GLY D 408 12.55 6.82 -47.56
N ASN D 409 11.81 5.85 -48.08
CA ASN D 409 10.62 5.35 -47.40
C ASN D 409 10.93 4.45 -46.21
N GLU D 410 12.21 4.13 -45.99
CA GLU D 410 12.62 3.28 -44.89
C GLU D 410 13.55 3.96 -43.90
N ARG D 411 13.79 5.26 -44.05
CA ARG D 411 14.67 5.98 -43.15
C ARG D 411 13.91 6.83 -42.13
N TYR D 412 12.63 7.09 -42.37
CA TYR D 412 11.84 7.92 -41.47
C TYR D 412 10.92 7.03 -40.64
N GLU D 413 10.80 7.34 -39.36
CA GLU D 413 9.88 6.67 -38.45
C GLU D 413 9.04 7.71 -37.75
N GLY D 414 7.87 7.31 -37.27
CA GLY D 414 7.06 8.22 -36.49
C GLY D 414 5.59 7.95 -36.65
N TYR D 415 4.80 8.89 -36.12
CA TYR D 415 3.35 8.79 -36.19
C TYR D 415 2.85 9.01 -37.62
N CYS D 416 3.35 10.03 -38.29
CA CYS D 416 2.94 10.29 -39.67
C CYS D 416 3.47 9.24 -40.63
N VAL D 417 4.58 8.58 -40.27
CA VAL D 417 5.07 7.47 -41.08
C VAL D 417 4.10 6.30 -40.99
N ASP D 418 3.64 5.96 -39.79
CA ASP D 418 2.65 4.91 -39.63
C ASP D 418 1.28 5.35 -40.17
N LEU D 419 1.01 6.65 -40.18
CA LEU D 419 -0.27 7.13 -40.72
C LEU D 419 -0.28 7.08 -42.24
N ALA D 420 0.85 7.45 -42.87
CA ALA D 420 0.91 7.46 -44.33
C ALA D 420 0.85 6.04 -44.90
N ALA D 421 1.28 5.05 -44.12
CA ALA D 421 1.14 3.67 -44.53
C ALA D 421 -0.31 3.23 -44.47
N GLU D 422 -1.07 3.76 -43.51
CA GLU D 422 -2.47 3.37 -43.36
C GLU D 422 -3.36 4.06 -44.39
N ILE D 423 -3.06 5.31 -44.72
CA ILE D 423 -3.85 6.03 -45.73
C ILE D 423 -3.61 5.43 -47.10
N ALA D 424 -2.38 5.05 -47.40
CA ALA D 424 -2.05 4.43 -48.68
C ALA D 424 -2.63 3.02 -48.78
N LYS D 425 -2.83 2.37 -47.63
CA LYS D 425 -3.38 1.01 -47.64
C LYS D 425 -4.86 1.03 -47.98
N HIS D 426 -5.62 2.00 -47.45
CA HIS D 426 -7.05 2.05 -47.72
C HIS D 426 -7.38 2.71 -49.05
N CYS D 427 -6.72 3.84 -49.35
CA CYS D 427 -6.98 4.51 -50.63
C CYS D 427 -6.36 3.74 -51.78
N GLY D 428 -5.04 3.60 -51.78
CA GLY D 428 -4.33 2.83 -52.78
C GLY D 428 -3.51 3.68 -53.73
N PHE D 429 -2.22 3.82 -53.44
CA PHE D 429 -1.26 4.55 -54.26
C PHE D 429 0.16 4.19 -53.86
N LYS D 430 1.14 4.95 -54.37
CA LYS D 430 2.54 4.78 -53.99
C LYS D 430 3.05 6.13 -53.50
N TYR D 431 3.76 6.12 -52.38
CA TYR D 431 4.17 7.36 -51.73
C TYR D 431 5.67 7.38 -51.46
N LYS D 432 6.25 8.58 -51.54
CA LYS D 432 7.66 8.81 -51.20
C LYS D 432 7.71 10.09 -50.35
N LEU D 433 8.29 9.97 -49.15
CA LEU D 433 8.28 11.06 -48.20
C LEU D 433 9.22 12.18 -48.63
N THR D 434 8.74 13.42 -48.54
CA THR D 434 9.31 14.55 -49.24
C THR D 434 9.42 15.73 -48.27
N ILE D 435 10.19 15.54 -47.19
CA ILE D 435 10.46 16.51 -46.13
C ILE D 435 10.74 17.90 -46.70
N VAL D 436 10.01 18.90 -46.19
CA VAL D 436 9.79 20.19 -46.83
C VAL D 436 11.10 20.97 -47.03
N GLY D 437 11.24 21.59 -48.20
CA GLY D 437 12.43 22.31 -48.57
C GLY D 437 12.68 23.55 -47.74
N ASP D 438 11.66 24.39 -47.58
CA ASP D 438 11.75 25.58 -46.74
C ASP D 438 11.96 25.22 -45.28
N GLY D 439 10.98 24.56 -44.66
CA GLY D 439 11.12 24.14 -43.28
C GLY D 439 10.04 24.65 -42.35
N LYS D 440 9.00 25.29 -42.89
CA LYS D 440 7.92 25.80 -42.09
C LYS D 440 6.61 25.10 -42.44
N TYR D 441 5.57 25.35 -41.64
CA TYR D 441 4.27 24.74 -41.89
C TYR D 441 3.55 25.42 -43.06
N GLY D 442 3.18 26.67 -42.90
CA GLY D 442 2.56 27.41 -43.98
C GLY D 442 1.88 28.66 -43.48
N ALA D 443 2.08 29.75 -44.23
CA ALA D 443 1.55 31.07 -43.90
C ALA D 443 1.67 32.00 -45.08
N ARG D 444 0.78 32.98 -45.19
CA ARG D 444 0.91 33.98 -46.24
C ARG D 444 2.01 34.98 -45.88
N ASP D 445 2.72 35.43 -46.91
CA ASP D 445 3.67 36.53 -46.79
C ASP D 445 2.99 37.71 -47.47
N ALA D 446 2.48 38.66 -46.68
CA ALA D 446 1.68 39.73 -47.26
C ALA D 446 2.54 40.87 -47.81
N ASP D 447 3.55 40.52 -48.61
CA ASP D 447 4.34 41.47 -49.38
C ASP D 447 4.39 40.98 -50.83
N THR D 448 4.47 39.66 -50.99
CA THR D 448 4.55 39.02 -52.31
C THR D 448 3.43 38.02 -52.55
N LYS D 449 2.67 37.67 -51.51
CA LYS D 449 1.49 36.81 -51.56
C LYS D 449 1.83 35.41 -52.10
N ILE D 450 2.81 34.79 -51.46
CA ILE D 450 3.31 33.48 -51.86
C ILE D 450 3.33 32.58 -50.62
N TRP D 451 2.65 31.43 -50.72
CA TRP D 451 2.64 30.46 -49.64
C TRP D 451 4.00 29.80 -49.48
N ASN D 452 4.42 29.63 -48.23
CA ASN D 452 5.66 28.94 -47.91
C ASN D 452 5.36 27.59 -47.26
N GLY D 453 6.35 26.72 -47.23
CA GLY D 453 6.26 25.50 -46.46
C GLY D 453 5.44 24.43 -47.15
N MET D 454 4.76 23.63 -46.32
CA MET D 454 4.03 22.47 -46.82
C MET D 454 2.79 22.88 -47.59
N VAL D 455 2.17 23.99 -47.19
CA VAL D 455 1.04 24.53 -47.94
C VAL D 455 1.52 25.06 -49.28
N GLY D 456 2.70 25.68 -49.29
CA GLY D 456 3.33 26.18 -50.50
C GLY D 456 3.66 25.11 -51.52
N GLU D 457 3.94 23.90 -51.06
CA GLU D 457 4.21 22.80 -51.99
C GLU D 457 2.93 22.20 -52.52
N LEU D 458 1.85 22.26 -51.74
CA LEU D 458 0.55 21.73 -52.18
C LEU D 458 -0.06 22.59 -53.27
N VAL D 459 -0.15 23.89 -53.04
CA VAL D 459 -0.89 24.80 -53.91
C VAL D 459 -0.18 24.96 -55.25
N TYR D 460 1.11 25.31 -55.22
CA TYR D 460 1.83 25.66 -56.42
C TYR D 460 2.15 24.45 -57.29
N GLY D 461 2.27 23.27 -56.68
CA GLY D 461 2.33 22.06 -57.49
C GLY D 461 3.32 21.00 -57.06
N LYS D 462 4.27 21.36 -56.20
CA LYS D 462 5.34 20.42 -55.84
C LYS D 462 4.90 19.32 -54.87
N ALA D 463 3.64 19.17 -54.49
CA ALA D 463 3.20 18.13 -53.58
C ALA D 463 1.86 17.57 -54.05
N ASP D 464 1.48 16.43 -53.47
CA ASP D 464 0.20 15.82 -53.79
C ASP D 464 -0.65 15.51 -52.56
N ILE D 465 -0.05 15.30 -51.39
CA ILE D 465 -0.78 15.17 -50.13
C ILE D 465 0.14 15.68 -49.05
N ALA D 466 -0.38 15.94 -47.85
CA ALA D 466 0.39 16.61 -46.81
C ALA D 466 0.23 15.95 -45.46
N ILE D 467 0.47 14.64 -45.38
CA ILE D 467 0.17 13.88 -44.17
C ILE D 467 1.17 14.29 -43.09
N ALA D 468 0.73 15.22 -42.24
CA ALA D 468 1.62 15.99 -41.38
C ALA D 468 0.80 16.65 -40.27
N PRO D 469 1.42 17.22 -39.22
CA PRO D 469 0.62 17.98 -38.25
C PRO D 469 0.28 19.41 -38.66
N LEU D 470 -0.37 19.58 -39.81
CA LEU D 470 -0.98 20.86 -40.12
C LEU D 470 -2.21 21.09 -39.26
N THR D 471 -2.28 22.26 -38.64
CA THR D 471 -3.41 22.62 -37.80
C THR D 471 -4.45 23.31 -38.68
N ILE D 472 -5.69 22.81 -38.63
CA ILE D 472 -6.80 23.35 -39.42
C ILE D 472 -7.11 24.77 -38.99
N THR D 473 -6.85 25.73 -39.86
CA THR D 473 -7.19 27.12 -39.62
C THR D 473 -7.94 27.68 -40.81
N LEU D 474 -8.47 28.89 -40.65
CA LEU D 474 -9.31 29.49 -41.67
C LEU D 474 -8.51 29.89 -42.91
N VAL D 475 -7.34 30.51 -42.71
CA VAL D 475 -6.59 31.03 -43.84
C VAL D 475 -5.94 29.89 -44.63
N ARG D 476 -5.75 28.73 -43.99
CA ARG D 476 -5.29 27.57 -44.75
C ARG D 476 -6.45 26.88 -45.46
N GLU D 477 -7.67 27.02 -44.93
CA GLU D 477 -8.83 26.32 -45.48
C GLU D 477 -9.24 26.90 -46.83
N GLU D 478 -8.96 28.18 -47.06
CA GLU D 478 -9.35 28.84 -48.29
C GLU D 478 -8.57 28.37 -49.50
N VAL D 479 -7.38 27.79 -49.30
CA VAL D 479 -6.52 27.41 -50.41
C VAL D 479 -6.35 25.90 -50.55
N ILE D 480 -6.47 25.12 -49.48
CA ILE D 480 -6.36 23.67 -49.59
C ILE D 480 -7.54 23.01 -48.88
N ASP D 481 -7.59 21.68 -48.91
CA ASP D 481 -8.71 20.95 -48.32
C ASP D 481 -8.16 20.02 -47.25
N PHE D 482 -8.52 20.26 -45.99
CA PHE D 482 -8.08 19.39 -44.90
C PHE D 482 -8.96 18.16 -44.82
N SER D 483 -8.78 17.36 -43.78
CA SER D 483 -9.57 16.15 -43.64
C SER D 483 -9.86 15.73 -42.21
N LYS D 484 -10.98 16.23 -41.63
CA LYS D 484 -11.79 15.70 -40.54
C LYS D 484 -10.99 15.14 -39.38
N PRO D 485 -10.44 16.02 -38.50
CA PRO D 485 -9.17 15.79 -37.78
C PRO D 485 -8.82 14.41 -37.25
N PHE D 486 -7.59 13.96 -37.53
CA PHE D 486 -7.11 12.69 -37.02
C PHE D 486 -6.53 12.78 -35.62
N MET D 487 -6.49 13.98 -35.04
CA MET D 487 -5.94 14.17 -33.70
C MET D 487 -6.42 15.51 -33.17
N SER D 488 -7.03 15.49 -31.98
CA SER D 488 -7.65 16.68 -31.39
C SER D 488 -6.75 17.19 -30.27
N LEU D 489 -6.11 18.33 -30.52
CA LEU D 489 -5.20 18.95 -29.57
C LEU D 489 -5.81 20.22 -28.98
N GLY D 490 -5.04 20.94 -28.17
CA GLY D 490 -5.49 22.18 -27.56
C GLY D 490 -4.37 22.84 -26.78
N ILE D 491 -4.52 24.13 -26.46
CA ILE D 491 -3.53 24.79 -25.61
C ILE D 491 -3.65 24.28 -24.19
N SER D 492 -2.55 23.83 -23.60
CA SER D 492 -2.54 23.25 -22.26
C SER D 492 -1.46 23.90 -21.42
N ILE D 493 -1.33 23.44 -20.19
CA ILE D 493 -0.48 24.06 -19.17
C ILE D 493 0.68 23.12 -18.88
N MET D 494 1.90 23.61 -18.98
CA MET D 494 3.09 22.82 -18.69
C MET D 494 3.77 23.34 -17.43
N ILE D 495 3.86 22.48 -16.41
CA ILE D 495 4.55 22.83 -15.16
C ILE D 495 5.53 21.72 -14.82
N LYS D 496 6.45 22.04 -13.91
CA LYS D 496 7.39 21.07 -13.37
C LYS D 496 6.64 20.04 -12.53
N LYS D 497 7.19 18.81 -12.47
CA LYS D 497 6.68 17.72 -11.63
C LYS D 497 6.59 18.17 -10.18
N PRO D 498 5.54 17.79 -9.46
CA PRO D 498 5.54 18.06 -8.01
C PRO D 498 6.43 17.06 -7.27
N GLN D 499 7.73 17.37 -7.20
CA GLN D 499 8.64 16.48 -6.48
C GLN D 499 8.51 16.72 -4.98
N LYS D 500 9.33 16.03 -4.18
CA LYS D 500 9.32 16.25 -2.74
C LYS D 500 9.87 17.65 -2.46
N SER D 501 9.36 18.30 -1.42
CA SER D 501 9.64 19.73 -1.26
C SER D 501 10.48 19.97 -0.02
N LYS D 502 10.78 21.23 0.27
CA LYS D 502 11.64 21.57 1.39
C LYS D 502 10.75 21.65 2.64
N PRO D 503 11.23 21.17 3.78
CA PRO D 503 10.47 21.36 5.02
C PRO D 503 10.57 22.80 5.49
N GLY D 504 9.64 23.21 6.37
CA GLY D 504 9.70 24.50 7.01
C GLY D 504 10.43 24.41 8.33
N VAL D 505 10.50 25.55 9.01
CA VAL D 505 11.09 25.59 10.35
C VAL D 505 9.96 25.46 11.37
N PHE D 506 8.74 25.20 10.89
CA PHE D 506 7.65 24.78 11.76
C PHE D 506 6.86 23.68 11.07
N SER D 507 7.58 22.77 10.41
CA SER D 507 6.96 21.70 9.64
C SER D 507 6.60 20.49 10.49
N PHE D 508 7.00 20.47 11.75
CA PHE D 508 6.60 19.38 12.64
C PHE D 508 5.19 19.59 13.17
N LEU D 509 4.61 20.76 12.90
CA LEU D 509 3.19 21.03 13.18
C LEU D 509 2.28 20.62 12.04
N ASP D 510 2.75 19.79 11.12
CA ASP D 510 1.97 19.29 9.99
C ASP D 510 0.96 18.16 10.28
N PRO D 511 1.23 17.15 11.17
CA PRO D 511 0.16 16.16 11.44
C PRO D 511 -1.10 16.74 12.09
N LEU D 512 -0.94 17.45 13.19
CA LEU D 512 -2.07 18.10 13.83
C LEU D 512 -2.28 19.48 13.23
N ALA D 513 -3.51 19.78 12.82
CA ALA D 513 -3.80 21.03 12.13
C ALA D 513 -3.78 22.20 13.11
N TYR D 514 -3.89 23.41 12.57
CA TYR D 514 -3.62 24.63 13.34
C TYR D 514 -4.71 24.89 14.37
N GLU D 515 -5.91 24.34 14.17
CA GLU D 515 -6.97 24.55 15.15
C GLU D 515 -6.76 23.67 16.38
N ILE D 516 -6.05 22.56 16.24
CA ILE D 516 -5.86 21.67 17.37
C ILE D 516 -4.75 22.20 18.28
N TRP D 517 -3.69 22.77 17.69
CA TRP D 517 -2.59 23.30 18.50
C TRP D 517 -3.02 24.51 19.33
N MET D 518 -3.98 25.28 18.82
CA MET D 518 -4.49 26.41 19.59
C MET D 518 -5.51 25.98 20.63
N CYS D 519 -6.32 24.95 20.35
CA CYS D 519 -7.27 24.48 21.35
C CYS D 519 -6.59 23.70 22.47
N ILE D 520 -5.35 23.26 22.27
CA ILE D 520 -4.56 22.71 23.37
C ILE D 520 -4.12 23.82 24.31
N VAL D 521 -3.57 24.90 23.74
CA VAL D 521 -3.03 26.00 24.54
C VAL D 521 -4.14 26.72 25.30
N PHE D 522 -5.29 26.90 24.63
CA PHE D 522 -6.45 27.49 25.29
C PHE D 522 -7.04 26.58 26.35
N ALA D 523 -6.79 25.27 26.26
CA ALA D 523 -7.13 24.35 27.34
C ALA D 523 -5.98 24.14 28.31
N TYR D 524 -4.75 24.44 27.88
CA TYR D 524 -3.63 24.50 28.82
C TYR D 524 -3.81 25.63 29.82
N ILE D 525 -4.35 26.76 29.37
CA ILE D 525 -4.73 27.84 30.28
C ILE D 525 -6.00 27.48 31.02
N GLY D 526 -6.83 26.63 30.41
CA GLY D 526 -8.08 26.18 31.01
C GLY D 526 -7.90 25.36 32.26
N VAL D 527 -7.01 24.35 32.22
CA VAL D 527 -6.72 23.58 33.42
C VAL D 527 -5.91 24.41 34.41
N SER D 528 -5.16 25.39 33.91
CA SER D 528 -4.38 26.28 34.76
C SER D 528 -5.26 27.12 35.66
N VAL D 529 -6.37 27.63 35.13
CA VAL D 529 -7.26 28.47 35.93
C VAL D 529 -8.16 27.59 36.80
N VAL D 530 -8.32 26.32 36.42
CA VAL D 530 -9.12 25.42 37.26
C VAL D 530 -8.31 24.96 38.46
N LEU D 531 -7.05 24.59 38.24
CA LEU D 531 -6.21 24.04 39.32
C LEU D 531 -5.86 25.13 40.34
N PHE D 532 -5.92 26.40 39.92
CA PHE D 532 -5.77 27.49 40.88
C PHE D 532 -7.04 27.71 41.69
N LEU D 533 -8.18 27.82 41.01
CA LEU D 533 -9.45 28.10 41.69
C LEU D 533 -9.90 26.92 42.55
N VAL D 534 -9.49 25.70 42.19
CA VAL D 534 -9.70 24.57 43.09
C VAL D 534 -8.83 24.71 44.33
N SER D 535 -7.51 24.83 44.17
CA SER D 535 -6.60 24.70 45.29
C SER D 535 -6.50 25.98 46.12
N ARG D 536 -7.16 27.07 45.71
CA ARG D 536 -7.21 28.25 46.55
C ARG D 536 -8.48 28.26 47.39
N PHE D 537 -9.60 27.78 46.83
CA PHE D 537 -10.88 27.77 47.51
C PHE D 537 -11.07 26.55 48.41
N SER D 538 -10.27 25.49 48.22
CA SER D 538 -10.47 24.26 48.99
C SER D 538 -9.90 24.28 50.42
N PRO D 539 -8.62 24.74 50.70
CA PRO D 539 -8.14 24.60 52.08
C PRO D 539 -8.67 25.64 53.07
N TYR D 540 -9.99 25.82 53.12
CA TYR D 540 -10.61 26.74 54.07
C TYR D 540 -12.05 26.32 54.34
N ASN D 560 -1.77 26.11 49.66
CA ASN D 560 -1.75 26.89 48.43
C ASN D 560 -0.42 26.71 47.69
N GLU D 561 -0.17 25.49 47.23
CA GLU D 561 1.06 25.20 46.50
C GLU D 561 0.73 25.17 45.00
N PHE D 562 -0.32 25.89 44.61
CA PHE D 562 -0.82 25.89 43.24
C PHE D 562 -1.19 27.28 42.77
N GLY D 563 -0.28 28.24 42.96
CA GLY D 563 -0.51 29.58 42.46
C GLY D 563 -0.35 29.70 40.96
N ILE D 564 -0.19 30.95 40.50
CA ILE D 564 0.13 31.29 39.12
C ILE D 564 1.41 30.58 38.69
N PHE D 565 2.39 30.55 39.60
CA PHE D 565 3.67 29.88 39.42
C PHE D 565 3.53 28.38 39.19
N ASN D 566 2.72 27.71 40.01
CA ASN D 566 2.65 26.25 39.97
C ASN D 566 1.57 25.67 39.06
N SER D 567 0.38 26.28 39.02
CA SER D 567 -0.74 25.70 38.27
C SER D 567 -0.52 25.78 36.76
N LEU D 568 0.19 26.82 36.31
CA LEU D 568 0.65 26.84 34.93
C LEU D 568 1.69 25.76 34.67
N TRP D 569 2.44 25.37 35.69
CA TRP D 569 3.56 24.45 35.52
C TRP D 569 3.11 23.00 35.42
N PHE D 570 2.22 22.57 36.33
CA PHE D 570 1.87 21.16 36.42
C PHE D 570 1.06 20.71 35.21
N SER D 571 0.37 21.63 34.54
CA SER D 571 -0.29 21.30 33.27
C SER D 571 0.75 21.14 32.16
N LEU D 572 1.79 21.97 32.18
CA LEU D 572 2.88 21.82 31.22
C LEU D 572 3.69 20.57 31.49
N GLY D 573 3.91 20.24 32.76
CA GLY D 573 4.58 19.00 33.11
C GLY D 573 3.80 17.75 32.78
N ALA D 574 2.50 17.91 32.55
CA ALA D 574 1.65 16.77 32.23
C ALA D 574 1.60 16.50 30.74
N PHE D 575 1.26 17.52 29.93
CA PHE D 575 1.01 17.29 28.51
C PHE D 575 2.32 17.08 27.76
N MET D 576 3.30 17.93 27.99
CA MET D 576 4.67 17.52 27.76
C MET D 576 4.93 16.45 28.81
N GLN D 577 4.97 15.19 28.37
CA GLN D 577 4.80 13.98 29.17
C GLN D 577 5.69 13.79 30.40
N GLN D 578 5.32 12.76 31.19
CA GLN D 578 5.94 12.08 32.34
C GLN D 578 5.64 12.67 33.72
N GLY D 579 4.94 13.79 33.80
CA GLY D 579 4.40 14.24 35.07
C GLY D 579 5.34 15.18 35.79
N CYS D 580 4.89 15.62 36.96
CA CYS D 580 5.64 16.55 37.80
C CYS D 580 5.28 16.31 39.26
N ASP D 581 6.22 16.61 40.17
CA ASP D 581 6.11 16.21 41.56
C ASP D 581 5.40 17.23 42.47
N ILE D 582 4.52 18.04 41.89
CA ILE D 582 3.69 18.98 42.64
C ILE D 582 2.27 18.49 42.46
N SER D 583 2.10 17.16 42.60
CA SER D 583 0.84 16.41 42.56
C SER D 583 -0.31 17.07 43.31
N PRO D 584 -1.51 17.07 42.74
CA PRO D 584 -2.66 17.72 43.38
C PRO D 584 -3.13 16.93 44.59
N ARG D 585 -3.75 17.64 45.54
CA ARG D 585 -4.32 17.00 46.71
C ARG D 585 -5.70 17.56 47.03
N SER D 586 -6.71 16.95 46.40
CA SER D 586 -8.15 17.19 46.59
C SER D 586 -8.85 16.19 45.69
N LEU D 587 -10.12 15.86 45.96
CA LEU D 587 -10.84 14.95 45.07
C LEU D 587 -11.18 15.63 43.75
N SER D 588 -11.25 16.96 43.77
CA SER D 588 -11.22 17.73 42.53
C SER D 588 -9.87 17.56 41.83
N GLY D 589 -8.77 17.68 42.58
CA GLY D 589 -7.43 17.50 42.04
C GLY D 589 -7.13 16.10 41.56
N ARG D 590 -7.87 15.12 42.09
CA ARG D 590 -7.89 13.77 41.55
C ARG D 590 -8.37 13.80 40.11
N ILE D 591 -9.43 14.56 39.86
CA ILE D 591 -10.02 14.70 38.53
C ILE D 591 -9.14 15.59 37.66
N VAL D 592 -8.79 16.77 38.17
CA VAL D 592 -7.98 17.80 37.50
C VAL D 592 -6.66 17.22 37.03
N GLY D 593 -6.07 16.37 37.86
CA GLY D 593 -4.99 15.52 37.40
C GLY D 593 -5.43 14.63 36.25
N GLY D 594 -6.50 13.86 36.46
CA GLY D 594 -6.79 12.74 35.56
C GLY D 594 -7.31 13.15 34.20
N VAL D 595 -8.30 14.04 34.16
CA VAL D 595 -8.97 14.32 32.88
C VAL D 595 -8.11 15.17 31.96
N TRP D 596 -7.15 15.90 32.51
CA TRP D 596 -6.11 16.49 31.65
C TRP D 596 -5.12 15.43 31.22
N TRP D 597 -4.85 14.44 32.08
CA TRP D 597 -3.90 13.39 31.76
C TRP D 597 -4.43 12.46 30.67
N PHE D 598 -5.75 12.28 30.59
CA PHE D 598 -6.29 11.52 29.46
C PHE D 598 -6.21 12.32 28.17
N PHE D 599 -6.22 13.65 28.28
CA PHE D 599 -6.03 14.49 27.11
C PHE D 599 -4.60 14.43 26.60
N THR D 600 -3.65 14.05 27.47
CA THR D 600 -2.27 13.87 27.03
C THR D 600 -2.16 12.68 26.10
N LEU D 601 -2.75 11.55 26.50
CA LEU D 601 -2.65 10.29 25.76
C LEU D 601 -3.19 10.35 24.34
N ILE D 602 -4.33 11.00 24.14
CA ILE D 602 -5.02 10.87 22.87
C ILE D 602 -4.44 11.82 21.84
N ILE D 603 -3.87 12.94 22.29
CA ILE D 603 -3.27 13.88 21.35
C ILE D 603 -1.93 13.34 20.84
N ILE D 604 -1.10 12.84 21.74
CA ILE D 604 0.22 12.33 21.35
C ILE D 604 0.08 11.04 20.55
N SER D 605 -0.93 10.24 20.85
CA SER D 605 -1.19 9.07 20.03
C SER D 605 -1.81 9.45 18.69
N SER D 606 -2.42 10.64 18.61
CA SER D 606 -2.89 11.11 17.32
C SER D 606 -1.79 11.84 16.56
N TYR D 607 -0.79 12.34 17.28
CA TYR D 607 0.34 12.97 16.61
C TYR D 607 1.29 11.92 16.04
N THR D 608 1.51 10.84 16.78
CA THR D 608 2.41 9.78 16.32
C THR D 608 1.79 9.01 15.16
N ALA D 609 0.51 8.66 15.27
CA ALA D 609 -0.15 7.82 14.28
C ALA D 609 -0.34 8.56 12.96
N ASN D 610 -0.64 9.86 13.02
CA ASN D 610 -0.82 10.62 11.78
C ASN D 610 0.53 10.89 11.11
N LEU D 611 1.59 11.06 11.90
CA LEU D 611 2.90 11.30 11.31
C LEU D 611 3.44 10.02 10.68
N ALA D 612 3.02 8.87 11.19
CA ALA D 612 3.38 7.60 10.58
C ALA D 612 2.65 7.41 9.26
N ALA D 613 1.40 7.87 9.17
CA ALA D 613 0.70 7.86 7.90
C ALA D 613 1.21 8.96 6.98
N PHE D 614 1.77 10.02 7.56
CA PHE D 614 2.31 11.11 6.75
C PHE D 614 3.59 10.69 6.05
N LEU D 615 4.34 9.75 6.64
CA LEU D 615 5.60 9.32 6.06
C LEU D 615 5.48 8.04 5.25
N THR D 616 4.43 7.24 5.48
CA THR D 616 4.31 5.99 4.75
C THR D 616 3.83 6.20 3.32
N VAL D 617 2.66 6.80 3.15
CA VAL D 617 2.07 7.01 1.82
C VAL D 617 2.43 8.43 1.40
N GLU D 618 3.47 8.56 0.59
CA GLU D 618 3.83 9.85 0.01
C GLU D 618 2.86 10.19 -1.11
N ARG D 619 2.00 11.17 -0.87
CA ARG D 619 0.95 11.55 -1.81
C ARG D 619 1.07 13.04 -2.05
N MET D 620 1.85 13.40 -3.07
CA MET D 620 2.08 14.80 -3.41
C MET D 620 1.00 15.31 -4.34
N VAL D 621 0.79 16.63 -4.32
CA VAL D 621 -0.21 17.28 -5.15
C VAL D 621 0.46 18.39 -5.94
N SER D 622 -0.19 18.79 -7.03
CA SER D 622 0.29 19.88 -7.85
C SER D 622 -0.16 21.23 -7.27
N PRO D 623 0.66 22.29 -7.41
CA PRO D 623 0.24 23.63 -6.97
C PRO D 623 -1.00 24.14 -7.70
N ILE D 624 -0.93 24.22 -9.02
CA ILE D 624 -2.10 24.62 -9.82
C ILE D 624 -2.57 23.44 -10.64
N GLU D 625 -3.88 23.38 -10.91
CA GLU D 625 -4.43 22.25 -11.63
C GLU D 625 -5.45 22.68 -12.67
N SER D 626 -5.39 23.95 -13.07
CA SER D 626 -6.30 24.54 -14.06
C SER D 626 -5.77 25.91 -14.47
N ALA D 627 -6.37 26.52 -15.48
CA ALA D 627 -6.06 27.92 -15.74
C ALA D 627 -6.75 28.83 -14.74
N GLU D 628 -7.83 28.36 -14.13
CA GLU D 628 -8.57 29.11 -13.13
C GLU D 628 -7.73 29.34 -11.87
N ASP D 629 -7.12 28.26 -11.36
CA ASP D 629 -6.24 28.39 -10.20
C ASP D 629 -4.95 29.11 -10.56
N LEU D 630 -4.55 29.04 -11.83
CA LEU D 630 -3.36 29.76 -12.28
C LEU D 630 -3.68 31.21 -12.62
N SER D 631 -4.97 31.54 -12.74
CA SER D 631 -5.40 32.93 -12.94
C SER D 631 -5.31 33.73 -11.64
N LYS D 632 -5.79 33.16 -10.54
CA LYS D 632 -5.93 33.91 -9.30
C LYS D 632 -4.58 34.11 -8.61
N GLN D 633 -3.62 33.23 -8.89
CA GLN D 633 -2.30 33.35 -8.26
C GLN D 633 -1.42 34.37 -8.96
N THR D 634 -0.29 34.70 -8.34
CA THR D 634 0.70 35.59 -8.93
C THR D 634 2.09 35.00 -8.72
N GLU D 635 2.17 33.92 -7.94
CA GLU D 635 3.46 33.35 -7.57
C GLU D 635 4.13 32.67 -8.76
N ILE D 636 3.41 31.77 -9.43
CA ILE D 636 3.95 31.02 -10.55
C ILE D 636 3.75 31.84 -11.82
N ALA D 637 4.82 31.98 -12.61
CA ALA D 637 4.84 32.88 -13.76
C ALA D 637 4.25 32.21 -14.99
N TYR D 638 3.55 33.01 -15.79
CA TYR D 638 2.97 32.61 -17.07
C TYR D 638 4.08 32.44 -18.10
N GLY D 639 3.74 31.86 -19.24
CA GLY D 639 4.70 31.78 -20.33
C GLY D 639 4.09 31.25 -21.61
N THR D 640 4.39 31.96 -22.70
CA THR D 640 3.91 31.66 -24.05
C THR D 640 4.97 31.97 -25.09
N LEU D 641 4.85 31.36 -26.28
CA LEU D 641 5.72 31.63 -27.42
C LEU D 641 5.51 33.07 -27.91
N ASP D 642 6.52 33.65 -28.57
CA ASP D 642 6.52 35.08 -28.80
C ASP D 642 5.91 35.48 -30.15
N SER D 643 5.79 34.53 -31.08
CA SER D 643 5.14 34.80 -32.37
C SER D 643 4.50 33.51 -32.87
N GLY D 644 3.22 33.32 -32.56
CA GLY D 644 2.55 32.10 -32.96
C GLY D 644 1.06 32.19 -32.72
N SER D 645 0.40 31.04 -32.91
CA SER D 645 -1.05 30.99 -32.72
C SER D 645 -1.42 30.98 -31.25
N THR D 646 -0.48 30.60 -30.38
CA THR D 646 -0.77 30.55 -28.95
C THR D 646 -0.83 31.96 -28.35
N LYS D 647 0.13 32.82 -28.70
CA LYS D 647 0.12 34.20 -28.23
C LYS D 647 -1.05 34.97 -28.83
N GLU D 648 -1.37 34.71 -30.10
CA GLU D 648 -2.48 35.37 -30.77
C GLU D 648 -3.82 35.00 -30.14
N PHE D 649 -3.92 33.78 -29.60
CA PHE D 649 -5.14 33.31 -28.95
C PHE D 649 -5.53 34.12 -27.72
N PHE D 650 -4.56 34.45 -26.87
CA PHE D 650 -4.86 35.16 -25.64
C PHE D 650 -5.21 36.62 -25.90
N ARG D 651 -4.71 37.16 -27.02
CA ARG D 651 -4.93 38.56 -27.35
C ARG D 651 -6.39 38.84 -27.68
N ARG D 652 -6.92 38.13 -28.66
CA ARG D 652 -8.27 38.41 -29.15
C ARG D 652 -9.37 37.71 -28.36
N SER D 653 -9.02 36.93 -27.33
CA SER D 653 -10.03 36.22 -26.56
C SER D 653 -10.85 37.20 -25.70
N LYS D 654 -12.15 36.96 -25.62
CA LYS D 654 -13.04 37.89 -24.91
C LYS D 654 -14.01 37.14 -24.00
N ILE D 655 -13.51 36.17 -23.24
CA ILE D 655 -14.31 35.47 -22.25
C ILE D 655 -13.85 35.86 -20.84
N ALA D 656 -12.89 36.79 -20.76
CA ALA D 656 -12.46 37.57 -19.60
C ALA D 656 -11.68 36.76 -18.56
N VAL D 657 -11.54 35.46 -18.76
CA VAL D 657 -10.60 34.69 -17.94
C VAL D 657 -9.23 34.66 -18.61
N PHE D 658 -9.21 34.41 -19.92
CA PHE D 658 -7.97 34.46 -20.67
C PHE D 658 -7.53 35.91 -20.91
N ASP D 659 -8.47 36.85 -20.81
CA ASP D 659 -8.10 38.26 -20.90
C ASP D 659 -7.31 38.70 -19.66
N LYS D 660 -7.66 38.13 -18.50
CA LYS D 660 -6.85 38.33 -17.29
C LYS D 660 -5.46 37.74 -17.46
N MET D 661 -5.36 36.59 -18.13
CA MET D 661 -4.07 35.96 -18.35
C MET D 661 -3.24 36.75 -19.36
N TRP D 662 -3.89 37.54 -20.21
CA TRP D 662 -3.17 38.37 -21.17
C TRP D 662 -2.68 39.66 -20.53
N THR D 663 -3.41 40.16 -19.52
CA THR D 663 -3.01 41.39 -18.86
C THR D 663 -1.79 41.18 -17.97
N TYR D 664 -1.55 39.94 -17.53
CA TYR D 664 -0.30 39.63 -16.86
C TYR D 664 0.86 39.69 -17.86
N MET D 665 0.70 38.99 -18.99
CA MET D 665 1.80 38.89 -19.96
C MET D 665 2.01 40.18 -20.73
N ARG D 666 1.08 41.13 -20.62
CA ARG D 666 1.30 42.45 -21.19
C ARG D 666 2.42 43.20 -20.47
N SER D 667 2.40 43.23 -19.14
CA SER D 667 3.45 43.95 -18.43
C SER D 667 4.69 43.09 -18.34
N ALA D 668 4.62 42.03 -17.51
CA ALA D 668 5.49 40.85 -17.50
C ALA D 668 6.99 41.10 -17.69
N GLU D 669 7.67 41.79 -16.78
CA GLU D 669 9.04 42.21 -17.02
C GLU D 669 10.04 41.41 -16.19
N PRO D 670 9.95 40.05 -16.25
CA PRO D 670 11.24 39.39 -16.43
C PRO D 670 11.29 38.67 -17.77
N SER D 671 10.57 39.20 -18.77
CA SER D 671 10.50 38.67 -20.14
C SER D 671 10.01 37.22 -20.19
N VAL D 672 8.75 36.99 -19.85
CA VAL D 672 8.20 35.64 -19.74
C VAL D 672 8.09 34.96 -21.11
N PHE D 673 8.08 35.74 -22.20
CA PHE D 673 7.88 35.17 -23.54
C PHE D 673 9.07 34.37 -24.03
N VAL D 674 8.81 33.14 -24.46
CA VAL D 674 9.84 32.24 -24.94
C VAL D 674 10.03 32.37 -26.45
N ARG D 675 11.28 32.41 -26.88
CA ARG D 675 11.66 32.20 -28.27
C ARG D 675 12.07 30.74 -28.42
N THR D 676 11.56 30.05 -29.45
CA THR D 676 12.00 28.70 -29.85
C THR D 676 11.78 27.68 -28.73
N THR D 677 10.53 27.17 -28.66
CA THR D 677 9.90 26.43 -27.54
C THR D 677 10.82 25.58 -26.66
N ALA D 678 11.79 24.88 -27.25
CA ALA D 678 12.71 24.02 -26.50
C ALA D 678 13.53 24.80 -25.47
N GLU D 679 13.70 26.11 -25.67
CA GLU D 679 14.23 26.97 -24.61
C GLU D 679 13.26 27.03 -23.43
N GLY D 680 11.95 27.12 -23.71
CA GLY D 680 10.98 27.25 -22.64
C GLY D 680 10.75 25.94 -21.90
N VAL D 681 11.07 24.82 -22.54
CA VAL D 681 11.07 23.54 -21.85
C VAL D 681 12.11 23.53 -20.74
N ALA D 682 13.31 24.03 -21.06
CA ALA D 682 14.35 24.14 -20.04
C ALA D 682 14.06 25.25 -19.05
N ARG D 683 13.24 26.23 -19.42
CA ARG D 683 12.91 27.32 -18.51
C ARG D 683 11.98 26.83 -17.41
N VAL D 684 11.13 25.85 -17.71
CA VAL D 684 10.32 25.22 -16.67
C VAL D 684 11.18 24.34 -15.78
N ARG D 685 12.13 23.63 -16.38
CA ARG D 685 13.00 22.73 -15.64
C ARG D 685 13.91 23.47 -14.68
N LYS D 686 14.39 24.65 -15.08
CA LYS D 686 15.34 25.38 -14.25
C LYS D 686 14.64 26.21 -13.18
N SER D 687 13.55 26.90 -13.53
CA SER D 687 12.97 27.88 -12.61
C SER D 687 12.03 27.27 -11.57
N LYS D 688 12.49 26.21 -10.89
CA LYS D 688 12.01 25.64 -9.63
C LYS D 688 10.50 25.59 -9.42
N GLY D 689 9.75 25.29 -10.47
CA GLY D 689 8.29 25.29 -10.41
C GLY D 689 7.70 26.66 -10.12
N LYS D 690 8.36 27.70 -10.61
CA LYS D 690 7.86 29.06 -10.48
C LYS D 690 7.44 29.56 -11.85
N TYR D 691 7.70 28.76 -12.88
CA TYR D 691 7.42 29.10 -14.26
C TYR D 691 6.49 28.05 -14.88
N ALA D 692 5.48 28.51 -15.60
CA ALA D 692 4.49 27.64 -16.24
C ALA D 692 4.37 28.04 -17.70
N TYR D 693 4.81 27.17 -18.59
CA TYR D 693 4.75 27.44 -20.02
C TYR D 693 3.46 26.86 -20.59
N LEU D 694 2.98 27.45 -21.68
CA LEU D 694 1.68 27.09 -22.26
C LEU D 694 1.91 26.54 -23.67
N LEU D 695 1.75 25.24 -23.83
CA LEU D 695 2.00 24.52 -25.08
C LEU D 695 0.71 24.00 -25.69
N GLU D 696 0.85 23.49 -26.91
CA GLU D 696 -0.15 22.62 -27.50
C GLU D 696 -0.14 21.29 -26.75
N SER D 697 -1.29 20.63 -26.68
CA SER D 697 -1.39 19.44 -25.83
C SER D 697 -0.79 18.19 -26.49
N THR D 698 -0.18 18.33 -27.66
CA THR D 698 0.56 17.21 -28.21
C THR D 698 2.01 17.22 -27.73
N MET D 699 2.58 18.42 -27.56
CA MET D 699 3.94 18.51 -27.07
C MET D 699 4.01 18.28 -25.57
N ASN D 700 2.95 18.65 -24.84
CA ASN D 700 2.92 18.43 -23.40
C ASN D 700 2.83 16.95 -23.07
N GLU D 701 2.12 16.18 -23.89
CA GLU D 701 2.01 14.75 -23.62
C GLU D 701 3.25 13.99 -24.08
N TYR D 702 4.10 14.63 -24.89
CA TYR D 702 5.31 13.97 -25.35
C TYR D 702 6.51 14.29 -24.48
N ILE D 703 6.68 15.57 -24.13
CA ILE D 703 7.81 16.02 -23.33
C ILE D 703 7.69 15.48 -21.90
N GLU D 704 6.46 15.21 -21.47
CA GLU D 704 6.21 14.49 -20.22
C GLU D 704 6.78 13.07 -20.31
N GLN D 705 6.68 12.47 -21.49
CA GLN D 705 7.24 11.14 -21.71
C GLN D 705 8.65 11.24 -22.29
N ARG D 706 9.52 12.01 -21.64
CA ARG D 706 10.91 12.10 -22.07
C ARG D 706 11.88 12.02 -20.90
N LYS D 707 13.16 11.81 -21.19
CA LYS D 707 14.20 11.81 -20.19
C LYS D 707 14.98 13.11 -20.33
N PRO D 708 15.15 13.90 -19.25
CA PRO D 708 14.73 13.71 -17.85
C PRO D 708 13.23 13.92 -17.60
N CYS D 709 12.61 13.00 -16.86
CA CYS D 709 11.21 13.14 -16.48
C CYS D 709 11.10 14.31 -15.50
N ASP D 710 10.66 15.48 -15.99
CA ASP D 710 10.69 16.66 -15.15
C ASP D 710 9.44 17.53 -15.28
N THR D 711 8.60 17.34 -16.30
CA THR D 711 7.43 18.20 -16.48
C THR D 711 6.17 17.35 -16.66
N MET D 712 5.04 17.95 -16.31
CA MET D 712 3.73 17.30 -16.35
C MET D 712 2.68 18.33 -16.77
N LYS D 713 1.67 17.87 -17.51
CA LYS D 713 0.57 18.73 -17.92
C LYS D 713 -0.49 18.70 -16.83
N VAL D 714 -1.12 19.84 -16.58
CA VAL D 714 -2.18 19.95 -15.58
C VAL D 714 -3.38 20.65 -16.21
N GLY D 715 -4.58 20.15 -15.92
CA GLY D 715 -5.79 20.84 -16.30
C GLY D 715 -6.38 20.35 -17.61
N GLY D 716 -7.49 20.95 -18.00
CA GLY D 716 -8.12 20.64 -19.26
C GLY D 716 -7.60 21.53 -20.37
N ASN D 717 -7.83 21.12 -21.62
CA ASN D 717 -7.44 21.91 -22.78
C ASN D 717 -8.18 23.25 -22.79
N LEU D 718 -7.44 24.34 -22.99
CA LEU D 718 -8.04 25.67 -22.92
C LEU D 718 -8.92 25.92 -24.13
N ASP D 719 -8.45 25.55 -25.31
CA ASP D 719 -9.26 25.63 -26.52
C ASP D 719 -9.29 24.28 -27.22
N SER D 720 -9.84 24.22 -28.42
CA SER D 720 -9.80 22.99 -29.18
C SER D 720 -9.51 23.30 -30.63
N LYS D 721 -8.43 22.73 -31.13
CA LYS D 721 -8.07 22.79 -32.54
C LYS D 721 -7.68 21.39 -32.95
N GLY D 722 -7.56 21.18 -34.26
CA GLY D 722 -7.34 19.85 -34.76
C GLY D 722 -6.24 19.82 -35.82
N TYR D 723 -5.73 18.62 -36.04
CA TYR D 723 -4.78 18.36 -37.11
C TYR D 723 -5.55 17.99 -38.37
N GLY D 724 -4.82 17.71 -39.44
CA GLY D 724 -5.50 17.34 -40.67
C GLY D 724 -4.59 16.95 -41.81
N ILE D 725 -4.91 15.82 -42.45
CA ILE D 725 -4.23 15.40 -43.67
C ILE D 725 -4.74 16.30 -44.80
N ALA D 726 -3.90 17.24 -45.23
CA ALA D 726 -4.34 18.17 -46.26
C ALA D 726 -4.28 17.52 -47.64
N THR D 727 -4.91 18.17 -48.62
CA THR D 727 -4.95 17.83 -50.04
C THR D 727 -5.05 19.14 -50.80
N PRO D 728 -4.47 19.25 -52.01
CA PRO D 728 -4.63 20.47 -52.82
C PRO D 728 -6.08 20.81 -53.17
N LYS D 729 -6.29 22.05 -53.61
CA LYS D 729 -7.61 22.71 -53.73
C LYS D 729 -8.63 21.91 -54.54
N GLY D 730 -8.16 21.14 -55.52
CA GLY D 730 -9.00 20.17 -56.17
C GLY D 730 -8.18 18.97 -56.60
N SER D 731 -8.51 17.80 -56.06
CA SER D 731 -7.74 16.60 -56.36
C SER D 731 -8.62 15.37 -56.48
N SER D 732 -7.98 14.22 -56.74
CA SER D 732 -8.65 12.93 -56.70
C SER D 732 -8.50 12.22 -55.37
N LEU D 733 -7.60 12.69 -54.50
CA LEU D 733 -7.37 12.04 -53.23
C LEU D 733 -8.24 12.62 -52.11
N GLY D 734 -8.75 13.84 -52.30
CA GLY D 734 -9.49 14.60 -51.30
C GLY D 734 -10.64 13.90 -50.61
N THR D 735 -11.49 13.22 -51.39
CA THR D 735 -12.58 12.46 -50.79
C THR D 735 -12.18 11.08 -50.25
N PRO D 736 -11.38 10.21 -50.97
CA PRO D 736 -11.05 8.90 -50.38
C PRO D 736 -10.18 8.96 -49.14
N VAL D 737 -9.34 9.99 -49.01
CA VAL D 737 -8.58 10.18 -47.77
C VAL D 737 -9.52 10.59 -46.64
N ASN D 738 -10.51 11.42 -46.95
CA ASN D 738 -11.43 11.97 -45.94
C ASN D 738 -12.23 10.87 -45.27
N LEU D 739 -12.63 9.85 -46.02
CA LEU D 739 -13.31 8.72 -45.43
C LEU D 739 -12.33 7.73 -44.82
N ALA D 740 -11.04 7.83 -45.18
CA ALA D 740 -10.04 6.92 -44.63
C ALA D 740 -9.61 7.36 -43.25
N VAL D 741 -9.57 8.68 -43.01
CA VAL D 741 -9.19 9.22 -41.70
C VAL D 741 -10.25 8.86 -40.67
N LEU D 742 -11.51 8.84 -41.07
CA LEU D 742 -12.57 8.45 -40.15
C LEU D 742 -12.56 6.95 -39.90
N LYS D 743 -12.28 6.16 -40.95
CA LYS D 743 -12.37 4.71 -40.83
C LYS D 743 -11.25 4.15 -39.97
N LEU D 744 -10.08 4.82 -39.98
CA LEU D 744 -9.03 4.47 -39.03
C LEU D 744 -9.45 4.82 -37.60
N SER D 745 -10.13 5.94 -37.42
CA SER D 745 -10.52 6.39 -36.10
C SER D 745 -11.63 5.53 -35.51
N GLU D 746 -12.54 5.04 -36.36
CA GLU D 746 -13.62 4.18 -35.90
C GLU D 746 -13.09 2.82 -35.44
N GLN D 747 -12.10 2.29 -36.16
CA GLN D 747 -11.52 1.00 -35.82
C GLN D 747 -10.57 1.06 -34.64
N GLY D 748 -10.06 2.24 -34.30
CA GLY D 748 -9.13 2.40 -33.20
C GLY D 748 -7.68 2.46 -33.62
N VAL D 749 -7.40 2.63 -34.91
CA VAL D 749 -6.02 2.67 -35.38
C VAL D 749 -5.37 3.98 -34.93
N LEU D 750 -6.08 5.10 -35.06
CA LEU D 750 -5.52 6.39 -34.66
C LEU D 750 -5.39 6.50 -33.15
N ASP D 751 -6.18 5.74 -32.40
CA ASP D 751 -6.03 5.73 -30.95
C ASP D 751 -4.91 4.81 -30.53
N LYS D 752 -4.59 3.81 -31.36
CA LYS D 752 -3.48 2.91 -31.03
C LYS D 752 -2.14 3.52 -31.40
N LEU D 753 -2.09 4.23 -32.53
CA LEU D 753 -0.82 4.79 -32.98
C LEU D 753 -0.37 5.96 -32.11
N LYS D 754 -1.32 6.69 -31.53
CA LYS D 754 -0.98 7.67 -30.52
C LYS D 754 -0.47 7.00 -29.25
N ASN D 755 -1.10 5.88 -28.89
CA ASN D 755 -0.73 5.09 -27.71
C ASN D 755 0.67 4.52 -27.87
N LYS D 756 1.02 4.11 -29.09
CA LYS D 756 2.33 3.54 -29.37
C LYS D 756 3.45 4.58 -29.26
N TRP D 757 3.36 5.66 -30.01
CA TRP D 757 4.47 6.60 -30.08
C TRP D 757 4.59 7.50 -28.85
N TRP D 758 3.48 8.03 -28.35
CA TRP D 758 3.52 8.83 -27.13
C TRP D 758 3.75 7.97 -25.89
N TYR D 759 2.92 6.96 -25.67
CA TYR D 759 2.90 6.29 -24.36
C TYR D 759 3.70 4.99 -24.30
N ASP D 760 3.81 4.26 -25.40
CA ASP D 760 4.52 2.99 -25.36
C ASP D 760 6.00 3.17 -25.66
N LYS D 761 6.33 3.75 -26.81
CA LYS D 761 7.72 3.99 -27.17
C LYS D 761 8.26 5.23 -26.47
N GLY D 762 8.30 5.20 -25.13
CA GLY D 762 8.69 6.35 -24.36
C GLY D 762 9.17 6.02 -22.97
N GLU D 763 9.87 6.97 -22.34
CA GLU D 763 10.42 6.80 -21.00
C GLU D 763 9.37 7.07 -19.92
N CYS D 764 9.83 7.27 -18.69
CA CYS D 764 9.07 7.66 -17.51
C CYS D 764 8.07 6.61 -17.07
N GLY D 765 8.29 5.35 -17.45
CA GLY D 765 7.50 4.22 -17.01
C GLY D 765 6.01 4.27 -17.32
N ALA D 766 5.20 4.42 -16.28
CA ALA D 766 3.75 4.48 -16.43
C ALA D 766 3.16 5.62 -15.60
N GLU D 773 8.30 5.21 -1.57
CA GLU D 773 8.46 3.76 -1.52
C GLU D 773 9.95 3.48 -1.40
N LYS D 774 10.74 4.55 -1.35
CA LYS D 774 12.19 4.42 -1.20
C LYS D 774 12.66 4.48 0.24
N THR D 775 11.75 4.69 1.20
CA THR D 775 11.99 4.73 2.64
C THR D 775 13.05 5.74 3.02
N SER D 776 12.80 7.02 2.76
CA SER D 776 13.75 8.09 3.06
C SER D 776 13.74 8.33 4.56
N ALA D 777 14.92 8.28 5.18
CA ALA D 777 15.06 8.62 6.59
C ALA D 777 14.79 10.10 6.81
N LEU D 778 14.45 10.46 8.06
CA LEU D 778 14.23 11.87 8.39
C LEU D 778 15.52 12.66 8.30
N SER D 779 15.40 13.95 8.04
CA SER D 779 16.55 14.84 7.94
C SER D 779 16.46 15.84 9.08
N LEU D 780 17.54 16.58 9.30
CA LEU D 780 17.58 17.55 10.38
C LEU D 780 16.71 18.75 10.03
N SER D 781 16.42 18.93 8.74
CA SER D 781 15.50 19.97 8.30
C SER D 781 14.04 19.63 8.61
N ASN D 782 13.73 18.35 8.79
CA ASN D 782 12.38 17.94 9.14
C ASN D 782 12.07 18.35 10.58
N VAL D 783 12.81 17.81 11.54
CA VAL D 783 12.77 18.36 12.89
C VAL D 783 13.86 19.42 13.03
N ALA D 784 13.56 20.63 12.55
CA ALA D 784 14.49 21.74 12.64
C ALA D 784 14.07 22.79 13.66
N GLY D 785 12.80 23.17 13.67
CA GLY D 785 12.36 24.23 14.55
C GLY D 785 12.25 23.82 16.01
N VAL D 786 12.31 22.51 16.27
CA VAL D 786 12.29 22.04 17.65
C VAL D 786 13.58 22.41 18.35
N PHE D 787 14.69 22.42 17.61
CA PHE D 787 15.95 22.97 18.12
C PHE D 787 15.86 24.47 18.32
N TYR D 788 15.04 25.14 17.50
CA TYR D 788 14.92 26.59 17.59
C TYR D 788 14.07 26.97 18.79
N ILE D 789 13.03 26.18 19.06
CA ILE D 789 12.22 26.40 20.25
C ILE D 789 13.02 26.05 21.50
N LEU D 790 13.89 25.04 21.39
CA LEU D 790 14.71 24.62 22.52
C LEU D 790 15.72 25.71 22.92
N VAL D 791 16.52 26.16 21.96
CA VAL D 791 17.52 27.21 22.25
C VAL D 791 16.83 28.54 22.48
N GLY D 792 15.73 28.78 21.76
CA GLY D 792 14.91 29.96 22.04
C GLY D 792 14.24 29.89 23.40
N GLY D 793 14.08 28.69 23.95
CA GLY D 793 13.68 28.57 25.33
C GLY D 793 14.84 28.81 26.28
N LEU D 794 16.02 28.31 25.94
CA LEU D 794 17.19 28.47 26.81
C LEU D 794 17.68 29.91 26.81
N GLY D 795 17.56 30.60 25.69
CA GLY D 795 17.96 31.99 25.61
C GLY D 795 16.99 32.89 26.36
N LEU D 796 15.71 32.54 26.30
CA LEU D 796 14.69 33.26 27.06
C LEU D 796 14.81 33.02 28.55
N ALA D 797 15.43 31.91 28.96
CA ALA D 797 15.65 31.65 30.38
C ALA D 797 16.71 32.59 30.96
N MET D 798 17.78 32.83 30.20
CA MET D 798 18.89 33.64 30.71
C MET D 798 18.51 35.12 30.76
N LEU D 799 17.55 35.54 29.93
CA LEU D 799 17.09 36.92 29.96
C LEU D 799 16.31 37.20 31.23
N VAL D 800 15.36 36.33 31.57
CA VAL D 800 14.49 36.57 32.72
C VAL D 800 15.25 36.30 34.03
N ALA D 801 16.30 35.46 33.97
CA ALA D 801 17.20 35.32 35.09
C ALA D 801 17.97 36.62 35.34
N LEU D 802 18.42 37.27 34.26
CA LEU D 802 19.07 38.57 34.38
C LEU D 802 18.09 39.63 34.87
N ILE D 803 16.81 39.50 34.49
CA ILE D 803 15.76 40.31 35.09
C ILE D 803 15.58 39.96 36.57
N GLU D 804 15.68 38.67 36.91
CA GLU D 804 15.48 38.20 38.28
C GLU D 804 16.57 38.70 39.20
N PHE D 805 17.83 38.57 38.76
CA PHE D 805 18.99 39.02 39.52
C PHE D 805 18.98 40.53 39.77
N CYS D 806 18.33 41.28 38.88
CA CYS D 806 18.18 42.72 39.03
C CYS D 806 17.36 43.08 40.26
N TYR D 807 16.11 42.58 40.38
CA TYR D 807 15.29 43.00 41.49
C TYR D 807 15.53 42.16 42.74
N LYS D 808 16.30 41.07 42.63
CA LYS D 808 16.64 40.31 43.83
C LYS D 808 17.69 41.04 44.66
N SER D 809 18.77 41.50 44.01
CA SER D 809 19.81 42.24 44.73
C SER D 809 19.34 43.64 45.08
N ARG D 810 18.40 44.18 44.31
CA ARG D 810 17.89 45.53 44.60
C ARG D 810 16.98 45.52 45.83
N ALA D 811 16.16 44.49 45.97
CA ALA D 811 15.28 44.38 47.13
C ALA D 811 15.95 43.60 48.24
#